data_2KZC
#
_entry.id   2KZC
#
_entity_poly.entity_id   1
_entity_poly.type   'polypeptide(L)'
_entity_poly.pdbx_seq_one_letter_code
;GMQFKAEARRNKLMGLWVAEVLGKSGDEANAYAAEVVKADFEEAGHEDVMRKVLGDLDGKRPEAEVRAKYEGLMAVAKAQ
LMDEL
;
_entity_poly.pdbx_strand_id   A
#
# COMPACT_ATOMS: atom_id res chain seq x y z
N GLY A 1 -12.91 3.45 16.41
CA GLY A 1 -13.02 2.74 15.13
C GLY A 1 -11.68 2.15 14.74
N MET A 2 -11.67 1.08 13.92
CA MET A 2 -10.43 0.44 13.47
C MET A 2 -10.02 0.90 12.08
N GLN A 3 -10.87 1.66 11.37
CA GLN A 3 -10.74 2.02 9.96
C GLN A 3 -9.34 2.48 9.59
N PHE A 4 -8.79 3.32 10.44
CA PHE A 4 -7.76 4.32 10.24
C PHE A 4 -6.43 3.70 10.58
N LYS A 5 -6.36 3.05 11.75
CA LYS A 5 -5.27 2.16 12.11
C LYS A 5 -5.09 1.11 11.02
N ALA A 6 -6.18 0.44 10.63
CA ALA A 6 -6.19 -0.55 9.57
C ALA A 6 -5.85 0.08 8.22
N GLU A 7 -6.31 1.28 7.91
CA GLU A 7 -5.98 1.98 6.66
C GLU A 7 -4.47 2.18 6.60
N ALA A 8 -3.91 2.94 7.54
CA ALA A 8 -2.49 3.25 7.59
C ALA A 8 -1.63 2.00 7.42
N ARG A 9 -2.01 0.89 8.08
CA ARG A 9 -1.29 -0.37 7.99
C ARG A 9 -1.44 -1.00 6.59
N ARG A 10 -2.65 -1.10 6.03
CA ARG A 10 -2.93 -1.62 4.68
C ARG A 10 -2.11 -0.83 3.66
N ASN A 11 -2.20 0.49 3.73
CA ASN A 11 -1.61 1.42 2.77
C ASN A 11 -0.08 1.26 2.83
N LYS A 12 0.50 1.31 4.03
CA LYS A 12 1.93 1.10 4.29
C LYS A 12 2.41 -0.24 3.74
N LEU A 13 1.73 -1.34 4.12
CA LEU A 13 2.10 -2.69 3.73
C LEU A 13 2.15 -2.81 2.21
N MET A 14 1.18 -2.24 1.49
CA MET A 14 1.18 -2.34 0.04
C MET A 14 2.42 -1.62 -0.51
N GLY A 15 2.74 -0.45 0.04
CA GLY A 15 3.96 0.27 -0.29
C GLY A 15 5.19 -0.63 -0.24
N LEU A 16 5.38 -1.43 0.82
CA LEU A 16 6.53 -2.33 0.91
C LEU A 16 6.54 -3.40 -0.17
N TRP A 17 5.38 -3.96 -0.54
CA TRP A 17 5.32 -4.90 -1.66
C TRP A 17 5.68 -4.18 -2.97
N VAL A 18 5.03 -3.05 -3.26
CA VAL A 18 5.29 -2.30 -4.50
C VAL A 18 6.77 -1.91 -4.57
N ALA A 19 7.39 -1.51 -3.47
CA ALA A 19 8.80 -1.21 -3.38
C ALA A 19 9.67 -2.41 -3.77
N GLU A 20 9.36 -3.61 -3.27
CA GLU A 20 10.09 -4.82 -3.63
C GLU A 20 9.93 -5.11 -5.13
N VAL A 21 8.73 -4.90 -5.68
CA VAL A 21 8.48 -5.02 -7.11
C VAL A 21 9.27 -3.97 -7.91
N LEU A 22 9.49 -2.76 -7.38
CA LEU A 22 10.33 -1.75 -8.04
C LEU A 22 11.79 -2.21 -8.06
N GLY A 23 12.25 -2.95 -7.05
CA GLY A 23 13.65 -3.23 -6.82
C GLY A 23 14.26 -2.25 -5.82
N LYS A 24 13.44 -1.53 -5.06
CA LYS A 24 13.89 -0.83 -3.87
C LYS A 24 14.36 -1.84 -2.84
N SER A 25 15.10 -1.38 -1.84
CA SER A 25 15.44 -2.18 -0.69
C SER A 25 15.65 -1.27 0.51
N GLY A 26 15.85 -1.85 1.70
CA GLY A 26 16.19 -1.12 2.91
C GLY A 26 15.23 0.03 3.16
N ASP A 27 15.78 1.22 3.34
CA ASP A 27 15.04 2.42 3.71
C ASP A 27 14.31 3.02 2.53
N GLU A 28 14.73 2.79 1.26
CA GLU A 28 13.99 3.26 0.10
C GLU A 28 12.57 2.72 0.13
N ALA A 29 12.42 1.48 0.58
CA ALA A 29 11.14 0.79 0.72
C ALA A 29 10.31 1.41 1.83
N ASN A 30 10.95 1.80 2.94
CA ASN A 30 10.28 2.36 4.11
C ASN A 30 9.79 3.77 3.79
N ALA A 31 10.59 4.54 3.06
CA ALA A 31 10.20 5.85 2.56
C ALA A 31 9.03 5.72 1.59
N TYR A 32 9.09 4.74 0.68
CA TYR A 32 8.01 4.49 -0.25
C TYR A 32 6.73 4.06 0.48
N ALA A 33 6.88 3.28 1.56
CA ALA A 33 5.78 2.87 2.42
C ALA A 33 5.19 4.02 3.24
N ALA A 34 5.73 5.25 3.16
CA ALA A 34 5.03 6.45 3.58
C ALA A 34 4.25 7.05 2.40
N GLU A 35 4.83 7.06 1.19
CA GLU A 35 4.20 7.67 0.02
C GLU A 35 2.82 7.10 -0.26
N VAL A 36 2.66 5.77 -0.24
CA VAL A 36 1.38 5.15 -0.53
C VAL A 36 0.33 5.50 0.54
N VAL A 37 0.75 5.87 1.76
CA VAL A 37 -0.12 6.29 2.84
C VAL A 37 -0.53 7.77 2.69
N LYS A 38 0.10 8.48 1.76
CA LYS A 38 0.03 9.92 1.60
C LYS A 38 -0.68 10.28 0.28
N ALA A 39 -1.65 9.47 -0.13
CA ALA A 39 -2.37 9.60 -1.41
C ALA A 39 -3.88 9.29 -1.31
N ASP A 40 -4.46 9.39 -0.11
CA ASP A 40 -5.80 8.86 0.20
C ASP A 40 -6.78 9.93 0.72
N PHE A 41 -6.40 11.20 0.63
CA PHE A 41 -7.16 12.34 1.13
C PHE A 41 -7.92 13.04 0.01
N GLU A 42 -7.30 13.12 -1.17
CA GLU A 42 -7.83 13.84 -2.30
C GLU A 42 -9.08 13.16 -2.88
N GLU A 43 -9.14 11.83 -2.83
CA GLU A 43 -10.26 11.01 -3.29
C GLU A 43 -10.35 9.81 -2.36
N ALA A 44 -11.57 9.47 -1.95
CA ALA A 44 -11.89 8.33 -1.10
C ALA A 44 -11.67 7.00 -1.84
N GLY A 45 -11.87 5.89 -1.12
CA GLY A 45 -12.00 4.56 -1.69
C GLY A 45 -10.64 4.05 -2.16
N HIS A 46 -10.41 3.97 -3.47
CA HIS A 46 -9.12 3.63 -4.05
C HIS A 46 -9.04 4.15 -5.50
N GLU A 47 -8.86 5.46 -5.67
CA GLU A 47 -8.84 6.09 -6.99
C GLU A 47 -7.44 6.66 -7.18
N ASP A 48 -7.16 7.83 -6.59
CA ASP A 48 -5.90 8.55 -6.75
C ASP A 48 -4.69 7.79 -6.17
N VAL A 49 -4.93 6.82 -5.27
CA VAL A 49 -3.92 5.86 -4.81
C VAL A 49 -3.44 5.01 -5.97
N MET A 50 -4.37 4.40 -6.73
CA MET A 50 -4.02 3.37 -7.68
C MET A 50 -3.18 3.98 -8.78
N ARG A 51 -3.63 5.07 -9.40
CA ARG A 51 -2.83 5.82 -10.35
C ARG A 51 -1.45 6.21 -9.82
N LYS A 52 -1.30 6.53 -8.53
CA LYS A 52 0.00 6.81 -7.94
C LYS A 52 0.89 5.58 -8.03
N VAL A 53 0.48 4.42 -7.48
CA VAL A 53 1.33 3.24 -7.46
C VAL A 53 1.56 2.70 -8.86
N LEU A 54 0.57 2.79 -9.74
CA LEU A 54 0.62 2.23 -11.09
C LEU A 54 1.59 3.06 -11.93
N GLY A 55 1.47 4.39 -11.91
CA GLY A 55 2.38 5.29 -12.59
C GLY A 55 3.79 5.15 -12.04
N ASP A 56 3.92 5.02 -10.71
CA ASP A 56 5.23 4.82 -10.10
C ASP A 56 5.83 3.48 -10.57
N LEU A 57 5.03 2.41 -10.70
CA LEU A 57 5.51 1.11 -11.18
C LEU A 57 5.91 1.14 -12.65
N ASP A 58 5.41 2.10 -13.45
CA ASP A 58 5.89 2.34 -14.81
C ASP A 58 5.62 1.16 -15.76
N GLY A 59 4.66 0.31 -15.41
CA GLY A 59 4.32 -0.90 -16.15
C GLY A 59 5.03 -2.15 -15.64
N LYS A 60 5.70 -2.11 -14.49
CA LYS A 60 6.46 -3.25 -13.96
C LYS A 60 5.58 -4.44 -13.60
N ARG A 61 4.30 -4.25 -13.25
CA ARG A 61 3.36 -5.35 -13.03
C ARG A 61 2.00 -5.03 -13.63
N PRO A 62 1.22 -6.05 -13.99
CA PRO A 62 -0.14 -5.86 -14.44
C PRO A 62 -0.98 -5.30 -13.31
N GLU A 63 -1.95 -4.45 -13.67
CA GLU A 63 -2.88 -3.88 -12.71
C GLU A 63 -3.62 -4.98 -11.96
N ALA A 64 -4.00 -6.08 -12.62
CA ALA A 64 -4.73 -7.18 -12.00
C ALA A 64 -3.97 -7.77 -10.81
N GLU A 65 -2.64 -7.92 -10.89
CA GLU A 65 -1.84 -8.33 -9.76
C GLU A 65 -1.87 -7.24 -8.68
N VAL A 66 -1.59 -6.00 -9.08
CA VAL A 66 -1.45 -4.85 -8.18
C VAL A 66 -2.70 -4.60 -7.34
N ARG A 67 -3.87 -4.39 -7.98
CA ARG A 67 -5.08 -4.05 -7.23
C ARG A 67 -5.52 -5.21 -6.34
N ALA A 68 -5.34 -6.46 -6.79
CA ALA A 68 -5.65 -7.62 -5.97
C ALA A 68 -4.77 -7.62 -4.72
N LYS A 69 -3.49 -7.31 -4.86
CA LYS A 69 -2.56 -7.22 -3.74
C LYS A 69 -3.13 -6.27 -2.68
N TYR A 70 -3.50 -5.05 -3.09
CA TYR A 70 -4.02 -4.01 -2.21
C TYR A 70 -5.28 -4.49 -1.49
N GLU A 71 -6.26 -4.97 -2.25
CA GLU A 71 -7.55 -5.41 -1.75
C GLU A 71 -7.40 -6.53 -0.73
N GLY A 72 -6.55 -7.52 -1.03
CA GLY A 72 -6.30 -8.66 -0.16
C GLY A 72 -5.61 -8.24 1.14
N LEU A 73 -4.86 -7.14 1.12
CA LEU A 73 -4.03 -6.72 2.23
C LEU A 73 -4.83 -6.16 3.40
N MET A 74 -6.11 -5.79 3.21
CA MET A 74 -6.93 -5.30 4.31
C MET A 74 -7.03 -6.35 5.43
N ALA A 75 -7.16 -7.62 5.05
CA ALA A 75 -7.16 -8.72 6.00
C ALA A 75 -5.82 -8.79 6.74
N VAL A 76 -4.71 -8.80 6.00
CA VAL A 76 -3.36 -8.90 6.54
C VAL A 76 -3.12 -7.74 7.51
N ALA A 77 -3.45 -6.52 7.07
CA ALA A 77 -3.22 -5.29 7.80
C ALA A 77 -3.79 -5.41 9.21
N LYS A 78 -5.02 -5.90 9.29
CA LYS A 78 -5.77 -6.09 10.52
C LYS A 78 -5.31 -7.29 11.33
N ALA A 79 -4.70 -8.31 10.71
CA ALA A 79 -4.00 -9.33 11.45
C ALA A 79 -2.90 -8.64 12.24
N GLN A 80 -2.01 -7.91 11.55
CA GLN A 80 -0.83 -7.32 12.16
C GLN A 80 -1.16 -6.48 13.38
N LEU A 81 -2.22 -5.69 13.34
CA LEU A 81 -2.58 -4.76 14.42
C LEU A 81 -3.14 -5.45 15.67
N MET A 82 -3.62 -6.70 15.55
CA MET A 82 -4.04 -7.51 16.69
C MET A 82 -2.93 -8.46 17.14
N ASP A 83 -1.99 -8.74 16.24
CA ASP A 83 -0.80 -9.58 16.38
C ASP A 83 0.39 -8.78 16.92
N GLU A 84 0.40 -7.46 16.75
CA GLU A 84 1.44 -6.55 17.27
C GLU A 84 1.35 -6.31 18.79
N LEU A 85 0.22 -6.70 19.37
CA LEU A 85 -0.24 -6.37 20.70
C LEU A 85 0.61 -7.08 21.76
N GLY A 1 -10.29 4.64 15.35
CA GLY A 1 -10.59 3.23 15.63
C GLY A 1 -10.13 2.33 14.48
N MET A 2 -10.83 1.20 14.33
CA MET A 2 -10.64 0.15 13.34
C MET A 2 -10.44 0.76 11.96
N GLN A 3 -11.41 1.54 11.49
CA GLN A 3 -11.50 2.16 10.16
C GLN A 3 -10.41 3.19 9.85
N PHE A 4 -9.42 3.38 10.72
CA PHE A 4 -8.26 4.26 10.52
C PHE A 4 -6.98 3.47 10.76
N LYS A 5 -6.97 2.64 11.82
CA LYS A 5 -5.85 1.76 12.12
C LYS A 5 -5.65 0.81 10.94
N ALA A 6 -6.72 0.11 10.58
CA ALA A 6 -6.75 -0.83 9.47
C ALA A 6 -6.33 -0.09 8.20
N GLU A 7 -6.90 1.08 7.93
CA GLU A 7 -6.59 1.92 6.76
C GLU A 7 -5.07 2.13 6.67
N ALA A 8 -4.48 2.75 7.70
CA ALA A 8 -3.07 3.05 7.72
C ALA A 8 -2.23 1.81 7.45
N ARG A 9 -2.47 0.69 8.16
CA ARG A 9 -1.70 -0.53 7.91
C ARG A 9 -2.00 -1.11 6.53
N ARG A 10 -3.21 -0.99 5.98
CA ARG A 10 -3.56 -1.48 4.64
C ARG A 10 -2.71 -0.73 3.63
N ASN A 11 -2.76 0.60 3.66
CA ASN A 11 -2.00 1.41 2.72
C ASN A 11 -0.51 1.24 2.97
N LYS A 12 -0.05 1.13 4.24
CA LYS A 12 1.36 0.89 4.54
C LYS A 12 1.84 -0.42 3.92
N LEU A 13 1.15 -1.53 4.17
CA LEU A 13 1.56 -2.83 3.64
C LEU A 13 1.61 -2.86 2.11
N MET A 14 0.76 -2.13 1.38
CA MET A 14 0.85 -2.04 -0.08
C MET A 14 2.26 -1.64 -0.50
N GLY A 15 2.75 -0.49 -0.03
CA GLY A 15 4.06 0.03 -0.42
C GLY A 15 5.21 -0.95 -0.17
N LEU A 16 5.14 -1.82 0.84
CA LEU A 16 6.20 -2.80 1.08
C LEU A 16 6.30 -3.77 -0.10
N TRP A 17 5.18 -4.30 -0.60
CA TRP A 17 5.18 -5.17 -1.78
C TRP A 17 5.77 -4.40 -2.97
N VAL A 18 5.30 -3.17 -3.21
CA VAL A 18 5.70 -2.36 -4.35
C VAL A 18 7.19 -2.06 -4.30
N ALA A 19 7.73 -1.66 -3.15
CA ALA A 19 9.13 -1.31 -2.98
C ALA A 19 10.03 -2.45 -3.42
N GLU A 20 9.69 -3.68 -3.03
CA GLU A 20 10.36 -4.90 -3.45
C GLU A 20 10.28 -5.12 -4.97
N VAL A 21 9.12 -4.86 -5.59
CA VAL A 21 8.93 -4.90 -7.04
C VAL A 21 9.75 -3.81 -7.75
N LEU A 22 10.11 -2.73 -7.06
CA LEU A 22 10.97 -1.63 -7.52
C LEU A 22 12.45 -1.88 -7.16
N GLY A 23 12.75 -2.96 -6.45
CA GLY A 23 14.10 -3.24 -5.97
C GLY A 23 14.62 -2.18 -5.01
N LYS A 24 13.75 -1.41 -4.36
CA LYS A 24 14.12 -0.65 -3.16
C LYS A 24 14.40 -1.69 -2.08
N SER A 25 15.15 -1.33 -1.05
CA SER A 25 15.42 -2.24 0.06
C SER A 25 15.54 -1.45 1.35
N GLY A 26 15.57 -2.13 2.49
CA GLY A 26 15.95 -1.55 3.75
C GLY A 26 15.11 -0.33 4.11
N ASP A 27 15.77 0.75 4.50
CA ASP A 27 15.09 1.95 4.97
C ASP A 27 14.38 2.68 3.82
N GLU A 28 14.90 2.60 2.59
CA GLU A 28 14.27 3.03 1.34
C GLU A 28 12.92 2.36 1.18
N ALA A 29 12.91 1.03 1.28
CA ALA A 29 11.70 0.23 1.18
C ALA A 29 10.71 0.51 2.31
N ASN A 30 11.07 1.28 3.33
CA ASN A 30 10.17 1.71 4.40
C ASN A 30 9.81 3.19 4.25
N ALA A 31 10.67 3.97 3.60
CA ALA A 31 10.44 5.38 3.29
C ALA A 31 9.30 5.51 2.28
N TYR A 32 9.33 4.71 1.21
CA TYR A 32 8.35 4.71 0.13
C TYR A 32 6.93 4.49 0.67
N ALA A 33 6.80 3.62 1.68
CA ALA A 33 5.50 3.32 2.26
C ALA A 33 4.83 4.58 2.81
N ALA A 34 5.59 5.52 3.38
CA ALA A 34 4.99 6.71 3.96
C ALA A 34 4.30 7.56 2.88
N GLU A 35 4.85 7.58 1.67
CA GLU A 35 4.22 8.26 0.54
C GLU A 35 2.90 7.56 0.24
N VAL A 36 2.92 6.25 -0.03
CA VAL A 36 1.75 5.46 -0.41
C VAL A 36 0.62 5.52 0.65
N VAL A 37 0.95 5.74 1.92
CA VAL A 37 -0.01 5.84 3.03
C VAL A 37 -0.82 7.13 2.94
N LYS A 38 -0.23 8.18 2.40
CA LYS A 38 -0.92 9.40 2.01
C LYS A 38 -1.55 9.11 0.66
N ALA A 39 -2.87 8.91 0.61
CA ALA A 39 -3.68 8.94 -0.63
C ALA A 39 -5.13 8.55 -0.34
N ASP A 40 -5.32 7.66 0.63
CA ASP A 40 -6.61 7.19 1.16
C ASP A 40 -7.50 8.32 1.67
N PHE A 41 -6.94 9.50 1.90
CA PHE A 41 -7.62 10.70 2.34
C PHE A 41 -7.41 11.90 1.42
N GLU A 42 -6.76 11.72 0.26
CA GLU A 42 -6.44 12.82 -0.65
C GLU A 42 -7.65 13.08 -1.55
N GLU A 43 -8.04 12.10 -2.38
CA GLU A 43 -9.12 12.22 -3.34
C GLU A 43 -9.76 10.83 -3.51
N ALA A 44 -11.08 10.79 -3.66
CA ALA A 44 -11.90 9.68 -4.13
C ALA A 44 -11.79 8.38 -3.28
N GLY A 45 -12.48 7.33 -3.73
CA GLY A 45 -12.50 6.01 -3.10
C GLY A 45 -11.32 5.20 -3.62
N HIS A 46 -10.19 5.26 -2.89
CA HIS A 46 -8.91 4.63 -3.19
C HIS A 46 -8.45 4.78 -4.65
N GLU A 47 -8.92 5.78 -5.39
CA GLU A 47 -8.57 5.95 -6.80
C GLU A 47 -7.16 6.54 -6.88
N ASP A 48 -6.92 7.61 -6.12
CA ASP A 48 -5.62 8.28 -6.04
C ASP A 48 -4.55 7.30 -5.58
N VAL A 49 -4.89 6.42 -4.63
CA VAL A 49 -4.01 5.36 -4.17
C VAL A 49 -3.58 4.48 -5.34
N MET A 50 -4.53 4.00 -6.14
CA MET A 50 -4.22 3.12 -7.26
C MET A 50 -3.40 3.87 -8.28
N ARG A 51 -3.79 5.08 -8.69
CA ARG A 51 -3.05 5.85 -9.66
C ARG A 51 -1.62 6.08 -9.15
N LYS A 52 -1.43 6.47 -7.89
CA LYS A 52 -0.10 6.72 -7.34
C LYS A 52 0.81 5.52 -7.58
N VAL A 53 0.40 4.36 -7.05
CA VAL A 53 1.26 3.19 -7.01
C VAL A 53 1.41 2.59 -8.41
N LEU A 54 0.43 2.76 -9.29
CA LEU A 54 0.46 2.28 -10.66
C LEU A 54 1.39 3.15 -11.50
N GLY A 55 1.28 4.47 -11.38
CA GLY A 55 2.16 5.40 -12.07
C GLY A 55 3.60 5.19 -11.63
N ASP A 56 3.83 5.08 -10.31
CA ASP A 56 5.17 4.80 -9.76
C ASP A 56 5.65 3.38 -10.13
N LEU A 57 4.82 2.48 -10.69
CA LEU A 57 5.31 1.21 -11.24
C LEU A 57 5.83 1.38 -12.67
N ASP A 58 5.41 2.40 -13.43
CA ASP A 58 5.86 2.63 -14.81
C ASP A 58 5.62 1.40 -15.73
N GLY A 59 4.63 0.57 -15.39
CA GLY A 59 4.35 -0.68 -16.08
C GLY A 59 5.27 -1.83 -15.65
N LYS A 60 5.68 -1.87 -14.37
CA LYS A 60 6.51 -2.95 -13.84
C LYS A 60 5.75 -4.25 -13.51
N ARG A 61 4.45 -4.21 -13.21
CA ARG A 61 3.61 -5.37 -12.85
C ARG A 61 2.15 -5.06 -13.19
N PRO A 62 1.35 -6.07 -13.61
CA PRO A 62 0.01 -5.87 -14.14
C PRO A 62 -0.94 -5.31 -13.10
N GLU A 63 -1.92 -4.51 -13.55
CA GLU A 63 -2.94 -3.96 -12.69
C GLU A 63 -3.63 -5.07 -11.88
N ALA A 64 -3.96 -6.21 -12.50
CA ALA A 64 -4.69 -7.24 -11.77
C ALA A 64 -3.91 -7.75 -10.55
N GLU A 65 -2.58 -7.90 -10.67
CA GLU A 65 -1.75 -8.32 -9.55
C GLU A 65 -1.76 -7.26 -8.45
N VAL A 66 -1.71 -5.98 -8.84
CA VAL A 66 -1.74 -4.82 -7.96
C VAL A 66 -3.08 -4.77 -7.21
N ARG A 67 -4.23 -4.84 -7.90
CA ARG A 67 -5.53 -4.78 -7.23
C ARG A 67 -5.66 -5.96 -6.28
N ALA A 68 -5.29 -7.17 -6.72
CA ALA A 68 -5.35 -8.39 -5.91
C ALA A 68 -4.61 -8.20 -4.60
N LYS A 69 -3.35 -7.72 -4.66
CA LYS A 69 -2.57 -7.31 -3.52
C LYS A 69 -3.39 -6.47 -2.55
N TYR A 70 -3.88 -5.33 -3.04
CA TYR A 70 -4.45 -4.29 -2.21
C TYR A 70 -5.75 -4.73 -1.58
N GLU A 71 -6.66 -5.29 -2.38
CA GLU A 71 -7.95 -5.81 -1.95
C GLU A 71 -7.73 -6.91 -0.92
N GLY A 72 -6.86 -7.89 -1.21
CA GLY A 72 -6.59 -9.00 -0.30
C GLY A 72 -5.94 -8.55 1.00
N LEU A 73 -5.36 -7.36 1.03
CA LEU A 73 -4.60 -6.87 2.17
C LEU A 73 -5.45 -6.40 3.32
N MET A 74 -6.76 -6.22 3.19
CA MET A 74 -7.55 -5.70 4.31
C MET A 74 -7.45 -6.64 5.51
N ALA A 75 -7.58 -7.95 5.28
CA ALA A 75 -7.51 -8.93 6.36
C ALA A 75 -6.06 -9.16 6.82
N VAL A 76 -5.06 -8.83 5.99
CA VAL A 76 -3.64 -8.89 6.37
C VAL A 76 -3.36 -7.71 7.29
N ALA A 77 -3.71 -6.51 6.85
CA ALA A 77 -3.48 -5.26 7.52
C ALA A 77 -3.91 -5.36 8.97
N LYS A 78 -5.15 -5.79 9.20
CA LYS A 78 -5.68 -5.95 10.54
C LYS A 78 -4.86 -6.91 11.38
N ALA A 79 -4.53 -8.10 10.86
CA ALA A 79 -3.71 -9.06 11.60
C ALA A 79 -2.35 -8.45 11.95
N GLN A 80 -1.72 -7.77 10.98
CA GLN A 80 -0.41 -7.18 11.19
C GLN A 80 -0.47 -6.03 12.20
N LEU A 81 -1.53 -5.22 12.18
CA LEU A 81 -1.71 -4.07 13.09
C LEU A 81 -1.92 -4.56 14.51
N MET A 82 -2.73 -5.60 14.70
CA MET A 82 -2.95 -6.21 16.01
C MET A 82 -1.61 -6.69 16.56
N ASP A 83 -0.80 -7.33 15.71
CA ASP A 83 0.48 -7.91 16.10
C ASP A 83 1.63 -6.87 16.11
N GLU A 84 1.38 -5.63 15.66
CA GLU A 84 2.24 -4.46 15.84
C GLU A 84 1.81 -3.60 17.04
N LEU A 85 0.85 -4.05 17.84
CA LEU A 85 0.53 -3.49 19.14
C LEU A 85 1.13 -4.44 20.16
N GLY A 1 -15.67 1.62 13.34
CA GLY A 1 -15.01 0.48 13.99
C GLY A 1 -13.70 0.16 13.31
N MET A 2 -12.55 0.39 13.96
CA MET A 2 -11.18 -0.03 13.55
C MET A 2 -10.65 0.55 12.23
N GLN A 3 -11.48 1.20 11.42
CA GLN A 3 -11.24 1.64 10.04
C GLN A 3 -10.14 2.71 9.89
N PHE A 4 -9.40 3.02 10.95
CA PHE A 4 -8.33 4.02 11.07
C PHE A 4 -7.01 3.33 11.31
N LYS A 5 -6.94 2.51 12.37
CA LYS A 5 -5.80 1.64 12.61
C LYS A 5 -5.47 0.86 11.33
N ALA A 6 -6.49 0.22 10.75
CA ALA A 6 -6.39 -0.54 9.52
C ALA A 6 -6.02 0.32 8.32
N GLU A 7 -6.34 1.61 8.31
CA GLU A 7 -6.32 2.48 7.14
C GLU A 7 -4.85 2.58 6.68
N ALA A 8 -4.00 3.05 7.60
CA ALA A 8 -2.65 3.45 7.26
C ALA A 8 -1.76 2.21 7.21
N ARG A 9 -2.14 1.15 7.93
CA ARG A 9 -1.44 -0.13 7.85
C ARG A 9 -1.70 -0.77 6.50
N ARG A 10 -2.94 -0.73 5.99
CA ARG A 10 -3.27 -1.19 4.64
C ARG A 10 -2.39 -0.44 3.65
N ASN A 11 -2.47 0.89 3.63
CA ASN A 11 -1.77 1.70 2.65
C ASN A 11 -0.25 1.49 2.74
N LYS A 12 0.33 1.47 3.96
CA LYS A 12 1.77 1.24 4.13
C LYS A 12 2.17 -0.13 3.60
N LEU A 13 1.43 -1.19 3.94
CA LEU A 13 1.74 -2.54 3.48
C LEU A 13 1.80 -2.61 1.96
N MET A 14 0.89 -1.93 1.25
CA MET A 14 0.94 -1.88 -0.20
C MET A 14 2.29 -1.31 -0.65
N GLY A 15 2.67 -0.17 -0.07
CA GLY A 15 3.95 0.46 -0.37
C GLY A 15 5.15 -0.45 -0.13
N LEU A 16 5.18 -1.25 0.94
CA LEU A 16 6.26 -2.22 1.16
C LEU A 16 6.30 -3.25 0.02
N TRP A 17 5.15 -3.80 -0.38
CA TRP A 17 5.09 -4.76 -1.49
C TRP A 17 5.69 -4.12 -2.74
N VAL A 18 5.19 -2.95 -3.14
CA VAL A 18 5.60 -2.22 -4.33
C VAL A 18 7.11 -1.95 -4.28
N ALA A 19 7.63 -1.46 -3.15
CA ALA A 19 9.04 -1.11 -3.01
C ALA A 19 9.94 -2.29 -3.38
N GLU A 20 9.59 -3.47 -2.90
CA GLU A 20 10.30 -4.71 -3.18
C GLU A 20 10.18 -5.11 -4.66
N VAL A 21 9.01 -4.92 -5.28
CA VAL A 21 8.85 -5.11 -6.73
C VAL A 21 9.76 -4.12 -7.50
N LEU A 22 10.02 -2.91 -6.96
CA LEU A 22 10.97 -1.92 -7.48
C LEU A 22 12.42 -2.23 -7.06
N GLY A 23 12.68 -3.32 -6.34
CA GLY A 23 14.01 -3.69 -5.87
C GLY A 23 14.56 -2.76 -4.79
N LYS A 24 13.77 -1.78 -4.32
CA LYS A 24 14.18 -0.90 -3.23
C LYS A 24 14.44 -1.75 -1.99
N SER A 25 15.16 -1.19 -1.04
CA SER A 25 15.64 -1.91 0.13
C SER A 25 15.60 -0.99 1.34
N GLY A 26 16.07 -1.49 2.49
CA GLY A 26 16.42 -0.69 3.64
C GLY A 26 15.33 0.29 4.06
N ASP A 27 15.73 1.54 4.23
CA ASP A 27 14.84 2.63 4.61
C ASP A 27 14.17 3.23 3.40
N GLU A 28 14.78 3.17 2.23
CA GLU A 28 14.22 3.57 0.95
C GLU A 28 12.84 2.94 0.75
N ALA A 29 12.67 1.65 1.07
CA ALA A 29 11.39 0.95 0.99
C ALA A 29 10.38 1.48 2.02
N ASN A 30 10.85 1.87 3.21
CA ASN A 30 10.02 2.32 4.32
C ASN A 30 9.53 3.74 4.02
N ALA A 31 10.43 4.58 3.50
CA ALA A 31 10.16 5.90 2.98
C ALA A 31 9.12 5.81 1.87
N TYR A 32 9.36 4.99 0.84
CA TYR A 32 8.43 4.86 -0.28
C TYR A 32 7.04 4.48 0.23
N ALA A 33 6.98 3.56 1.20
CA ALA A 33 5.71 3.13 1.77
C ALA A 33 4.97 4.25 2.49
N ALA A 34 5.66 5.23 3.07
CA ALA A 34 5.01 6.40 3.64
C ALA A 34 4.46 7.30 2.53
N GLU A 35 5.14 7.44 1.40
CA GLU A 35 4.65 8.27 0.29
C GLU A 35 3.35 7.70 -0.31
N VAL A 36 3.22 6.37 -0.33
CA VAL A 36 2.00 5.70 -0.73
C VAL A 36 0.86 6.04 0.24
N VAL A 37 1.12 5.99 1.56
CA VAL A 37 0.14 6.37 2.59
C VAL A 37 -0.27 7.83 2.37
N LYS A 38 0.68 8.74 2.18
CA LYS A 38 0.42 10.17 2.19
C LYS A 38 -0.46 10.67 1.05
N ALA A 39 -0.76 9.85 0.04
CA ALA A 39 -1.45 10.32 -1.15
C ALA A 39 -2.96 10.08 -1.14
N ASP A 40 -3.51 9.42 -0.12
CA ASP A 40 -4.95 9.29 0.08
C ASP A 40 -5.55 10.65 0.53
N PHE A 41 -6.67 10.69 1.26
CA PHE A 41 -7.31 11.88 1.82
C PHE A 41 -8.06 12.73 0.79
N GLU A 42 -7.75 12.59 -0.50
CA GLU A 42 -8.32 13.34 -1.61
C GLU A 42 -9.41 12.51 -2.25
N GLU A 43 -9.07 11.36 -2.84
CA GLU A 43 -10.03 10.37 -3.30
C GLU A 43 -10.83 9.77 -2.14
N ALA A 44 -11.97 9.18 -2.48
CA ALA A 44 -12.81 8.39 -1.60
C ALA A 44 -12.96 7.00 -2.23
N GLY A 45 -11.95 6.14 -2.02
CA GLY A 45 -11.97 4.73 -2.42
C GLY A 45 -10.91 4.44 -3.48
N HIS A 46 -9.65 4.31 -3.05
CA HIS A 46 -8.45 3.90 -3.78
C HIS A 46 -8.18 4.56 -5.14
N GLU A 47 -8.93 5.60 -5.50
CA GLU A 47 -9.11 6.05 -6.86
C GLU A 47 -7.80 6.52 -7.47
N ASP A 48 -7.03 7.36 -6.76
CA ASP A 48 -5.74 7.84 -7.22
C ASP A 48 -4.59 7.01 -6.66
N VAL A 49 -4.76 6.35 -5.50
CA VAL A 49 -3.78 5.46 -4.88
C VAL A 49 -3.33 4.43 -5.92
N MET A 50 -4.27 3.89 -6.71
CA MET A 50 -3.93 2.97 -7.79
C MET A 50 -3.03 3.67 -8.82
N ARG A 51 -3.37 4.85 -9.33
CA ARG A 51 -2.56 5.56 -10.30
C ARG A 51 -1.17 5.86 -9.75
N LYS A 52 -1.08 6.38 -8.52
CA LYS A 52 0.14 6.69 -7.81
C LYS A 52 1.09 5.50 -7.86
N VAL A 53 0.59 4.33 -7.48
CA VAL A 53 1.42 3.15 -7.31
C VAL A 53 1.69 2.43 -8.64
N LEU A 54 0.82 2.62 -9.64
CA LEU A 54 0.93 1.98 -10.96
C LEU A 54 1.95 2.72 -11.82
N GLY A 55 1.88 4.05 -11.87
CA GLY A 55 2.88 4.85 -12.58
C GLY A 55 4.28 4.63 -11.98
N ASP A 56 4.35 4.35 -10.67
CA ASP A 56 5.60 4.06 -9.98
C ASP A 56 6.14 2.69 -10.39
N LEU A 57 5.26 1.69 -10.54
CA LEU A 57 5.62 0.40 -11.14
C LEU A 57 6.06 0.55 -12.58
N ASP A 58 5.61 1.59 -13.28
CA ASP A 58 6.08 1.93 -14.62
C ASP A 58 5.71 0.86 -15.66
N GLY A 59 4.81 -0.07 -15.32
CA GLY A 59 4.47 -1.25 -16.11
C GLY A 59 5.08 -2.55 -15.60
N LYS A 60 5.69 -2.58 -14.40
CA LYS A 60 6.37 -3.74 -13.85
C LYS A 60 5.45 -4.93 -13.55
N ARG A 61 4.21 -4.70 -13.13
CA ARG A 61 3.27 -5.78 -12.80
C ARG A 61 1.87 -5.42 -13.29
N PRO A 62 1.06 -6.42 -13.66
CA PRO A 62 -0.26 -6.20 -14.23
C PRO A 62 -1.20 -5.58 -13.21
N GLU A 63 -2.04 -4.65 -13.66
CA GLU A 63 -2.99 -3.94 -12.81
C GLU A 63 -3.97 -4.90 -12.12
N ALA A 64 -4.24 -6.06 -12.72
CA ALA A 64 -4.99 -7.15 -12.10
C ALA A 64 -4.33 -7.60 -10.79
N GLU A 65 -3.04 -7.93 -10.83
CA GLU A 65 -2.27 -8.37 -9.67
C GLU A 65 -2.21 -7.24 -8.64
N VAL A 66 -1.88 -6.02 -9.08
CA VAL A 66 -1.70 -4.85 -8.22
C VAL A 66 -3.00 -4.56 -7.45
N ARG A 67 -4.14 -4.40 -8.14
CA ARG A 67 -5.36 -4.03 -7.45
C ARG A 67 -5.82 -5.15 -6.52
N ALA A 68 -5.68 -6.42 -6.92
CA ALA A 68 -6.01 -7.54 -6.04
C ALA A 68 -5.13 -7.56 -4.79
N LYS A 69 -3.85 -7.22 -4.93
CA LYS A 69 -2.91 -7.12 -3.81
C LYS A 69 -3.46 -6.14 -2.78
N TYR A 70 -3.78 -4.93 -3.21
CA TYR A 70 -4.28 -3.86 -2.35
C TYR A 70 -5.59 -4.28 -1.68
N GLU A 71 -6.55 -4.76 -2.47
CA GLU A 71 -7.87 -5.19 -2.00
C GLU A 71 -7.73 -6.27 -0.92
N GLY A 72 -6.87 -7.25 -1.16
CA GLY A 72 -6.61 -8.34 -0.24
C GLY A 72 -6.09 -7.83 1.10
N LEU A 73 -5.34 -6.73 1.06
CA LEU A 73 -4.58 -6.21 2.18
C LEU A 73 -5.44 -5.66 3.31
N MET A 74 -6.73 -5.41 3.12
CA MET A 74 -7.58 -4.93 4.21
C MET A 74 -7.54 -5.88 5.39
N ALA A 75 -7.70 -7.19 5.15
CA ALA A 75 -7.70 -8.15 6.25
C ALA A 75 -6.26 -8.42 6.74
N VAL A 76 -5.26 -8.34 5.86
CA VAL A 76 -3.86 -8.52 6.24
C VAL A 76 -3.45 -7.39 7.20
N ALA A 77 -3.83 -6.16 6.88
CA ALA A 77 -3.54 -4.98 7.67
C ALA A 77 -3.99 -5.22 9.11
N LYS A 78 -5.25 -5.67 9.26
CA LYS A 78 -5.88 -5.95 10.53
C LYS A 78 -5.26 -7.15 11.25
N ALA A 79 -4.82 -8.18 10.54
CA ALA A 79 -4.08 -9.28 11.15
C ALA A 79 -2.83 -8.71 11.79
N GLN A 80 -2.03 -7.95 11.03
CA GLN A 80 -0.73 -7.46 11.48
C GLN A 80 -0.83 -6.48 12.66
N LEU A 81 -1.94 -5.76 12.83
CA LEU A 81 -2.15 -4.84 13.95
C LEU A 81 -2.57 -5.57 15.22
N MET A 82 -3.12 -6.78 15.12
CA MET A 82 -3.38 -7.60 16.29
C MET A 82 -2.16 -8.45 16.60
N ASP A 83 -1.37 -8.79 15.60
CA ASP A 83 -0.15 -9.59 15.74
C ASP A 83 1.03 -8.75 16.21
N GLU A 84 1.01 -7.43 16.02
CA GLU A 84 2.08 -6.53 16.47
C GLU A 84 2.16 -6.42 18.00
N LEU A 85 1.09 -6.80 18.70
CA LEU A 85 1.01 -6.83 20.15
C LEU A 85 1.82 -8.03 20.61
N GLY A 1 -13.40 3.96 14.46
CA GLY A 1 -13.29 2.55 14.88
C GLY A 1 -12.80 1.68 13.74
N MET A 2 -11.63 1.05 13.91
CA MET A 2 -10.94 0.19 12.94
C MET A 2 -10.84 0.80 11.55
N GLN A 3 -10.70 2.12 11.45
CA GLN A 3 -10.88 2.83 10.19
C GLN A 3 -9.78 3.83 9.89
N PHE A 4 -8.88 4.09 10.84
CA PHE A 4 -7.70 4.94 10.68
C PHE A 4 -6.48 4.13 11.02
N LYS A 5 -6.50 3.51 12.21
CA LYS A 5 -5.43 2.64 12.64
C LYS A 5 -5.21 1.51 11.61
N ALA A 6 -6.34 0.93 11.17
CA ALA A 6 -6.41 -0.09 10.14
C ALA A 6 -5.94 0.44 8.78
N GLU A 7 -6.39 1.64 8.42
CA GLU A 7 -6.07 2.31 7.16
C GLU A 7 -4.56 2.42 7.00
N ALA A 8 -3.89 3.07 7.95
CA ALA A 8 -2.44 3.30 7.88
C ALA A 8 -1.67 2.00 7.68
N ARG A 9 -2.10 0.87 8.29
CA ARG A 9 -1.43 -0.42 8.10
C ARG A 9 -1.74 -1.02 6.73
N ARG A 10 -2.99 -0.93 6.25
CA ARG A 10 -3.39 -1.38 4.91
C ARG A 10 -2.48 -0.70 3.90
N ASN A 11 -2.38 0.61 4.00
CA ASN A 11 -1.61 1.43 3.08
C ASN A 11 -0.13 1.11 3.24
N LYS A 12 0.39 0.99 4.47
CA LYS A 12 1.79 0.64 4.72
C LYS A 12 2.18 -0.62 3.99
N LEU A 13 1.48 -1.74 4.25
CA LEU A 13 1.86 -3.04 3.72
C LEU A 13 2.03 -3.01 2.20
N MET A 14 1.16 -2.28 1.49
CA MET A 14 1.21 -2.21 0.05
C MET A 14 2.57 -1.67 -0.39
N GLY A 15 2.98 -0.50 0.09
CA GLY A 15 4.21 0.14 -0.36
C GLY A 15 5.46 -0.70 -0.15
N LEU A 16 5.50 -1.56 0.88
CA LEU A 16 6.63 -2.47 1.05
C LEU A 16 6.69 -3.46 -0.13
N TRP A 17 5.56 -4.00 -0.56
CA TRP A 17 5.49 -4.87 -1.75
C TRP A 17 5.90 -4.08 -3.00
N VAL A 18 5.31 -2.89 -3.22
CA VAL A 18 5.60 -2.08 -4.40
C VAL A 18 7.11 -1.82 -4.47
N ALA A 19 7.72 -1.40 -3.36
CA ALA A 19 9.15 -1.20 -3.23
C ALA A 19 9.93 -2.47 -3.57
N GLU A 20 9.56 -3.60 -3.00
CA GLU A 20 10.22 -4.88 -3.24
C GLU A 20 10.16 -5.27 -4.72
N VAL A 21 9.01 -5.06 -5.38
CA VAL A 21 8.84 -5.24 -6.81
C VAL A 21 9.73 -4.26 -7.59
N LEU A 22 9.83 -3.01 -7.15
CA LEU A 22 10.70 -2.00 -7.77
C LEU A 22 12.16 -2.43 -7.69
N GLY A 23 12.55 -3.25 -6.70
CA GLY A 23 13.95 -3.44 -6.37
C GLY A 23 14.45 -2.34 -5.44
N LYS A 24 13.54 -1.56 -4.84
CA LYS A 24 13.85 -0.86 -3.61
C LYS A 24 13.98 -1.90 -2.51
N SER A 25 14.69 -1.56 -1.46
CA SER A 25 15.04 -2.47 -0.38
C SER A 25 15.36 -1.64 0.86
N GLY A 26 15.71 -2.30 1.96
CA GLY A 26 16.30 -1.69 3.14
C GLY A 26 15.46 -0.52 3.64
N ASP A 27 16.02 0.68 3.54
CA ASP A 27 15.38 1.91 4.00
C ASP A 27 14.57 2.56 2.88
N GLU A 28 14.95 2.38 1.61
CA GLU A 28 14.24 2.91 0.46
C GLU A 28 12.79 2.40 0.45
N ALA A 29 12.58 1.12 0.78
CA ALA A 29 11.25 0.55 0.86
C ALA A 29 10.41 1.18 1.97
N ASN A 30 11.06 1.51 3.09
CA ASN A 30 10.39 2.00 4.29
C ASN A 30 10.08 3.48 4.14
N ALA A 31 10.96 4.23 3.47
CA ALA A 31 10.70 5.58 3.03
C ALA A 31 9.53 5.57 2.06
N TYR A 32 9.57 4.74 1.02
CA TYR A 32 8.54 4.71 -0.01
C TYR A 32 7.14 4.46 0.59
N ALA A 33 7.08 3.66 1.64
CA ALA A 33 5.85 3.35 2.35
C ALA A 33 5.20 4.57 3.06
N ALA A 34 5.81 5.77 3.05
CA ALA A 34 5.12 7.00 3.45
C ALA A 34 4.30 7.63 2.32
N GLU A 35 4.85 7.80 1.10
CA GLU A 35 4.12 8.27 -0.07
C GLU A 35 2.84 7.48 -0.32
N VAL A 36 2.92 6.15 -0.19
CA VAL A 36 1.82 5.26 -0.51
C VAL A 36 0.63 5.51 0.43
N VAL A 37 0.89 5.88 1.69
CA VAL A 37 -0.15 6.31 2.60
C VAL A 37 -0.78 7.61 2.05
N LYS A 38 0.06 8.59 1.69
CA LYS A 38 -0.26 9.96 1.37
C LYS A 38 -1.01 10.13 0.03
N ALA A 39 -2.24 9.65 -0.07
CA ALA A 39 -3.09 9.87 -1.25
C ALA A 39 -4.57 9.81 -0.88
N ASP A 40 -4.94 8.81 -0.10
CA ASP A 40 -6.29 8.54 0.38
C ASP A 40 -6.72 9.66 1.34
N PHE A 41 -7.43 10.67 0.84
CA PHE A 41 -7.83 11.85 1.60
C PHE A 41 -9.07 12.56 1.03
N GLU A 42 -9.18 12.60 -0.31
CA GLU A 42 -10.12 13.45 -1.03
C GLU A 42 -11.22 12.61 -1.69
N GLU A 43 -10.85 11.48 -2.28
CA GLU A 43 -11.75 10.37 -2.50
C GLU A 43 -11.80 9.53 -1.22
N ALA A 44 -12.94 8.87 -1.03
CA ALA A 44 -13.17 7.92 0.06
C ALA A 44 -13.27 6.52 -0.55
N GLY A 45 -12.27 6.11 -1.34
CA GLY A 45 -12.34 4.98 -2.24
C GLY A 45 -11.00 4.29 -2.33
N HIS A 46 -10.61 3.88 -3.54
CA HIS A 46 -9.30 3.36 -3.87
C HIS A 46 -9.11 3.35 -5.39
N GLU A 47 -8.95 4.54 -5.95
CA GLU A 47 -8.69 4.84 -7.35
C GLU A 47 -7.46 5.76 -7.39
N ASP A 48 -7.45 6.83 -6.60
CA ASP A 48 -6.35 7.81 -6.53
C ASP A 48 -5.05 7.12 -6.10
N VAL A 49 -5.14 6.27 -5.08
CA VAL A 49 -4.09 5.41 -4.56
C VAL A 49 -3.57 4.48 -5.67
N MET A 50 -4.42 4.07 -6.62
CA MET A 50 -4.03 3.18 -7.71
C MET A 50 -3.23 3.97 -8.74
N ARG A 51 -3.72 5.14 -9.15
CA ARG A 51 -2.98 6.04 -10.04
C ARG A 51 -1.59 6.32 -9.47
N LYS A 52 -1.49 6.57 -8.15
CA LYS A 52 -0.22 6.78 -7.48
C LYS A 52 0.73 5.64 -7.78
N VAL A 53 0.31 4.40 -7.53
CA VAL A 53 1.22 3.26 -7.53
C VAL A 53 1.54 2.78 -8.94
N LEU A 54 0.60 2.91 -9.88
CA LEU A 54 0.73 2.39 -11.23
C LEU A 54 1.79 3.13 -12.01
N GLY A 55 1.82 4.48 -11.94
CA GLY A 55 2.87 5.26 -12.60
C GLY A 55 4.23 5.00 -11.96
N ASP A 56 4.27 4.74 -10.66
CA ASP A 56 5.50 4.51 -9.90
C ASP A 56 6.19 3.23 -10.35
N LEU A 57 5.45 2.13 -10.51
CA LEU A 57 6.02 0.80 -10.73
C LEU A 57 6.88 0.68 -11.99
N ASP A 58 6.61 1.52 -12.98
CA ASP A 58 7.32 1.60 -14.26
C ASP A 58 7.08 0.35 -15.11
N GLY A 59 5.86 -0.19 -15.05
CA GLY A 59 5.43 -1.28 -15.92
C GLY A 59 5.93 -2.64 -15.43
N LYS A 60 6.01 -2.83 -14.11
CA LYS A 60 6.67 -4.00 -13.51
C LYS A 60 5.69 -5.12 -13.10
N ARG A 61 4.42 -4.83 -12.82
CA ARG A 61 3.42 -5.84 -12.45
C ARG A 61 2.06 -5.41 -13.01
N PRO A 62 1.21 -6.36 -13.43
CA PRO A 62 -0.04 -6.04 -14.09
C PRO A 62 -0.98 -5.30 -13.15
N GLU A 63 -1.74 -4.35 -13.69
CA GLU A 63 -2.74 -3.57 -12.98
C GLU A 63 -3.72 -4.49 -12.23
N ALA A 64 -4.07 -5.64 -12.83
CA ALA A 64 -4.90 -6.66 -12.22
C ALA A 64 -4.35 -7.11 -10.87
N GLU A 65 -3.08 -7.55 -10.82
CA GLU A 65 -2.44 -7.96 -9.58
C GLU A 65 -2.37 -6.77 -8.62
N VAL A 66 -1.97 -5.60 -9.12
CA VAL A 66 -1.71 -4.42 -8.31
C VAL A 66 -2.96 -4.04 -7.51
N ARG A 67 -4.15 -3.89 -8.11
CA ARG A 67 -5.33 -3.57 -7.28
C ARG A 67 -5.66 -4.71 -6.34
N ALA A 68 -5.60 -5.96 -6.80
CA ALA A 68 -5.93 -7.11 -5.95
C ALA A 68 -5.05 -7.18 -4.70
N LYS A 69 -3.75 -6.86 -4.85
CA LYS A 69 -2.79 -6.77 -3.75
C LYS A 69 -3.34 -5.85 -2.67
N TYR A 70 -3.67 -4.61 -3.05
CA TYR A 70 -4.14 -3.56 -2.16
C TYR A 70 -5.50 -3.88 -1.55
N GLU A 71 -6.47 -4.27 -2.38
CA GLU A 71 -7.83 -4.56 -1.96
C GLU A 71 -7.88 -5.74 -1.00
N GLY A 72 -7.05 -6.77 -1.20
CA GLY A 72 -6.96 -7.90 -0.28
C GLY A 72 -6.28 -7.54 1.04
N LEU A 73 -5.40 -6.53 1.02
CA LEU A 73 -4.53 -6.21 2.13
C LEU A 73 -5.26 -5.71 3.35
N MET A 74 -6.55 -5.36 3.25
CA MET A 74 -7.35 -4.95 4.39
C MET A 74 -7.31 -6.03 5.47
N ALA A 75 -7.55 -7.28 5.09
CA ALA A 75 -7.57 -8.40 6.01
C ALA A 75 -6.18 -8.70 6.56
N VAL A 76 -5.14 -8.71 5.70
CA VAL A 76 -3.76 -8.97 6.10
C VAL A 76 -3.31 -7.89 7.09
N ALA A 77 -3.59 -6.62 6.76
CA ALA A 77 -3.15 -5.49 7.54
C ALA A 77 -3.75 -5.56 8.95
N LYS A 78 -5.05 -5.88 9.04
CA LYS A 78 -5.75 -6.01 10.31
C LYS A 78 -5.24 -7.18 11.13
N ALA A 79 -4.79 -8.26 10.49
CA ALA A 79 -4.10 -9.33 11.19
C ALA A 79 -2.87 -8.73 11.87
N GLN A 80 -2.03 -8.03 11.12
CA GLN A 80 -0.77 -7.50 11.63
C GLN A 80 -0.95 -6.60 12.85
N LEU A 81 -1.99 -5.76 12.92
CA LEU A 81 -2.20 -4.88 14.06
C LEU A 81 -2.70 -5.64 15.30
N MET A 82 -3.30 -6.81 15.14
CA MET A 82 -3.61 -7.68 16.28
C MET A 82 -2.36 -8.45 16.71
N ASP A 83 -1.68 -9.00 15.72
CA ASP A 83 -0.51 -9.87 15.81
C ASP A 83 0.73 -9.10 16.26
N GLU A 84 0.74 -7.77 16.13
CA GLU A 84 1.80 -6.93 16.66
C GLU A 84 1.78 -6.86 18.20
N LEU A 85 0.62 -7.07 18.82
CA LEU A 85 0.36 -6.67 20.20
C LEU A 85 1.30 -7.43 21.11
N GLY A 1 -14.71 2.43 16.14
CA GLY A 1 -13.76 3.21 15.34
C GLY A 1 -12.46 2.47 15.18
N MET A 2 -12.11 2.12 13.94
CA MET A 2 -10.89 1.37 13.59
C MET A 2 -10.34 1.81 12.22
N GLN A 3 -10.94 2.84 11.60
CA GLN A 3 -10.85 3.16 10.18
C GLN A 3 -9.50 3.70 9.71
N PHE A 4 -8.49 3.71 10.56
CA PHE A 4 -7.22 4.38 10.35
C PHE A 4 -6.12 3.37 10.60
N LYS A 5 -6.15 2.73 11.76
CA LYS A 5 -5.22 1.64 12.08
C LYS A 5 -5.34 0.49 11.07
N ALA A 6 -6.52 0.29 10.46
CA ALA A 6 -6.68 -0.68 9.40
C ALA A 6 -6.09 -0.11 8.12
N GLU A 7 -6.56 1.06 7.75
CA GLU A 7 -6.31 1.76 6.53
C GLU A 7 -4.81 1.99 6.36
N ALA A 8 -4.20 2.82 7.18
CA ALA A 8 -2.80 3.17 7.08
C ALA A 8 -1.86 1.95 7.25
N ARG A 9 -2.29 0.83 7.85
CA ARG A 9 -1.42 -0.35 7.87
C ARG A 9 -1.55 -1.12 6.54
N ARG A 10 -2.76 -1.26 5.97
CA ARG A 10 -2.95 -1.78 4.62
C ARG A 10 -2.08 -0.98 3.65
N ASN A 11 -2.15 0.34 3.74
CA ASN A 11 -1.52 1.27 2.82
C ASN A 11 0.00 1.15 2.96
N LYS A 12 0.53 1.24 4.18
CA LYS A 12 1.96 1.04 4.45
C LYS A 12 2.43 -0.29 3.88
N LEU A 13 1.76 -1.40 4.20
CA LEU A 13 2.13 -2.73 3.72
C LEU A 13 2.18 -2.79 2.19
N MET A 14 1.24 -2.15 1.48
CA MET A 14 1.29 -2.15 0.02
C MET A 14 2.61 -1.57 -0.47
N GLY A 15 3.07 -0.48 0.17
CA GLY A 15 4.33 0.15 -0.16
C GLY A 15 5.50 -0.81 -0.04
N LEU A 16 5.59 -1.66 0.98
CA LEU A 16 6.71 -2.60 1.12
C LEU A 16 6.74 -3.61 -0.04
N TRP A 17 5.58 -4.07 -0.51
CA TRP A 17 5.49 -4.96 -1.66
C TRP A 17 5.93 -4.20 -2.93
N VAL A 18 5.29 -3.06 -3.23
CA VAL A 18 5.58 -2.30 -4.44
C VAL A 18 7.06 -1.90 -4.46
N ALA A 19 7.62 -1.44 -3.34
CA ALA A 19 9.02 -1.04 -3.24
C ALA A 19 9.95 -2.20 -3.63
N GLU A 20 9.71 -3.43 -3.16
CA GLU A 20 10.51 -4.57 -3.56
C GLU A 20 10.40 -4.84 -5.06
N VAL A 21 9.21 -4.71 -5.64
CA VAL A 21 9.04 -4.85 -7.09
C VAL A 21 9.79 -3.73 -7.83
N LEU A 22 9.91 -2.53 -7.24
CA LEU A 22 10.76 -1.42 -7.71
C LEU A 22 12.25 -1.66 -7.45
N GLY A 23 12.64 -2.79 -6.84
CA GLY A 23 14.02 -3.10 -6.50
C GLY A 23 14.56 -2.14 -5.43
N LYS A 24 13.71 -1.62 -4.55
CA LYS A 24 14.11 -0.82 -3.40
C LYS A 24 14.28 -1.76 -2.21
N SER A 25 15.06 -1.36 -1.21
CA SER A 25 15.31 -2.15 -0.02
C SER A 25 15.60 -1.23 1.18
N GLY A 26 15.83 -1.83 2.34
CA GLY A 26 16.22 -1.18 3.59
C GLY A 26 15.35 0.00 3.92
N ASP A 27 15.94 1.19 3.86
CA ASP A 27 15.29 2.44 4.20
C ASP A 27 14.54 3.03 3.02
N GLU A 28 14.95 2.73 1.78
CA GLU A 28 14.26 3.21 0.60
C GLU A 28 12.84 2.65 0.61
N ALA A 29 12.70 1.34 0.87
CA ALA A 29 11.40 0.70 0.94
C ALA A 29 10.54 1.27 2.08
N ASN A 30 11.16 1.70 3.18
CA ASN A 30 10.46 2.29 4.32
C ASN A 30 9.99 3.69 3.96
N ALA A 31 10.81 4.49 3.28
CA ALA A 31 10.45 5.80 2.77
C ALA A 31 9.31 5.69 1.74
N TYR A 32 9.39 4.69 0.86
CA TYR A 32 8.37 4.43 -0.13
C TYR A 32 7.04 4.12 0.56
N ALA A 33 7.09 3.33 1.64
CA ALA A 33 5.94 3.00 2.45
C ALA A 33 5.36 4.19 3.24
N ALA A 34 5.90 5.41 3.10
CA ALA A 34 5.32 6.63 3.65
C ALA A 34 4.54 7.39 2.59
N GLU A 35 5.10 7.62 1.39
CA GLU A 35 4.39 8.33 0.33
C GLU A 35 3.09 7.62 -0.03
N VAL A 36 3.13 6.29 -0.14
CA VAL A 36 1.97 5.47 -0.50
C VAL A 36 0.80 5.71 0.45
N VAL A 37 1.06 5.99 1.71
CA VAL A 37 0.03 6.14 2.73
C VAL A 37 -0.77 7.42 2.53
N LYS A 38 -0.16 8.45 1.95
CA LYS A 38 -0.56 9.83 2.13
C LYS A 38 -1.67 10.34 1.19
N ALA A 39 -2.41 9.48 0.47
CA ALA A 39 -3.26 9.92 -0.64
C ALA A 39 -4.75 9.57 -0.53
N ASP A 40 -5.21 9.01 0.58
CA ASP A 40 -6.63 8.69 0.83
C ASP A 40 -7.41 9.86 1.44
N PHE A 41 -6.80 11.05 1.57
CA PHE A 41 -7.49 12.22 2.13
C PHE A 41 -8.41 12.89 1.12
N GLU A 42 -7.96 13.08 -0.12
CA GLU A 42 -8.70 13.83 -1.14
C GLU A 42 -9.67 12.88 -1.83
N GLU A 43 -9.12 11.97 -2.63
CA GLU A 43 -9.86 11.10 -3.52
C GLU A 43 -10.49 9.99 -2.67
N ALA A 44 -11.78 9.78 -2.85
CA ALA A 44 -12.64 8.96 -2.01
C ALA A 44 -12.15 7.51 -2.00
N GLY A 45 -11.64 7.05 -0.87
CA GLY A 45 -11.19 5.68 -0.69
C GLY A 45 -9.83 5.49 -1.37
N HIS A 46 -9.82 5.15 -2.65
CA HIS A 46 -8.63 4.62 -3.33
C HIS A 46 -8.34 5.27 -4.68
N GLU A 47 -9.12 6.27 -5.10
CA GLU A 47 -9.10 6.71 -6.49
C GLU A 47 -7.76 7.33 -6.94
N ASP A 48 -7.03 7.99 -6.04
CA ASP A 48 -5.68 8.50 -6.32
C ASP A 48 -4.60 7.54 -5.83
N VAL A 49 -4.91 6.72 -4.82
CA VAL A 49 -4.03 5.69 -4.29
C VAL A 49 -3.63 4.72 -5.40
N MET A 50 -4.58 4.17 -6.17
CA MET A 50 -4.22 3.20 -7.20
C MET A 50 -3.35 3.90 -8.26
N ARG A 51 -3.77 5.07 -8.71
CA ARG A 51 -3.02 5.91 -9.65
C ARG A 51 -1.57 6.13 -9.23
N LYS A 52 -1.29 6.19 -7.93
CA LYS A 52 0.04 6.44 -7.41
C LYS A 52 0.92 5.25 -7.73
N VAL A 53 0.53 4.04 -7.29
CA VAL A 53 1.33 2.85 -7.48
C VAL A 53 1.39 2.47 -8.96
N LEU A 54 0.28 2.65 -9.70
CA LEU A 54 0.21 2.31 -11.12
C LEU A 54 1.06 3.25 -11.96
N GLY A 55 1.23 4.51 -11.55
CA GLY A 55 2.15 5.44 -12.17
C GLY A 55 3.59 5.03 -11.85
N ASP A 56 3.89 4.88 -10.55
CA ASP A 56 5.23 4.58 -10.05
C ASP A 56 5.82 3.33 -10.70
N LEU A 57 5.03 2.26 -10.78
CA LEU A 57 5.46 0.96 -11.28
C LEU A 57 5.97 1.00 -12.71
N ASP A 58 5.56 1.99 -13.51
CA ASP A 58 5.99 2.13 -14.90
C ASP A 58 5.61 0.91 -15.75
N GLY A 59 4.58 0.15 -15.34
CA GLY A 59 4.15 -1.04 -16.03
C GLY A 59 4.94 -2.28 -15.62
N LYS A 60 5.70 -2.25 -14.51
CA LYS A 60 6.44 -3.41 -14.00
C LYS A 60 5.56 -4.62 -13.69
N ARG A 61 4.27 -4.41 -13.45
CA ARG A 61 3.31 -5.46 -13.14
C ARG A 61 2.01 -5.13 -13.88
N PRO A 62 1.11 -6.10 -14.05
CA PRO A 62 -0.23 -5.83 -14.52
C PRO A 62 -1.04 -5.12 -13.44
N GLU A 63 -2.07 -4.38 -13.84
CA GLU A 63 -3.00 -3.74 -12.94
C GLU A 63 -3.78 -4.79 -12.14
N ALA A 64 -4.23 -5.88 -12.78
CA ALA A 64 -5.02 -6.93 -12.14
C ALA A 64 -4.33 -7.51 -10.91
N GLU A 65 -3.02 -7.78 -11.01
CA GLU A 65 -2.21 -8.23 -9.90
C GLU A 65 -2.17 -7.15 -8.81
N VAL A 66 -1.75 -5.95 -9.17
CA VAL A 66 -1.43 -4.87 -8.22
C VAL A 66 -2.68 -4.47 -7.43
N ARG A 67 -3.81 -4.27 -8.11
CA ARG A 67 -5.05 -3.85 -7.45
C ARG A 67 -5.54 -4.97 -6.51
N ALA A 68 -5.36 -6.24 -6.88
CA ALA A 68 -5.75 -7.35 -6.05
C ALA A 68 -4.80 -7.50 -4.85
N LYS A 69 -3.50 -7.27 -5.02
CA LYS A 69 -2.53 -7.28 -3.93
C LYS A 69 -3.06 -6.35 -2.83
N TYR A 70 -3.40 -5.12 -3.21
CA TYR A 70 -3.87 -4.08 -2.33
C TYR A 70 -5.07 -4.55 -1.51
N GLU A 71 -6.16 -4.93 -2.19
CA GLU A 71 -7.40 -5.32 -1.54
C GLU A 71 -7.20 -6.50 -0.60
N GLY A 72 -6.47 -7.53 -1.04
CA GLY A 72 -6.24 -8.73 -0.24
C GLY A 72 -5.47 -8.42 1.04
N LEU A 73 -4.69 -7.34 1.05
CA LEU A 73 -3.85 -6.96 2.16
C LEU A 73 -4.66 -6.47 3.35
N MET A 74 -5.92 -6.05 3.18
CA MET A 74 -6.72 -5.52 4.29
C MET A 74 -6.81 -6.55 5.44
N ALA A 75 -7.05 -7.81 5.09
CA ALA A 75 -7.09 -8.89 6.08
C ALA A 75 -5.74 -9.03 6.78
N VAL A 76 -4.64 -8.93 6.03
CA VAL A 76 -3.28 -9.15 6.52
C VAL A 76 -2.87 -7.99 7.43
N ALA A 77 -3.20 -6.77 7.01
CA ALA A 77 -2.94 -5.55 7.73
C ALA A 77 -3.56 -5.68 9.13
N LYS A 78 -4.81 -6.14 9.17
CA LYS A 78 -5.57 -6.35 10.39
C LYS A 78 -5.02 -7.49 11.21
N ALA A 79 -4.55 -8.57 10.58
CA ALA A 79 -3.88 -9.65 11.29
C ALA A 79 -2.75 -9.02 12.11
N GLN A 80 -1.86 -8.28 11.43
CA GLN A 80 -0.68 -7.70 12.04
C GLN A 80 -1.00 -6.75 13.19
N LEU A 81 -2.10 -5.98 13.17
CA LEU A 81 -2.41 -5.05 14.25
C LEU A 81 -2.55 -5.78 15.57
N MET A 82 -3.35 -6.84 15.56
CA MET A 82 -3.66 -7.60 16.76
C MET A 82 -2.48 -8.49 17.15
N ASP A 83 -1.60 -8.79 16.17
CA ASP A 83 -0.33 -9.47 16.34
C ASP A 83 0.65 -8.55 17.08
N GLU A 84 0.75 -7.29 16.63
CA GLU A 84 1.58 -6.23 17.18
C GLU A 84 1.08 -5.70 18.55
N LEU A 85 -0.04 -6.24 19.06
CA LEU A 85 -0.61 -5.82 20.33
C LEU A 85 0.03 -6.68 21.40
N GLY A 1 -13.44 4.25 16.75
CA GLY A 1 -13.46 3.80 15.35
C GLY A 1 -12.16 3.10 14.95
N MET A 2 -12.22 2.18 13.98
CA MET A 2 -11.09 1.38 13.50
C MET A 2 -10.48 1.93 12.20
N GLN A 3 -11.16 2.92 11.60
CA GLN A 3 -11.06 3.36 10.21
C GLN A 3 -9.77 4.11 9.85
N PHE A 4 -8.72 4.02 10.67
CA PHE A 4 -7.47 4.77 10.56
C PHE A 4 -6.33 3.78 10.65
N LYS A 5 -6.22 3.08 11.77
CA LYS A 5 -5.25 2.02 12.02
C LYS A 5 -5.19 1.04 10.85
N ALA A 6 -6.32 0.44 10.49
CA ALA A 6 -6.37 -0.57 9.43
C ALA A 6 -6.10 0.06 8.07
N GLU A 7 -6.56 1.29 7.88
CA GLU A 7 -6.56 2.05 6.65
C GLU A 7 -5.10 2.45 6.31
N ALA A 8 -4.42 3.16 7.22
CA ALA A 8 -3.00 3.46 7.09
C ALA A 8 -2.17 2.18 6.94
N ARG A 9 -2.42 1.14 7.75
CA ARG A 9 -1.63 -0.08 7.68
C ARG A 9 -1.88 -0.78 6.34
N ARG A 10 -3.07 -0.69 5.72
CA ARG A 10 -3.31 -1.19 4.37
C ARG A 10 -2.34 -0.50 3.42
N ASN A 11 -2.40 0.83 3.34
CA ASN A 11 -1.57 1.59 2.40
C ASN A 11 -0.09 1.32 2.65
N LYS A 12 0.36 1.36 3.90
CA LYS A 12 1.75 1.14 4.27
C LYS A 12 2.23 -0.21 3.77
N LEU A 13 1.49 -1.29 4.05
CA LEU A 13 1.85 -2.63 3.62
C LEU A 13 1.85 -2.78 2.10
N MET A 14 1.03 -2.02 1.38
CA MET A 14 1.10 -2.01 -0.07
C MET A 14 2.47 -1.45 -0.48
N GLY A 15 2.89 -0.35 0.15
CA GLY A 15 4.20 0.26 -0.06
C GLY A 15 5.35 -0.73 0.00
N LEU A 16 5.45 -1.59 1.03
CA LEU A 16 6.56 -2.53 1.13
C LEU A 16 6.60 -3.48 -0.08
N TRP A 17 5.46 -3.98 -0.55
CA TRP A 17 5.40 -4.85 -1.72
C TRP A 17 5.81 -4.09 -2.97
N VAL A 18 5.24 -2.91 -3.20
CA VAL A 18 5.57 -2.10 -4.37
C VAL A 18 7.07 -1.77 -4.36
N ALA A 19 7.64 -1.46 -3.19
CA ALA A 19 9.06 -1.17 -3.03
C ALA A 19 9.91 -2.38 -3.46
N GLU A 20 9.55 -3.58 -3.02
CA GLU A 20 10.20 -4.82 -3.44
C GLU A 20 10.13 -4.98 -4.96
N VAL A 21 8.96 -4.78 -5.56
CA VAL A 21 8.78 -4.85 -7.01
C VAL A 21 9.66 -3.80 -7.74
N LEU A 22 9.93 -2.65 -7.11
CA LEU A 22 10.82 -1.62 -7.63
C LEU A 22 12.31 -1.98 -7.42
N GLY A 23 12.66 -3.02 -6.66
CA GLY A 23 14.07 -3.32 -6.37
C GLY A 23 14.62 -2.42 -5.27
N LYS A 24 13.75 -1.93 -4.40
CA LYS A 24 14.14 -1.29 -3.15
C LYS A 24 14.31 -2.39 -2.10
N SER A 25 14.95 -2.04 -0.99
CA SER A 25 15.21 -2.90 0.16
C SER A 25 15.86 -2.02 1.23
N GLY A 26 16.19 -2.58 2.39
CA GLY A 26 16.80 -1.85 3.47
C GLY A 26 15.84 -0.78 3.94
N ASP A 27 16.34 0.45 4.06
CA ASP A 27 15.62 1.57 4.64
C ASP A 27 14.80 2.31 3.58
N GLU A 28 15.26 2.24 2.32
CA GLU A 28 14.55 2.64 1.12
C GLU A 28 13.12 2.11 1.12
N ALA A 29 12.93 0.81 1.32
CA ALA A 29 11.60 0.20 1.29
C ALA A 29 10.68 0.81 2.36
N ASN A 30 11.23 1.15 3.53
CA ASN A 30 10.46 1.69 4.64
C ASN A 30 10.14 3.16 4.37
N ALA A 31 11.07 3.90 3.76
CA ALA A 31 10.84 5.28 3.36
C ALA A 31 9.74 5.33 2.30
N TYR A 32 9.79 4.41 1.33
CA TYR A 32 8.79 4.30 0.27
C TYR A 32 7.42 3.93 0.86
N ALA A 33 7.37 3.21 1.99
CA ALA A 33 6.12 2.93 2.68
C ALA A 33 5.44 4.17 3.27
N ALA A 34 6.03 5.37 3.20
CA ALA A 34 5.29 6.62 3.36
C ALA A 34 4.60 7.04 2.06
N GLU A 35 5.27 6.92 0.91
CA GLU A 35 4.78 7.40 -0.37
C GLU A 35 3.42 6.81 -0.73
N VAL A 36 3.17 5.55 -0.37
CA VAL A 36 1.92 4.86 -0.70
C VAL A 36 0.78 5.24 0.26
N VAL A 37 1.05 5.99 1.33
CA VAL A 37 0.06 6.44 2.31
C VAL A 37 -0.46 7.84 1.97
N LYS A 38 0.27 8.60 1.17
CA LYS A 38 0.01 10.02 1.01
C LYS A 38 -1.07 10.35 -0.03
N ALA A 39 -1.72 9.37 -0.68
CA ALA A 39 -2.72 9.60 -1.72
C ALA A 39 -4.15 9.31 -1.26
N ASP A 40 -4.34 8.57 -0.16
CA ASP A 40 -5.65 8.30 0.41
C ASP A 40 -6.18 9.57 1.08
N PHE A 41 -6.71 10.46 0.23
CA PHE A 41 -7.38 11.72 0.52
C PHE A 41 -8.31 12.01 -0.67
N GLU A 42 -9.62 11.94 -0.47
CA GLU A 42 -10.65 12.40 -1.41
C GLU A 42 -10.78 11.57 -2.70
N GLU A 43 -10.08 10.43 -2.80
CA GLU A 43 -10.07 9.52 -3.94
C GLU A 43 -11.34 8.69 -4.14
N ALA A 44 -12.40 9.10 -3.46
CA ALA A 44 -13.74 8.56 -3.36
C ALA A 44 -13.89 7.04 -3.17
N GLY A 45 -12.81 6.35 -2.80
CA GLY A 45 -12.76 4.92 -2.61
C GLY A 45 -11.33 4.41 -2.56
N HIS A 46 -10.67 4.27 -3.71
CA HIS A 46 -9.28 3.79 -3.79
C HIS A 46 -8.69 4.01 -5.18
N GLU A 47 -9.03 5.11 -5.87
CA GLU A 47 -8.48 5.40 -7.20
C GLU A 47 -7.08 5.99 -7.11
N ASP A 48 -6.89 7.02 -6.28
CA ASP A 48 -5.70 7.87 -6.34
C ASP A 48 -4.50 7.18 -5.68
N VAL A 49 -4.78 6.26 -4.75
CA VAL A 49 -3.84 5.29 -4.22
C VAL A 49 -3.34 4.37 -5.34
N MET A 50 -4.25 3.84 -6.16
CA MET A 50 -3.87 2.94 -7.24
C MET A 50 -3.04 3.72 -8.26
N ARG A 51 -3.52 4.86 -8.76
CA ARG A 51 -2.82 5.63 -9.78
C ARG A 51 -1.40 5.96 -9.32
N LYS A 52 -1.20 6.25 -8.02
CA LYS A 52 0.11 6.52 -7.44
C LYS A 52 1.02 5.36 -7.82
N VAL A 53 0.76 4.18 -7.27
CA VAL A 53 1.70 3.08 -7.33
C VAL A 53 1.85 2.56 -8.76
N LEU A 54 0.81 2.70 -9.57
CA LEU A 54 0.79 2.26 -10.95
C LEU A 54 1.73 3.14 -11.78
N GLY A 55 1.56 4.46 -11.71
CA GLY A 55 2.43 5.42 -12.37
C GLY A 55 3.86 5.27 -11.89
N ASP A 56 4.07 5.18 -10.57
CA ASP A 56 5.40 5.06 -9.97
C ASP A 56 6.05 3.70 -10.29
N LEU A 57 5.28 2.65 -10.61
CA LEU A 57 5.82 1.39 -11.13
C LEU A 57 6.20 1.50 -12.60
N ASP A 58 5.59 2.41 -13.34
CA ASP A 58 5.77 2.57 -14.79
C ASP A 58 5.38 1.30 -15.57
N GLY A 59 4.36 0.57 -15.09
CA GLY A 59 3.91 -0.66 -15.73
C GLY A 59 4.84 -1.85 -15.45
N LYS A 60 5.62 -1.79 -14.35
CA LYS A 60 6.47 -2.91 -13.90
C LYS A 60 5.69 -4.19 -13.59
N ARG A 61 4.43 -4.08 -13.20
CA ARG A 61 3.53 -5.20 -12.96
C ARG A 61 2.15 -4.82 -13.49
N PRO A 62 1.33 -5.80 -13.88
CA PRO A 62 -0.01 -5.56 -14.41
C PRO A 62 -0.90 -4.97 -13.32
N GLU A 63 -1.80 -4.05 -13.72
CA GLU A 63 -2.76 -3.47 -12.80
C GLU A 63 -3.60 -4.55 -12.10
N ALA A 64 -3.93 -5.65 -12.80
CA ALA A 64 -4.67 -6.77 -12.23
C ALA A 64 -4.02 -7.30 -10.95
N GLU A 65 -2.69 -7.53 -10.96
CA GLU A 65 -1.92 -7.98 -9.82
C GLU A 65 -1.98 -6.92 -8.71
N VAL A 66 -1.76 -5.66 -9.08
CA VAL A 66 -1.73 -4.50 -8.18
C VAL A 66 -3.07 -4.37 -7.42
N ARG A 67 -4.22 -4.46 -8.11
CA ARG A 67 -5.54 -4.33 -7.49
C ARG A 67 -5.69 -5.40 -6.42
N ALA A 68 -5.51 -6.66 -6.84
CA ALA A 68 -5.70 -7.81 -5.99
C ALA A 68 -4.81 -7.72 -4.76
N LYS A 69 -3.55 -7.30 -4.92
CA LYS A 69 -2.63 -7.11 -3.81
C LYS A 69 -3.24 -6.18 -2.77
N TYR A 70 -3.64 -4.97 -3.18
CA TYR A 70 -4.16 -3.94 -2.28
C TYR A 70 -5.45 -4.42 -1.61
N GLU A 71 -6.37 -4.98 -2.39
CA GLU A 71 -7.65 -5.49 -1.94
C GLU A 71 -7.47 -6.58 -0.88
N GLY A 72 -6.63 -7.59 -1.15
CA GLY A 72 -6.34 -8.67 -0.23
C GLY A 72 -5.72 -8.16 1.06
N LEU A 73 -5.05 -7.01 1.01
CA LEU A 73 -4.28 -6.47 2.11
C LEU A 73 -5.13 -5.96 3.25
N MET A 74 -6.43 -5.70 3.06
CA MET A 74 -7.27 -5.24 4.16
C MET A 74 -7.22 -6.26 5.32
N ALA A 75 -7.35 -7.54 5.00
CA ALA A 75 -7.30 -8.58 6.01
C ALA A 75 -5.89 -8.70 6.62
N VAL A 76 -4.83 -8.56 5.82
CA VAL A 76 -3.45 -8.66 6.30
C VAL A 76 -3.15 -7.47 7.22
N ALA A 77 -3.64 -6.28 6.86
CA ALA A 77 -3.45 -5.06 7.62
C ALA A 77 -3.99 -5.27 9.04
N LYS A 78 -5.20 -5.83 9.13
CA LYS A 78 -5.83 -6.18 10.40
C LYS A 78 -5.06 -7.23 11.15
N ALA A 79 -4.57 -8.27 10.47
CA ALA A 79 -3.79 -9.33 11.10
C ALA A 79 -2.62 -8.69 11.83
N GLN A 80 -1.85 -7.84 11.15
CA GLN A 80 -0.68 -7.22 11.74
C GLN A 80 -1.02 -6.33 12.94
N LEU A 81 -2.18 -5.68 12.98
CA LEU A 81 -2.59 -4.83 14.10
C LEU A 81 -3.07 -5.65 15.29
N MET A 82 -3.48 -6.90 15.09
CA MET A 82 -3.64 -7.82 16.21
C MET A 82 -2.23 -8.24 16.69
N ASP A 83 -1.42 -8.70 15.74
CA ASP A 83 -0.16 -9.39 15.94
C ASP A 83 1.00 -8.45 16.31
N GLU A 84 0.81 -7.14 16.22
CA GLU A 84 1.82 -6.13 16.59
C GLU A 84 2.14 -6.08 18.08
N LEU A 85 1.23 -6.59 18.92
CA LEU A 85 1.23 -6.27 20.35
C LEU A 85 2.50 -6.76 21.03
N GLY A 1 -12.74 1.40 16.68
CA GLY A 1 -13.31 1.23 15.33
C GLY A 1 -12.26 0.58 14.45
N MET A 2 -12.67 0.06 13.29
CA MET A 2 -11.83 -0.81 12.48
C MET A 2 -11.73 -0.34 11.02
N GLN A 3 -11.58 0.97 10.80
CA GLN A 3 -11.42 1.53 9.46
C GLN A 3 -10.13 2.32 9.26
N PHE A 4 -9.57 2.88 10.32
CA PHE A 4 -8.55 3.93 10.34
C PHE A 4 -7.19 3.31 10.64
N LYS A 5 -7.14 2.52 11.71
CA LYS A 5 -5.98 1.74 12.09
C LYS A 5 -5.46 0.96 10.88
N ALA A 6 -6.37 0.27 10.18
CA ALA A 6 -6.02 -0.46 8.98
C ALA A 6 -5.97 0.39 7.74
N GLU A 7 -6.63 1.56 7.64
CA GLU A 7 -6.50 2.41 6.45
C GLU A 7 -5.03 2.64 6.12
N ALA A 8 -4.28 3.10 7.13
CA ALA A 8 -2.83 3.26 7.05
C ALA A 8 -2.12 1.93 6.77
N ARG A 9 -2.35 0.89 7.58
CA ARG A 9 -1.55 -0.34 7.45
C ARG A 9 -1.80 -1.03 6.10
N ARG A 10 -3.00 -0.90 5.50
CA ARG A 10 -3.30 -1.39 4.15
C ARG A 10 -2.27 -0.79 3.21
N ASN A 11 -2.23 0.54 3.15
CA ASN A 11 -1.39 1.27 2.23
C ASN A 11 0.09 1.04 2.55
N LYS A 12 0.44 0.88 3.82
CA LYS A 12 1.80 0.64 4.26
C LYS A 12 2.32 -0.70 3.73
N LEU A 13 1.61 -1.80 3.98
CA LEU A 13 1.92 -3.11 3.41
C LEU A 13 1.99 -3.05 1.89
N MET A 14 1.07 -2.32 1.25
CA MET A 14 1.06 -2.20 -0.19
C MET A 14 2.36 -1.55 -0.65
N GLY A 15 2.70 -0.40 -0.06
CA GLY A 15 3.92 0.32 -0.33
C GLY A 15 5.15 -0.57 -0.20
N LEU A 16 5.25 -1.35 0.87
CA LEU A 16 6.37 -2.26 1.08
C LEU A 16 6.51 -3.25 -0.08
N TRP A 17 5.41 -3.88 -0.49
CA TRP A 17 5.44 -4.81 -1.62
C TRP A 17 5.90 -4.11 -2.89
N VAL A 18 5.31 -2.95 -3.21
CA VAL A 18 5.64 -2.21 -4.43
C VAL A 18 7.13 -1.84 -4.40
N ALA A 19 7.65 -1.37 -3.26
CA ALA A 19 9.07 -1.11 -3.05
C ALA A 19 9.92 -2.31 -3.39
N GLU A 20 9.56 -3.47 -2.87
CA GLU A 20 10.19 -4.74 -3.19
C GLU A 20 10.10 -5.07 -4.70
N VAL A 21 9.00 -4.75 -5.39
CA VAL A 21 8.87 -4.93 -6.84
C VAL A 21 9.73 -3.91 -7.61
N LEU A 22 9.97 -2.71 -7.07
CA LEU A 22 10.92 -1.73 -7.62
C LEU A 22 12.36 -2.05 -7.18
N GLY A 23 12.60 -3.16 -6.47
CA GLY A 23 13.92 -3.54 -6.00
C GLY A 23 14.50 -2.49 -5.05
N LYS A 24 13.67 -1.68 -4.40
CA LYS A 24 14.11 -0.86 -3.27
C LYS A 24 14.50 -1.80 -2.13
N SER A 25 15.06 -1.25 -1.05
CA SER A 25 15.35 -2.01 0.15
C SER A 25 15.24 -1.08 1.35
N GLY A 26 15.35 -1.65 2.55
CA GLY A 26 15.55 -0.95 3.79
C GLY A 26 14.65 0.27 3.92
N ASP A 27 15.28 1.43 4.04
CA ASP A 27 14.57 2.64 4.39
C ASP A 27 14.05 3.39 3.19
N GLU A 28 14.56 3.11 2.00
CA GLU A 28 13.91 3.48 0.76
C GLU A 28 12.49 2.90 0.75
N ALA A 29 12.37 1.60 1.04
CA ALA A 29 11.07 0.94 1.12
C ALA A 29 10.20 1.50 2.25
N ASN A 30 10.81 1.98 3.34
CA ASN A 30 10.09 2.55 4.48
C ASN A 30 9.54 3.93 4.12
N ALA A 31 10.33 4.73 3.41
CA ALA A 31 9.93 6.03 2.89
C ALA A 31 8.84 5.88 1.84
N TYR A 32 8.97 4.87 0.97
CA TYR A 32 7.98 4.57 -0.04
C TYR A 32 6.64 4.24 0.63
N ALA A 33 6.69 3.34 1.61
CA ALA A 33 5.57 2.96 2.46
C ALA A 33 5.10 4.09 3.42
N ALA A 34 5.51 5.34 3.20
CA ALA A 34 4.92 6.52 3.82
C ALA A 34 4.14 7.35 2.79
N GLU A 35 4.65 7.55 1.57
CA GLU A 35 3.93 8.30 0.54
C GLU A 35 2.60 7.61 0.22
N VAL A 36 2.63 6.29 0.02
CA VAL A 36 1.44 5.51 -0.30
C VAL A 36 0.42 5.62 0.84
N VAL A 37 0.88 5.76 2.09
CA VAL A 37 0.00 5.93 3.24
C VAL A 37 -0.63 7.32 3.22
N LYS A 38 0.11 8.35 2.84
CA LYS A 38 -0.39 9.72 2.82
C LYS A 38 -1.39 9.91 1.69
N ALA A 39 -1.17 9.41 0.47
CA ALA A 39 -2.10 9.78 -0.58
C ALA A 39 -3.50 9.15 -0.44
N ASP A 40 -3.66 8.18 0.47
CA ASP A 40 -4.93 7.56 0.88
C ASP A 40 -5.97 8.55 1.43
N PHE A 41 -5.61 9.82 1.64
CA PHE A 41 -6.53 10.89 1.99
C PHE A 41 -6.18 12.22 1.30
N GLU A 42 -5.40 12.19 0.22
CA GLU A 42 -5.10 13.39 -0.57
C GLU A 42 -6.29 13.79 -1.45
N GLU A 43 -7.25 12.89 -1.70
CA GLU A 43 -8.49 13.24 -2.39
C GLU A 43 -9.72 12.42 -2.07
N ALA A 44 -9.63 11.68 -0.98
CA ALA A 44 -10.51 10.63 -0.52
C ALA A 44 -10.74 9.46 -1.50
N GLY A 45 -10.83 8.27 -0.92
CA GLY A 45 -11.05 7.02 -1.65
C GLY A 45 -9.77 6.51 -2.31
N HIS A 46 -9.80 5.26 -2.77
CA HIS A 46 -8.63 4.58 -3.33
C HIS A 46 -8.34 5.00 -4.80
N GLU A 47 -9.00 6.03 -5.33
CA GLU A 47 -8.82 6.43 -6.73
C GLU A 47 -7.39 6.92 -6.97
N ASP A 48 -6.92 7.94 -6.23
CA ASP A 48 -5.54 8.40 -6.40
C ASP A 48 -4.55 7.35 -5.92
N VAL A 49 -4.90 6.61 -4.87
CA VAL A 49 -4.10 5.49 -4.35
C VAL A 49 -3.67 4.56 -5.49
N MET A 50 -4.61 4.09 -6.32
CA MET A 50 -4.24 3.16 -7.38
C MET A 50 -3.31 3.82 -8.40
N ARG A 51 -3.50 5.10 -8.75
CA ARG A 51 -2.61 5.76 -9.72
C ARG A 51 -1.24 6.01 -9.12
N LYS A 52 -1.17 6.45 -7.86
CA LYS A 52 0.06 6.72 -7.13
C LYS A 52 0.99 5.53 -7.31
N VAL A 53 0.47 4.32 -7.13
CA VAL A 53 1.27 3.11 -7.11
C VAL A 53 1.45 2.51 -8.51
N LEU A 54 0.50 2.71 -9.44
CA LEU A 54 0.58 2.14 -10.78
C LEU A 54 1.55 2.91 -11.67
N GLY A 55 1.58 4.24 -11.56
CA GLY A 55 2.55 5.07 -12.27
C GLY A 55 3.96 4.76 -11.78
N ASP A 56 4.10 4.45 -10.49
CA ASP A 56 5.38 4.10 -9.88
C ASP A 56 5.89 2.77 -10.43
N LEU A 57 5.00 1.78 -10.62
CA LEU A 57 5.37 0.55 -11.31
C LEU A 57 5.72 0.81 -12.77
N ASP A 58 5.09 1.77 -13.43
CA ASP A 58 5.38 2.19 -14.81
C ASP A 58 5.02 1.13 -15.86
N GLY A 59 4.45 -0.01 -15.44
CA GLY A 59 4.27 -1.20 -16.25
C GLY A 59 5.12 -2.39 -15.76
N LYS A 60 5.65 -2.36 -14.54
CA LYS A 60 6.45 -3.44 -13.96
C LYS A 60 5.64 -4.70 -13.67
N ARG A 61 4.35 -4.59 -13.34
CA ARG A 61 3.49 -5.73 -13.03
C ARG A 61 2.08 -5.43 -13.55
N PRO A 62 1.28 -6.46 -13.87
CA PRO A 62 -0.07 -6.27 -14.36
C PRO A 62 -0.95 -5.68 -13.27
N GLU A 63 -1.91 -4.84 -13.65
CA GLU A 63 -2.88 -4.28 -12.72
C GLU A 63 -3.58 -5.38 -11.94
N ALA A 64 -3.97 -6.49 -12.58
CA ALA A 64 -4.64 -7.61 -11.91
C ALA A 64 -3.90 -8.06 -10.65
N GLU A 65 -2.58 -8.22 -10.74
CA GLU A 65 -1.75 -8.60 -9.60
C GLU A 65 -1.83 -7.52 -8.50
N VAL A 66 -1.68 -6.25 -8.89
CA VAL A 66 -1.70 -5.10 -7.99
C VAL A 66 -3.04 -5.01 -7.24
N ARG A 67 -4.19 -5.09 -7.94
CA ARG A 67 -5.50 -4.92 -7.30
C ARG A 67 -5.69 -6.00 -6.27
N ALA A 68 -5.38 -7.24 -6.65
CA ALA A 68 -5.50 -8.39 -5.74
C ALA A 68 -4.64 -8.17 -4.50
N LYS A 69 -3.39 -7.76 -4.67
CA LYS A 69 -2.49 -7.48 -3.55
C LYS A 69 -3.17 -6.49 -2.60
N TYR A 70 -3.66 -5.35 -3.09
CA TYR A 70 -4.26 -4.31 -2.26
C TYR A 70 -5.56 -4.78 -1.59
N GLU A 71 -6.50 -5.31 -2.34
CA GLU A 71 -7.82 -5.64 -1.80
C GLU A 71 -7.77 -6.89 -0.91
N GLY A 72 -6.82 -7.80 -1.14
CA GLY A 72 -6.55 -8.93 -0.26
C GLY A 72 -5.95 -8.48 1.07
N LEU A 73 -5.26 -7.34 1.05
CA LEU A 73 -4.44 -6.86 2.14
C LEU A 73 -5.24 -6.46 3.36
N MET A 74 -6.53 -6.16 3.26
CA MET A 74 -7.32 -5.71 4.41
C MET A 74 -7.15 -6.69 5.57
N ALA A 75 -7.34 -7.99 5.32
CA ALA A 75 -7.27 -8.98 6.39
C ALA A 75 -5.83 -9.19 6.87
N VAL A 76 -4.84 -9.11 5.96
CA VAL A 76 -3.43 -9.27 6.32
C VAL A 76 -3.04 -8.10 7.23
N ALA A 77 -3.28 -6.88 6.75
CA ALA A 77 -3.04 -5.63 7.41
C ALA A 77 -3.62 -5.67 8.83
N LYS A 78 -4.91 -6.02 8.96
CA LYS A 78 -5.61 -6.05 10.23
C LYS A 78 -4.95 -7.01 11.22
N ALA A 79 -4.62 -8.23 10.80
CA ALA A 79 -3.96 -9.21 11.66
C ALA A 79 -2.59 -8.68 12.12
N GLN A 80 -1.86 -7.97 11.26
CA GLN A 80 -0.60 -7.37 11.64
C GLN A 80 -0.78 -6.26 12.68
N LEU A 81 -1.86 -5.47 12.65
CA LEU A 81 -2.03 -4.34 13.56
C LEU A 81 -2.35 -4.87 14.95
N MET A 82 -3.09 -5.97 15.02
CA MET A 82 -3.39 -6.69 16.24
C MET A 82 -2.14 -7.33 16.86
N ASP A 83 -0.97 -7.22 16.23
CA ASP A 83 0.28 -7.80 16.69
C ASP A 83 1.44 -6.79 16.66
N GLU A 84 1.31 -5.66 15.97
CA GLU A 84 2.27 -4.55 16.00
C GLU A 84 1.94 -3.51 17.07
N LEU A 85 0.72 -3.51 17.58
CA LEU A 85 0.26 -2.67 18.69
C LEU A 85 -0.14 -3.62 19.80
N GLY A 1 -11.11 4.38 16.46
CA GLY A 1 -11.04 4.79 15.04
C GLY A 1 -10.46 3.70 14.17
N MET A 2 -11.18 2.58 13.99
CA MET A 2 -10.65 1.39 13.35
C MET A 2 -10.30 1.67 11.89
N GLN A 3 -11.20 2.32 11.13
CA GLN A 3 -11.04 2.58 9.69
C GLN A 3 -9.65 3.10 9.33
N PHE A 4 -9.15 4.03 10.14
CA PHE A 4 -7.94 4.84 10.05
C PHE A 4 -6.73 4.05 10.47
N LYS A 5 -6.79 3.39 11.63
CA LYS A 5 -5.66 2.58 12.06
C LYS A 5 -5.47 1.43 11.08
N ALA A 6 -6.58 0.79 10.72
CA ALA A 6 -6.66 -0.18 9.66
C ALA A 6 -6.16 0.41 8.36
N GLU A 7 -6.60 1.62 7.97
CA GLU A 7 -6.19 2.26 6.72
C GLU A 7 -4.67 2.39 6.71
N ALA A 8 -4.08 2.96 7.75
CA ALA A 8 -2.65 3.17 7.84
C ALA A 8 -1.86 1.87 7.63
N ARG A 9 -2.14 0.80 8.39
CA ARG A 9 -1.37 -0.45 8.24
C ARG A 9 -1.65 -1.09 6.88
N ARG A 10 -2.87 -1.02 6.36
CA ARG A 10 -3.24 -1.51 5.03
C ARG A 10 -2.36 -0.82 3.99
N ASN A 11 -2.40 0.51 3.97
CA ASN A 11 -1.72 1.30 2.98
C ASN A 11 -0.20 1.12 3.15
N LYS A 12 0.31 1.03 4.39
CA LYS A 12 1.72 0.75 4.66
C LYS A 12 2.15 -0.60 4.09
N LEU A 13 1.35 -1.65 4.26
CA LEU A 13 1.71 -2.96 3.74
C LEU A 13 1.86 -2.97 2.21
N MET A 14 1.05 -2.22 1.45
CA MET A 14 1.16 -2.26 0.00
C MET A 14 2.53 -1.82 -0.50
N GLY A 15 2.98 -0.62 -0.11
CA GLY A 15 4.21 -0.03 -0.60
C GLY A 15 5.44 -0.85 -0.25
N LEU A 16 5.42 -1.67 0.81
CA LEU A 16 6.49 -2.60 1.10
C LEU A 16 6.63 -3.63 -0.02
N TRP A 17 5.52 -4.20 -0.48
CA TRP A 17 5.54 -5.11 -1.62
C TRP A 17 5.96 -4.36 -2.90
N VAL A 18 5.38 -3.19 -3.16
CA VAL A 18 5.72 -2.41 -4.35
C VAL A 18 7.22 -2.07 -4.37
N ALA A 19 7.82 -1.74 -3.23
CA ALA A 19 9.24 -1.45 -3.10
C ALA A 19 10.08 -2.64 -3.57
N GLU A 20 9.71 -3.86 -3.20
CA GLU A 20 10.30 -5.10 -3.69
C GLU A 20 10.19 -5.20 -5.23
N VAL A 21 9.03 -4.89 -5.81
CA VAL A 21 8.85 -4.85 -7.26
C VAL A 21 9.74 -3.77 -7.88
N LEU A 22 9.95 -2.64 -7.21
CA LEU A 22 10.79 -1.52 -7.67
C LEU A 22 12.28 -1.78 -7.48
N GLY A 23 12.68 -2.82 -6.74
CA GLY A 23 14.09 -3.04 -6.46
C GLY A 23 14.65 -2.02 -5.47
N LYS A 24 13.80 -1.46 -4.62
CA LYS A 24 14.22 -0.80 -3.39
C LYS A 24 14.77 -1.86 -2.42
N SER A 25 15.29 -1.40 -1.28
CA SER A 25 15.74 -2.28 -0.22
C SER A 25 15.96 -1.48 1.07
N GLY A 26 16.17 -2.18 2.19
CA GLY A 26 16.50 -1.57 3.46
C GLY A 26 15.39 -0.63 3.88
N ASP A 27 15.75 0.61 4.21
CA ASP A 27 14.79 1.61 4.66
C ASP A 27 14.19 2.40 3.51
N GLU A 28 14.76 2.35 2.31
CA GLU A 28 14.12 2.95 1.14
C GLU A 28 12.72 2.36 0.95
N ALA A 29 12.57 1.06 1.21
CA ALA A 29 11.30 0.38 1.19
C ALA A 29 10.31 0.93 2.22
N ASN A 30 10.81 1.37 3.38
CA ASN A 30 10.01 1.94 4.47
C ASN A 30 9.64 3.38 4.15
N ALA A 31 10.61 4.13 3.61
CA ALA A 31 10.46 5.50 3.17
C ALA A 31 9.35 5.57 2.12
N TYR A 32 9.43 4.71 1.11
CA TYR A 32 8.42 4.62 0.07
C TYR A 32 7.09 4.15 0.63
N ALA A 33 7.08 3.25 1.60
CA ALA A 33 5.84 2.81 2.23
C ALA A 33 5.10 3.95 2.97
N ALA A 34 5.75 5.09 3.22
CA ALA A 34 5.04 6.27 3.70
C ALA A 34 4.27 6.95 2.56
N GLU A 35 4.75 6.88 1.31
CA GLU A 35 4.08 7.53 0.19
C GLU A 35 2.70 6.93 -0.04
N VAL A 36 2.54 5.61 0.14
CA VAL A 36 1.30 4.91 -0.17
C VAL A 36 0.27 5.10 0.96
N VAL A 37 0.74 5.40 2.18
CA VAL A 37 -0.12 5.91 3.24
C VAL A 37 -0.54 7.33 2.88
N LYS A 38 0.35 8.11 2.26
CA LYS A 38 -0.04 9.34 1.64
C LYS A 38 -0.91 9.04 0.43
N ALA A 39 -1.39 10.12 -0.19
CA ALA A 39 -2.20 10.09 -1.38
C ALA A 39 -3.32 9.05 -1.32
N ASP A 40 -3.96 8.93 -0.15
CA ASP A 40 -5.23 8.24 0.09
C ASP A 40 -6.34 9.24 0.44
N PHE A 41 -6.00 10.53 0.51
CA PHE A 41 -6.83 11.61 0.97
C PHE A 41 -7.79 12.08 -0.14
N GLU A 42 -8.85 12.76 0.27
CA GLU A 42 -9.78 13.57 -0.53
C GLU A 42 -10.62 12.78 -1.54
N GLU A 43 -10.03 11.93 -2.38
CA GLU A 43 -10.72 11.06 -3.31
C GLU A 43 -11.55 10.02 -2.53
N ALA A 44 -12.34 9.20 -3.25
CA ALA A 44 -12.80 7.92 -2.73
C ALA A 44 -11.56 7.13 -2.30
N GLY A 45 -11.54 6.61 -1.08
CA GLY A 45 -10.37 6.20 -0.30
C GLY A 45 -9.43 5.13 -0.86
N HIS A 46 -9.53 4.75 -2.13
CA HIS A 46 -8.51 3.99 -2.85
C HIS A 46 -8.47 4.30 -4.35
N GLU A 47 -9.15 5.34 -4.84
CA GLU A 47 -9.22 5.61 -6.26
C GLU A 47 -7.90 6.21 -6.75
N ASP A 48 -7.51 7.34 -6.18
CA ASP A 48 -6.31 8.08 -6.56
C ASP A 48 -5.04 7.31 -6.16
N VAL A 49 -5.11 6.48 -5.11
CA VAL A 49 -4.06 5.54 -4.69
C VAL A 49 -3.59 4.70 -5.87
N MET A 50 -4.51 4.17 -6.68
CA MET A 50 -4.09 3.23 -7.72
C MET A 50 -3.26 3.95 -8.78
N ARG A 51 -3.62 5.17 -9.15
CA ARG A 51 -2.82 6.00 -10.03
C ARG A 51 -1.45 6.25 -9.39
N LYS A 52 -1.40 6.59 -8.10
CA LYS A 52 -0.16 6.86 -7.40
C LYS A 52 0.81 5.67 -7.51
N VAL A 53 0.35 4.44 -7.30
CA VAL A 53 1.21 3.25 -7.37
C VAL A 53 1.48 2.84 -8.82
N LEU A 54 0.50 2.94 -9.72
CA LEU A 54 0.65 2.43 -11.08
C LEU A 54 1.60 3.33 -11.87
N GLY A 55 1.47 4.66 -11.72
CA GLY A 55 2.41 5.60 -12.28
C GLY A 55 3.81 5.30 -11.74
N ASP A 56 3.94 5.17 -10.42
CA ASP A 56 5.24 4.94 -9.78
C ASP A 56 5.75 3.51 -9.99
N LEU A 57 4.97 2.61 -10.62
CA LEU A 57 5.49 1.31 -11.03
C LEU A 57 6.18 1.43 -12.37
N ASP A 58 5.95 2.50 -13.14
CA ASP A 58 6.61 2.76 -14.41
C ASP A 58 6.40 1.56 -15.35
N GLY A 59 5.19 1.00 -15.31
CA GLY A 59 4.79 -0.13 -16.15
C GLY A 59 5.42 -1.45 -15.75
N LYS A 60 6.06 -1.56 -14.58
CA LYS A 60 6.79 -2.76 -14.19
C LYS A 60 5.92 -4.01 -14.12
N ARG A 61 4.65 -3.88 -13.70
CA ARG A 61 3.74 -5.00 -13.46
C ARG A 61 2.34 -4.65 -13.93
N PRO A 62 1.52 -5.66 -14.25
CA PRO A 62 0.13 -5.45 -14.65
C PRO A 62 -0.67 -4.90 -13.48
N GLU A 63 -1.65 -4.06 -13.79
CA GLU A 63 -2.62 -3.57 -12.83
C GLU A 63 -3.27 -4.72 -12.07
N ALA A 64 -3.66 -5.80 -12.73
CA ALA A 64 -4.39 -6.86 -12.05
C ALA A 64 -3.57 -7.44 -10.89
N GLU A 65 -2.30 -7.76 -11.09
CA GLU A 65 -1.45 -8.34 -10.05
C GLU A 65 -1.26 -7.35 -8.88
N VAL A 66 -1.37 -6.05 -9.14
CA VAL A 66 -1.29 -4.95 -8.18
C VAL A 66 -2.63 -4.81 -7.44
N ARG A 67 -3.78 -4.89 -8.13
CA ARG A 67 -5.12 -4.78 -7.53
C ARG A 67 -5.30 -5.86 -6.49
N ALA A 68 -4.95 -7.09 -6.85
CA ALA A 68 -5.02 -8.24 -5.96
C ALA A 68 -4.32 -7.91 -4.66
N LYS A 69 -3.05 -7.48 -4.76
CA LYS A 69 -2.23 -7.14 -3.63
C LYS A 69 -2.86 -6.13 -2.70
N TYR A 70 -3.51 -5.09 -3.23
CA TYR A 70 -4.07 -4.03 -2.39
C TYR A 70 -5.37 -4.52 -1.74
N GLU A 71 -6.30 -5.06 -2.53
CA GLU A 71 -7.61 -5.47 -2.04
C GLU A 71 -7.47 -6.60 -1.00
N GLY A 72 -6.61 -7.59 -1.26
CA GLY A 72 -6.39 -8.72 -0.36
C GLY A 72 -5.83 -8.30 0.99
N LEU A 73 -5.10 -7.18 1.04
CA LEU A 73 -4.44 -6.72 2.24
C LEU A 73 -5.39 -6.24 3.32
N MET A 74 -6.67 -5.99 3.00
CA MET A 74 -7.59 -5.49 3.99
C MET A 74 -7.69 -6.43 5.19
N ALA A 75 -7.74 -7.74 4.93
CA ALA A 75 -7.70 -8.75 5.98
C ALA A 75 -6.31 -8.80 6.63
N VAL A 76 -5.25 -8.93 5.81
CA VAL A 76 -3.88 -9.13 6.28
C VAL A 76 -3.49 -8.02 7.25
N ALA A 77 -3.68 -6.76 6.82
CA ALA A 77 -3.26 -5.59 7.57
C ALA A 77 -3.93 -5.55 8.95
N LYS A 78 -5.21 -5.95 8.99
CA LYS A 78 -5.99 -6.01 10.22
C LYS A 78 -5.55 -7.17 11.10
N ALA A 79 -5.19 -8.33 10.55
CA ALA A 79 -4.63 -9.41 11.34
C ALA A 79 -3.34 -8.89 11.99
N GLN A 80 -2.43 -8.35 11.18
CA GLN A 80 -1.15 -7.82 11.62
C GLN A 80 -1.29 -6.81 12.76
N LEU A 81 -2.31 -5.95 12.77
CA LEU A 81 -2.43 -4.92 13.79
C LEU A 81 -2.79 -5.49 15.15
N MET A 82 -3.58 -6.56 15.18
CA MET A 82 -3.92 -7.24 16.41
C MET A 82 -2.70 -8.02 16.91
N ASP A 83 -2.00 -8.63 15.96
CA ASP A 83 -0.83 -9.48 16.14
C ASP A 83 0.41 -8.68 16.53
N GLU A 84 0.50 -7.39 16.17
CA GLU A 84 1.68 -6.54 16.41
C GLU A 84 1.88 -6.13 17.87
N LEU A 85 0.81 -6.21 18.66
CA LEU A 85 0.78 -5.72 20.03
C LEU A 85 1.41 -6.77 20.92
N GLY A 1 -15.08 0.34 14.63
CA GLY A 1 -14.45 1.63 14.35
C GLY A 1 -13.19 1.42 13.53
N MET A 2 -12.02 1.45 14.17
CA MET A 2 -10.68 1.05 13.70
C MET A 2 -10.18 1.58 12.34
N GLN A 3 -10.94 2.43 11.64
CA GLN A 3 -10.75 2.79 10.24
C GLN A 3 -9.38 3.39 9.93
N PHE A 4 -8.79 4.08 10.91
CA PHE A 4 -7.56 4.89 10.91
C PHE A 4 -6.38 4.05 11.35
N LYS A 5 -6.56 3.23 12.39
CA LYS A 5 -5.57 2.22 12.72
C LYS A 5 -5.38 1.34 11.50
N ALA A 6 -6.49 0.85 10.96
CA ALA A 6 -6.52 0.03 9.77
C ALA A 6 -6.04 0.78 8.53
N GLU A 7 -6.17 2.11 8.44
CA GLU A 7 -5.82 2.86 7.23
C GLU A 7 -4.33 2.63 6.93
N ALA A 8 -3.48 2.99 7.89
CA ALA A 8 -2.09 3.23 7.54
C ALA A 8 -1.35 1.90 7.47
N ARG A 9 -1.86 0.84 8.10
CA ARG A 9 -1.27 -0.49 7.93
C ARG A 9 -1.67 -1.10 6.59
N ARG A 10 -2.91 -0.88 6.12
CA ARG A 10 -3.31 -1.28 4.77
C ARG A 10 -2.34 -0.62 3.80
N ASN A 11 -2.26 0.70 3.86
CA ASN A 11 -1.50 1.50 2.92
C ASN A 11 0.01 1.17 3.02
N LYS A 12 0.60 1.12 4.23
CA LYS A 12 2.02 0.77 4.41
C LYS A 12 2.35 -0.59 3.80
N LEU A 13 1.57 -1.64 4.11
CA LEU A 13 1.86 -2.98 3.64
C LEU A 13 1.88 -3.06 2.11
N MET A 14 0.99 -2.32 1.44
CA MET A 14 1.00 -2.26 0.00
C MET A 14 2.35 -1.72 -0.47
N GLY A 15 2.75 -0.57 0.08
CA GLY A 15 4.00 0.07 -0.26
C GLY A 15 5.20 -0.86 -0.12
N LEU A 16 5.22 -1.77 0.85
CA LEU A 16 6.31 -2.70 1.03
C LEU A 16 6.40 -3.73 -0.10
N TRP A 17 5.26 -4.31 -0.56
CA TRP A 17 5.27 -5.21 -1.73
C TRP A 17 5.78 -4.46 -2.94
N VAL A 18 5.29 -3.24 -3.16
CA VAL A 18 5.67 -2.42 -4.29
C VAL A 18 7.16 -2.09 -4.23
N ALA A 19 7.67 -1.63 -3.09
CA ALA A 19 9.08 -1.30 -2.89
C ALA A 19 9.95 -2.50 -3.27
N GLU A 20 9.57 -3.70 -2.85
CA GLU A 20 10.23 -4.96 -3.19
C GLU A 20 10.20 -5.23 -4.71
N VAL A 21 9.07 -4.98 -5.39
CA VAL A 21 8.94 -5.08 -6.84
C VAL A 21 9.82 -4.04 -7.56
N LEU A 22 9.98 -2.85 -6.99
CA LEU A 22 10.87 -1.79 -7.47
C LEU A 22 12.34 -2.09 -7.13
N GLY A 23 12.60 -3.13 -6.33
CA GLY A 23 13.95 -3.45 -5.87
C GLY A 23 14.46 -2.47 -4.82
N LYS A 24 13.61 -1.57 -4.29
CA LYS A 24 13.97 -0.72 -3.16
C LYS A 24 14.24 -1.63 -1.96
N SER A 25 15.12 -1.17 -1.08
CA SER A 25 15.58 -1.96 0.06
C SER A 25 15.93 -1.01 1.19
N GLY A 26 16.07 -1.57 2.40
CA GLY A 26 16.33 -0.81 3.61
C GLY A 26 15.34 0.32 3.76
N ASP A 27 15.83 1.51 4.06
CA ASP A 27 14.98 2.62 4.46
C ASP A 27 14.26 3.29 3.30
N GLU A 28 14.73 3.10 2.07
CA GLU A 28 13.99 3.41 0.85
C GLU A 28 12.64 2.69 0.86
N ALA A 29 12.61 1.41 1.25
CA ALA A 29 11.36 0.65 1.31
C ALA A 29 10.42 1.15 2.41
N ASN A 30 10.95 1.86 3.42
CA ASN A 30 10.16 2.49 4.48
C ASN A 30 9.63 3.83 3.94
N ALA A 31 10.52 4.62 3.33
CA ALA A 31 10.21 5.93 2.75
C ALA A 31 9.08 5.79 1.74
N TYR A 32 9.22 4.87 0.78
CA TYR A 32 8.20 4.62 -0.22
C TYR A 32 6.86 4.25 0.43
N ALA A 33 6.89 3.39 1.45
CA ALA A 33 5.69 2.98 2.16
C ALA A 33 5.02 4.13 2.92
N ALA A 34 5.64 5.31 3.06
CA ALA A 34 4.98 6.51 3.54
C ALA A 34 4.21 7.22 2.43
N GLU A 35 4.72 7.22 1.20
CA GLU A 35 4.02 7.85 0.07
C GLU A 35 2.67 7.19 -0.15
N VAL A 36 2.61 5.87 -0.02
CA VAL A 36 1.38 5.12 -0.29
C VAL A 36 0.28 5.45 0.73
N VAL A 37 0.66 5.92 1.93
CA VAL A 37 -0.29 6.39 2.94
C VAL A 37 -0.91 7.73 2.54
N LYS A 38 -0.35 8.39 1.54
CA LYS A 38 -0.71 9.68 0.97
C LYS A 38 -1.31 9.46 -0.43
N ALA A 39 -2.57 9.02 -0.46
CA ALA A 39 -3.43 8.99 -1.64
C ALA A 39 -4.87 8.61 -1.25
N ASP A 40 -5.00 7.71 -0.28
CA ASP A 40 -6.26 7.20 0.30
C ASP A 40 -7.24 8.30 0.69
N PHE A 41 -6.75 9.49 1.06
CA PHE A 41 -7.54 10.63 1.50
C PHE A 41 -7.62 11.79 0.50
N GLU A 42 -6.95 11.70 -0.65
CA GLU A 42 -6.84 12.82 -1.57
C GLU A 42 -8.14 13.03 -2.32
N GLU A 43 -8.75 11.93 -2.76
CA GLU A 43 -9.75 11.88 -3.80
C GLU A 43 -10.85 10.89 -3.40
N ALA A 44 -11.87 10.76 -4.23
CA ALA A 44 -12.94 9.79 -4.09
C ALA A 44 -12.38 8.36 -4.18
N GLY A 45 -12.34 7.69 -3.03
CA GLY A 45 -12.06 6.28 -2.93
C GLY A 45 -10.62 5.91 -3.25
N HIS A 46 -10.30 4.64 -3.04
CA HIS A 46 -8.97 4.07 -3.25
C HIS A 46 -8.68 3.82 -4.74
N GLU A 47 -9.23 4.60 -5.66
CA GLU A 47 -8.74 4.62 -7.04
C GLU A 47 -7.51 5.52 -7.15
N ASP A 48 -7.43 6.61 -6.38
CA ASP A 48 -6.31 7.53 -6.48
C ASP A 48 -5.02 6.87 -6.01
N VAL A 49 -5.13 5.98 -5.02
CA VAL A 49 -4.08 5.05 -4.59
C VAL A 49 -3.56 4.21 -5.77
N MET A 50 -4.43 3.82 -6.71
CA MET A 50 -4.05 2.98 -7.84
C MET A 50 -3.24 3.82 -8.82
N ARG A 51 -3.63 5.05 -9.16
CA ARG A 51 -2.83 5.90 -10.02
C ARG A 51 -1.44 6.15 -9.43
N LYS A 52 -1.35 6.38 -8.12
CA LYS A 52 -0.08 6.55 -7.41
C LYS A 52 0.80 5.34 -7.69
N VAL A 53 0.33 4.14 -7.36
CA VAL A 53 1.20 2.97 -7.44
C VAL A 53 1.49 2.64 -8.89
N LEU A 54 0.52 2.76 -9.79
CA LEU A 54 0.73 2.41 -11.19
C LEU A 54 1.76 3.35 -11.82
N GLY A 55 1.73 4.64 -11.45
CA GLY A 55 2.70 5.62 -11.91
C GLY A 55 4.10 5.33 -11.37
N ASP A 56 4.25 5.04 -10.07
CA ASP A 56 5.56 4.73 -9.49
C ASP A 56 6.04 3.34 -9.92
N LEU A 57 5.13 2.44 -10.35
CA LEU A 57 5.48 1.14 -10.91
C LEU A 57 5.99 1.32 -12.32
N ASP A 58 5.54 2.31 -13.07
CA ASP A 58 6.12 2.70 -14.36
C ASP A 58 6.07 1.56 -15.40
N GLY A 59 5.14 0.62 -15.23
CA GLY A 59 4.98 -0.55 -16.07
C GLY A 59 5.58 -1.82 -15.47
N LYS A 60 6.07 -1.81 -14.22
CA LYS A 60 6.79 -2.94 -13.65
C LYS A 60 5.85 -4.13 -13.38
N ARG A 61 4.55 -3.89 -13.18
CA ARG A 61 3.57 -4.93 -12.87
C ARG A 61 2.21 -4.55 -13.46
N PRO A 62 1.42 -5.54 -13.91
CA PRO A 62 0.08 -5.32 -14.40
C PRO A 62 -0.82 -4.81 -13.27
N GLU A 63 -1.73 -3.88 -13.59
CA GLU A 63 -2.72 -3.40 -12.64
C GLU A 63 -3.48 -4.56 -12.01
N ALA A 64 -3.75 -5.65 -12.73
CA ALA A 64 -4.43 -6.84 -12.22
C ALA A 64 -3.75 -7.38 -10.96
N GLU A 65 -2.44 -7.61 -10.98
CA GLU A 65 -1.70 -8.13 -9.83
C GLU A 65 -1.67 -7.12 -8.69
N VAL A 66 -1.55 -5.84 -9.05
CA VAL A 66 -1.33 -4.70 -8.18
C VAL A 66 -2.62 -4.41 -7.40
N ARG A 67 -3.77 -4.28 -8.05
CA ARG A 67 -5.05 -4.00 -7.42
C ARG A 67 -5.41 -5.10 -6.43
N ALA A 68 -5.15 -6.36 -6.79
CA ALA A 68 -5.39 -7.51 -5.94
C ALA A 68 -4.61 -7.41 -4.63
N LYS A 69 -3.32 -7.06 -4.70
CA LYS A 69 -2.48 -6.79 -3.57
C LYS A 69 -3.13 -5.82 -2.58
N TYR A 70 -3.57 -4.66 -3.06
CA TYR A 70 -4.13 -3.62 -2.21
C TYR A 70 -5.46 -4.07 -1.62
N GLU A 71 -6.42 -4.47 -2.46
CA GLU A 71 -7.76 -4.87 -2.06
C GLU A 71 -7.73 -6.01 -1.05
N GLY A 72 -6.81 -6.97 -1.22
CA GLY A 72 -6.71 -8.11 -0.32
C GLY A 72 -6.20 -7.71 1.07
N LEU A 73 -5.45 -6.61 1.16
CA LEU A 73 -4.63 -6.26 2.30
C LEU A 73 -5.43 -5.78 3.49
N MET A 74 -6.71 -5.42 3.32
CA MET A 74 -7.52 -4.90 4.41
C MET A 74 -7.48 -5.84 5.63
N ALA A 75 -7.73 -7.13 5.40
CA ALA A 75 -7.73 -8.10 6.48
C ALA A 75 -6.32 -8.51 6.90
N VAL A 76 -5.34 -8.54 5.97
CA VAL A 76 -3.93 -8.81 6.32
C VAL A 76 -3.47 -7.75 7.31
N ALA A 77 -3.66 -6.49 6.95
CA ALA A 77 -3.22 -5.36 7.71
C ALA A 77 -3.85 -5.38 9.11
N LYS A 78 -5.14 -5.70 9.20
CA LYS A 78 -5.84 -5.81 10.47
C LYS A 78 -5.38 -7.01 11.30
N ALA A 79 -4.96 -8.11 10.67
CA ALA A 79 -4.34 -9.22 11.39
C ALA A 79 -3.04 -8.71 11.99
N GLN A 80 -2.19 -8.06 11.20
CA GLN A 80 -0.87 -7.60 11.65
C GLN A 80 -0.97 -6.64 12.84
N LEU A 81 -1.97 -5.75 12.88
CA LEU A 81 -2.13 -4.79 13.97
C LEU A 81 -2.43 -5.50 15.28
N MET A 82 -3.17 -6.61 15.23
CA MET A 82 -3.43 -7.44 16.40
C MET A 82 -2.23 -8.32 16.72
N ASP A 83 -1.51 -8.79 15.71
CA ASP A 83 -0.30 -9.59 15.84
C ASP A 83 0.82 -8.75 16.49
N GLU A 84 0.88 -7.46 16.19
CA GLU A 84 1.89 -6.52 16.70
C GLU A 84 1.57 -5.97 18.08
N LEU A 85 0.43 -6.32 18.68
CA LEU A 85 0.15 -6.02 20.09
C LEU A 85 1.10 -6.85 20.92
N GLY A 1 -13.75 5.04 14.26
CA GLY A 1 -13.42 5.03 12.83
C GLY A 1 -12.24 4.13 12.52
N MET A 2 -12.50 2.86 12.19
CA MET A 2 -11.48 1.87 11.86
C MET A 2 -10.69 2.22 10.59
N GLN A 3 -11.21 3.12 9.74
CA GLN A 3 -10.66 3.62 8.46
C GLN A 3 -9.29 4.32 8.58
N PHE A 4 -8.58 4.15 9.69
CA PHE A 4 -7.27 4.73 9.98
C PHE A 4 -6.33 3.57 10.27
N LYS A 5 -6.58 2.87 11.37
CA LYS A 5 -5.80 1.70 11.75
C LYS A 5 -5.83 0.60 10.69
N ALA A 6 -6.82 0.59 9.79
CA ALA A 6 -6.94 -0.36 8.69
C ALA A 6 -6.65 0.21 7.30
N GLU A 7 -6.41 1.52 7.20
CA GLU A 7 -5.93 2.24 6.07
C GLU A 7 -4.40 2.13 6.16
N ALA A 8 -3.82 2.76 7.18
CA ALA A 8 -2.37 2.99 7.23
C ALA A 8 -1.58 1.68 7.16
N ARG A 9 -2.01 0.64 7.90
CA ARG A 9 -1.27 -0.63 7.92
C ARG A 9 -1.41 -1.37 6.58
N ARG A 10 -2.54 -1.20 5.87
CA ARG A 10 -2.76 -1.75 4.54
C ARG A 10 -1.78 -1.09 3.59
N ASN A 11 -1.78 0.24 3.57
CA ASN A 11 -0.97 1.04 2.68
C ASN A 11 0.52 0.78 2.92
N LYS A 12 0.94 0.70 4.18
CA LYS A 12 2.33 0.38 4.55
C LYS A 12 2.77 -0.95 3.95
N LEU A 13 2.03 -2.03 4.22
CA LEU A 13 2.37 -3.36 3.69
C LEU A 13 2.36 -3.38 2.15
N MET A 14 1.39 -2.69 1.52
CA MET A 14 1.33 -2.57 0.05
C MET A 14 2.63 -1.96 -0.46
N GLY A 15 3.04 -0.83 0.14
CA GLY A 15 4.28 -0.17 -0.20
C GLY A 15 5.47 -1.12 -0.22
N LEU A 16 5.60 -2.01 0.77
CA LEU A 16 6.74 -2.91 0.84
C LEU A 16 6.77 -3.90 -0.33
N TRP A 17 5.61 -4.34 -0.85
CA TRP A 17 5.56 -5.14 -2.07
C TRP A 17 5.94 -4.28 -3.28
N VAL A 18 5.36 -3.09 -3.43
CA VAL A 18 5.65 -2.20 -4.55
C VAL A 18 7.15 -1.89 -4.62
N ALA A 19 7.73 -1.50 -3.49
CA ALA A 19 9.14 -1.20 -3.32
C ALA A 19 9.99 -2.38 -3.80
N GLU A 20 9.66 -3.60 -3.36
CA GLU A 20 10.35 -4.81 -3.76
C GLU A 20 10.23 -5.03 -5.27
N VAL A 21 9.03 -4.96 -5.84
CA VAL A 21 8.80 -5.09 -7.28
C VAL A 21 9.65 -4.05 -8.04
N LEU A 22 9.72 -2.81 -7.56
CA LEU A 22 10.55 -1.77 -8.16
C LEU A 22 12.03 -2.15 -8.13
N GLY A 23 12.49 -2.78 -7.05
CA GLY A 23 13.92 -3.01 -6.78
C GLY A 23 14.45 -2.06 -5.71
N LYS A 24 13.59 -1.43 -4.91
CA LYS A 24 14.00 -0.80 -3.66
C LYS A 24 14.28 -1.91 -2.65
N SER A 25 15.00 -1.54 -1.61
CA SER A 25 15.42 -2.41 -0.50
C SER A 25 15.78 -1.46 0.65
N GLY A 26 16.59 -1.88 1.61
CA GLY A 26 17.26 -0.94 2.51
C GLY A 26 16.25 -0.13 3.32
N ASP A 27 16.54 1.15 3.55
CA ASP A 27 15.60 2.05 4.25
C ASP A 27 14.80 2.90 3.27
N GLU A 28 15.25 2.93 2.04
CA GLU A 28 14.61 3.36 0.83
C GLU A 28 13.17 2.80 0.78
N ALA A 29 13.04 1.47 0.85
CA ALA A 29 11.75 0.80 0.86
C ALA A 29 10.92 1.19 2.07
N ASN A 30 11.56 1.50 3.19
CA ASN A 30 10.90 1.81 4.44
C ASN A 30 10.36 3.23 4.41
N ALA A 31 11.02 4.13 3.68
CA ALA A 31 10.52 5.46 3.36
C ALA A 31 9.36 5.35 2.38
N TYR A 32 9.51 4.55 1.31
CA TYR A 32 8.50 4.43 0.25
C TYR A 32 7.13 4.07 0.82
N ALA A 33 7.09 3.20 1.84
CA ALA A 33 5.85 2.76 2.46
C ALA A 33 5.03 3.95 2.99
N ALA A 34 5.69 5.03 3.41
CA ALA A 34 5.01 6.24 3.87
C ALA A 34 4.30 6.96 2.73
N GLU A 35 4.86 6.96 1.52
CA GLU A 35 4.22 7.60 0.37
C GLU A 35 2.87 6.95 0.14
N VAL A 36 2.81 5.62 0.20
CA VAL A 36 1.59 4.86 -0.04
C VAL A 36 0.52 5.15 1.02
N VAL A 37 0.91 5.52 2.24
CA VAL A 37 0.00 5.87 3.32
C VAL A 37 -0.62 7.25 3.10
N LYS A 38 0.08 8.11 2.38
CA LYS A 38 -0.48 9.33 1.83
C LYS A 38 -1.40 8.99 0.65
N ALA A 39 -2.04 10.02 0.10
CA ALA A 39 -2.97 9.95 -1.02
C ALA A 39 -4.08 8.89 -0.90
N ASP A 40 -4.50 8.53 0.31
CA ASP A 40 -5.66 7.68 0.59
C ASP A 40 -6.72 8.56 1.27
N PHE A 41 -6.97 9.73 0.67
CA PHE A 41 -7.74 10.81 1.24
C PHE A 41 -8.39 11.64 0.13
N GLU A 42 -9.48 12.32 0.48
CA GLU A 42 -10.14 13.38 -0.28
C GLU A 42 -10.90 12.85 -1.52
N GLU A 43 -10.55 11.70 -2.06
CA GLU A 43 -11.40 10.86 -2.91
C GLU A 43 -12.50 10.16 -2.07
N ALA A 44 -13.16 9.13 -2.63
CA ALA A 44 -14.06 8.25 -1.90
C ALA A 44 -13.67 6.79 -2.15
N GLY A 45 -12.56 6.32 -1.59
CA GLY A 45 -12.05 4.97 -1.81
C GLY A 45 -10.56 5.02 -2.07
N HIS A 46 -10.05 4.07 -2.85
CA HIS A 46 -8.61 3.92 -3.08
C HIS A 46 -8.21 4.39 -4.49
N GLU A 47 -9.04 5.22 -5.11
CA GLU A 47 -8.89 5.73 -6.46
C GLU A 47 -7.50 6.39 -6.61
N ASP A 48 -7.17 7.30 -5.68
CA ASP A 48 -5.99 8.14 -5.73
C ASP A 48 -4.72 7.34 -5.39
N VAL A 49 -4.80 6.43 -4.40
CA VAL A 49 -3.80 5.41 -4.08
C VAL A 49 -3.45 4.62 -5.33
N MET A 50 -4.47 4.04 -5.98
CA MET A 50 -4.25 3.18 -7.12
C MET A 50 -3.54 3.97 -8.21
N ARG A 51 -4.07 5.13 -8.59
CA ARG A 51 -3.47 5.92 -9.63
C ARG A 51 -2.01 6.26 -9.30
N LYS A 52 -1.68 6.54 -8.03
CA LYS A 52 -0.30 6.81 -7.60
C LYS A 52 0.57 5.61 -7.91
N VAL A 53 0.25 4.44 -7.35
CA VAL A 53 1.10 3.27 -7.42
C VAL A 53 1.20 2.78 -8.87
N LEU A 54 0.14 2.95 -9.66
CA LEU A 54 0.08 2.48 -11.04
C LEU A 54 1.00 3.32 -11.91
N GLY A 55 0.99 4.64 -11.72
CA GLY A 55 1.93 5.53 -12.39
C GLY A 55 3.35 5.15 -12.01
N ASP A 56 3.62 5.06 -10.71
CA ASP A 56 4.96 4.85 -10.16
C ASP A 56 5.46 3.42 -10.39
N LEU A 57 4.68 2.48 -10.95
CA LEU A 57 5.21 1.19 -11.38
C LEU A 57 5.86 1.28 -12.77
N ASP A 58 5.48 2.26 -13.58
CA ASP A 58 5.87 2.37 -14.99
C ASP A 58 5.55 1.08 -15.76
N GLY A 59 4.39 0.47 -15.48
CA GLY A 59 3.97 -0.78 -16.11
C GLY A 59 4.85 -1.97 -15.77
N LYS A 60 5.56 -1.96 -14.63
CA LYS A 60 6.34 -3.12 -14.17
C LYS A 60 5.49 -4.38 -13.98
N ARG A 61 4.20 -4.23 -13.68
CA ARG A 61 3.23 -5.31 -13.48
C ARG A 61 1.87 -4.81 -13.95
N PRO A 62 0.94 -5.70 -14.30
CA PRO A 62 -0.41 -5.33 -14.70
C PRO A 62 -1.19 -4.71 -13.55
N GLU A 63 -2.06 -3.75 -13.90
CA GLU A 63 -3.03 -3.15 -12.99
C GLU A 63 -3.81 -4.20 -12.21
N ALA A 64 -4.22 -5.29 -12.88
CA ALA A 64 -4.98 -6.38 -12.29
C ALA A 64 -4.30 -6.98 -11.05
N GLU A 65 -3.00 -7.28 -11.12
CA GLU A 65 -2.25 -7.83 -9.99
C GLU A 65 -2.25 -6.84 -8.82
N VAL A 66 -2.04 -5.56 -9.12
CA VAL A 66 -1.90 -4.51 -8.11
C VAL A 66 -3.18 -4.42 -7.27
N ARG A 67 -4.36 -4.45 -7.90
CA ARG A 67 -5.64 -4.42 -7.17
C ARG A 67 -5.67 -5.60 -6.22
N ALA A 68 -5.47 -6.80 -6.77
CA ALA A 68 -5.57 -8.04 -6.02
C ALA A 68 -4.64 -8.08 -4.82
N LYS A 69 -3.38 -7.63 -4.96
CA LYS A 69 -2.43 -7.51 -3.86
C LYS A 69 -3.06 -6.67 -2.75
N TYR A 70 -3.46 -5.45 -3.10
CA TYR A 70 -3.90 -4.43 -2.17
C TYR A 70 -5.21 -4.82 -1.47
N GLU A 71 -6.24 -5.17 -2.23
CA GLU A 71 -7.54 -5.54 -1.72
C GLU A 71 -7.43 -6.80 -0.83
N GLY A 72 -6.53 -7.73 -1.19
CA GLY A 72 -6.25 -8.93 -0.43
C GLY A 72 -5.60 -8.61 0.92
N LEU A 73 -4.82 -7.54 0.97
CA LEU A 73 -4.05 -7.13 2.13
C LEU A 73 -4.92 -6.62 3.26
N MET A 74 -6.20 -6.30 3.05
CA MET A 74 -7.07 -5.87 4.14
C MET A 74 -7.00 -6.89 5.29
N ALA A 75 -7.03 -8.19 5.00
CA ALA A 75 -6.93 -9.22 6.03
C ALA A 75 -5.56 -9.18 6.72
N VAL A 76 -4.47 -9.16 5.94
CA VAL A 76 -3.10 -9.27 6.47
C VAL A 76 -2.82 -8.04 7.35
N ALA A 77 -3.19 -6.86 6.84
CA ALA A 77 -3.03 -5.58 7.49
C ALA A 77 -3.77 -5.57 8.82
N LYS A 78 -5.03 -6.02 8.85
CA LYS A 78 -5.82 -6.01 10.06
C LYS A 78 -5.25 -6.97 11.09
N ALA A 79 -4.87 -8.18 10.68
CA ALA A 79 -4.22 -9.12 11.59
C ALA A 79 -2.94 -8.53 12.17
N GLN A 80 -2.14 -7.79 11.39
CA GLN A 80 -0.97 -7.11 11.93
C GLN A 80 -1.34 -6.00 12.90
N LEU A 81 -2.43 -5.25 12.72
CA LEU A 81 -2.79 -4.19 13.65
C LEU A 81 -3.21 -4.81 14.99
N MET A 82 -3.96 -5.91 14.95
CA MET A 82 -4.39 -6.58 16.15
C MET A 82 -3.17 -7.09 16.94
N ASP A 83 -2.20 -7.65 16.22
CA ASP A 83 -0.99 -8.27 16.73
C ASP A 83 0.10 -7.26 17.09
N GLU A 84 0.05 -6.03 16.57
CA GLU A 84 1.11 -5.03 16.84
C GLU A 84 1.19 -4.64 18.33
N LEU A 85 0.13 -4.91 19.08
CA LEU A 85 -0.18 -4.42 20.42
C LEU A 85 -0.12 -2.91 20.46
N GLY A 1 -13.72 3.25 15.22
CA GLY A 1 -13.89 1.99 14.48
C GLY A 1 -12.52 1.40 14.15
N MET A 2 -12.48 0.25 13.48
CA MET A 2 -11.22 -0.32 12.99
C MET A 2 -10.76 0.32 11.68
N GLN A 3 -11.59 1.14 11.03
CA GLN A 3 -11.34 1.84 9.78
C GLN A 3 -10.15 2.82 9.82
N PHE A 4 -9.37 2.90 10.92
CA PHE A 4 -8.23 3.79 11.08
C PHE A 4 -6.96 3.06 11.52
N LYS A 5 -7.03 2.19 12.51
CA LYS A 5 -5.89 1.31 12.77
C LYS A 5 -5.58 0.46 11.54
N ALA A 6 -6.58 0.09 10.74
CA ALA A 6 -6.37 -0.62 9.49
C ALA A 6 -5.89 0.28 8.36
N GLU A 7 -6.23 1.58 8.36
CA GLU A 7 -6.12 2.46 7.18
C GLU A 7 -4.67 2.55 6.73
N ALA A 8 -3.81 3.03 7.63
CA ALA A 8 -2.45 3.31 7.24
C ALA A 8 -1.60 2.06 7.32
N ARG A 9 -2.03 1.02 8.03
CA ARG A 9 -1.36 -0.28 7.94
C ARG A 9 -1.58 -0.87 6.56
N ARG A 10 -2.81 -0.82 6.02
CA ARG A 10 -3.15 -1.29 4.69
C ARG A 10 -2.29 -0.51 3.70
N ASN A 11 -2.36 0.82 3.70
CA ASN A 11 -1.66 1.64 2.71
C ASN A 11 -0.14 1.48 2.83
N LYS A 12 0.43 1.50 4.04
CA LYS A 12 1.86 1.26 4.26
C LYS A 12 2.29 -0.11 3.71
N LEU A 13 1.59 -1.20 4.07
CA LEU A 13 1.93 -2.55 3.62
C LEU A 13 2.05 -2.60 2.10
N MET A 14 1.09 -2.02 1.38
CA MET A 14 1.11 -1.99 -0.07
C MET A 14 2.40 -1.33 -0.56
N GLY A 15 2.80 -0.22 0.07
CA GLY A 15 4.06 0.45 -0.20
C GLY A 15 5.26 -0.50 -0.10
N LEU A 16 5.37 -1.35 0.93
CA LEU A 16 6.49 -2.27 1.05
C LEU A 16 6.50 -3.28 -0.10
N TRP A 17 5.33 -3.78 -0.51
CA TRP A 17 5.23 -4.69 -1.64
C TRP A 17 5.70 -4.00 -2.91
N VAL A 18 5.10 -2.85 -3.25
CA VAL A 18 5.42 -2.08 -4.46
C VAL A 18 6.91 -1.73 -4.48
N ALA A 19 7.48 -1.31 -3.34
CA ALA A 19 8.88 -0.99 -3.21
C ALA A 19 9.75 -2.18 -3.65
N GLU A 20 9.45 -3.39 -3.19
CA GLU A 20 10.20 -4.56 -3.61
C GLU A 20 9.99 -4.86 -5.10
N VAL A 21 8.79 -4.60 -5.66
CA VAL A 21 8.58 -4.72 -7.10
C VAL A 21 9.47 -3.72 -7.86
N LEU A 22 9.70 -2.51 -7.33
CA LEU A 22 10.62 -1.53 -7.89
C LEU A 22 12.10 -1.92 -7.72
N GLY A 23 12.44 -2.81 -6.80
CA GLY A 23 13.83 -3.13 -6.45
C GLY A 23 14.37 -2.24 -5.32
N LYS A 24 13.51 -1.51 -4.61
CA LYS A 24 13.90 -0.82 -3.39
C LYS A 24 14.25 -1.85 -2.32
N SER A 25 14.94 -1.39 -1.29
CA SER A 25 15.35 -2.17 -0.13
C SER A 25 14.99 -1.44 1.15
N GLY A 26 15.34 -1.96 2.32
CA GLY A 26 14.64 -1.75 3.58
C GLY A 26 14.20 -0.33 3.87
N ASP A 27 15.16 0.54 4.16
CA ASP A 27 14.86 1.89 4.63
C ASP A 27 14.25 2.70 3.48
N GLU A 28 14.71 2.44 2.26
CA GLU A 28 14.19 2.94 0.99
C GLU A 28 12.69 2.62 0.85
N ALA A 29 12.35 1.36 1.09
CA ALA A 29 11.03 0.78 0.93
C ALA A 29 10.08 1.33 1.99
N ASN A 30 10.61 1.61 3.18
CA ASN A 30 9.87 2.17 4.31
C ASN A 30 9.58 3.64 4.06
N ALA A 31 10.55 4.38 3.51
CA ALA A 31 10.37 5.75 3.07
C ALA A 31 9.31 5.80 1.98
N TYR A 32 9.37 4.87 1.01
CA TYR A 32 8.36 4.82 -0.04
C TYR A 32 6.98 4.54 0.56
N ALA A 33 6.91 3.65 1.55
CA ALA A 33 5.69 3.32 2.26
C ALA A 33 5.14 4.46 3.13
N ALA A 34 5.72 5.66 3.12
CA ALA A 34 5.08 6.87 3.61
C ALA A 34 4.50 7.71 2.46
N GLU A 35 5.01 7.58 1.23
CA GLU A 35 4.49 8.28 0.06
C GLU A 35 3.07 7.80 -0.24
N VAL A 36 2.85 6.49 -0.11
CA VAL A 36 1.58 5.77 -0.32
C VAL A 36 0.54 6.09 0.79
N VAL A 37 0.95 6.82 1.82
CA VAL A 37 0.23 7.16 3.05
C VAL A 37 0.00 8.68 3.13
N LYS A 38 0.55 9.39 2.15
CA LYS A 38 0.36 10.79 1.83
C LYS A 38 -0.58 10.96 0.60
N ALA A 39 -1.11 9.89 0.01
CA ALA A 39 -1.78 9.92 -1.27
C ALA A 39 -3.04 9.06 -1.25
N ASP A 40 -3.91 9.36 -0.30
CA ASP A 40 -5.03 8.55 0.13
C ASP A 40 -6.04 9.46 0.83
N PHE A 41 -6.19 10.68 0.28
CA PHE A 41 -6.89 11.79 0.91
C PHE A 41 -7.97 12.32 -0.03
N GLU A 42 -7.62 13.05 -1.10
CA GLU A 42 -8.59 13.78 -1.93
C GLU A 42 -9.46 12.87 -2.82
N GLU A 43 -9.11 11.61 -2.93
CA GLU A 43 -9.84 10.58 -3.68
C GLU A 43 -11.20 10.27 -3.03
N ALA A 44 -11.95 9.35 -3.63
CA ALA A 44 -13.29 8.96 -3.22
C ALA A 44 -13.50 7.45 -3.16
N GLY A 45 -12.42 6.67 -3.11
CA GLY A 45 -12.49 5.21 -3.02
C GLY A 45 -11.24 4.52 -3.53
N HIS A 46 -10.10 4.76 -2.87
CA HIS A 46 -8.84 4.05 -3.05
C HIS A 46 -8.49 3.86 -4.52
N GLU A 47 -8.20 4.96 -5.20
CA GLU A 47 -8.13 5.07 -6.65
C GLU A 47 -6.89 5.88 -7.04
N ASP A 48 -6.67 7.01 -6.36
CA ASP A 48 -5.43 7.76 -6.49
C ASP A 48 -4.29 6.94 -5.91
N VAL A 49 -4.57 6.19 -4.85
CA VAL A 49 -3.70 5.15 -4.32
C VAL A 49 -3.30 4.17 -5.44
N MET A 50 -4.24 3.76 -6.31
CA MET A 50 -3.92 2.87 -7.42
C MET A 50 -3.05 3.63 -8.42
N ARG A 51 -3.49 4.80 -8.91
CA ARG A 51 -2.76 5.54 -9.91
C ARG A 51 -1.34 5.86 -9.47
N LYS A 52 -1.14 6.13 -8.17
CA LYS A 52 0.17 6.35 -7.61
C LYS A 52 1.06 5.14 -7.89
N VAL A 53 0.68 3.97 -7.40
CA VAL A 53 1.54 2.80 -7.48
C VAL A 53 1.69 2.36 -8.93
N LEU A 54 0.63 2.46 -9.74
CA LEU A 54 0.68 2.03 -11.13
C LEU A 54 1.62 2.94 -11.92
N GLY A 55 1.58 4.26 -11.69
CA GLY A 55 2.50 5.20 -12.29
C GLY A 55 3.93 4.93 -11.81
N ASP A 56 4.12 4.76 -10.51
CA ASP A 56 5.44 4.50 -9.92
C ASP A 56 6.01 3.17 -10.43
N LEU A 57 5.17 2.18 -10.72
CA LEU A 57 5.54 0.89 -11.30
C LEU A 57 5.99 1.01 -12.76
N ASP A 58 5.65 2.09 -13.47
CA ASP A 58 6.06 2.40 -14.85
C ASP A 58 5.46 1.46 -15.89
N GLY A 59 4.76 0.41 -15.46
CA GLY A 59 4.35 -0.74 -16.26
C GLY A 59 4.98 -2.06 -15.80
N LYS A 60 5.53 -2.14 -14.58
CA LYS A 60 6.18 -3.35 -14.07
C LYS A 60 5.22 -4.50 -13.85
N ARG A 61 3.99 -4.28 -13.33
CA ARG A 61 3.09 -5.37 -12.97
C ARG A 61 1.65 -5.04 -13.34
N PRO A 62 0.86 -6.04 -13.76
CA PRO A 62 -0.47 -5.80 -14.28
C PRO A 62 -1.37 -5.23 -13.19
N GLU A 63 -2.24 -4.30 -13.57
CA GLU A 63 -3.16 -3.66 -12.64
C GLU A 63 -4.04 -4.69 -11.93
N ALA A 64 -4.36 -5.81 -12.59
CA ALA A 64 -5.05 -6.93 -11.94
C ALA A 64 -4.30 -7.44 -10.69
N GLU A 65 -3.01 -7.80 -10.82
CA GLU A 65 -2.18 -8.23 -9.70
C GLU A 65 -2.13 -7.12 -8.66
N VAL A 66 -1.77 -5.91 -9.07
CA VAL A 66 -1.51 -4.78 -8.20
C VAL A 66 -2.75 -4.45 -7.36
N ARG A 67 -3.91 -4.25 -8.00
CA ARG A 67 -5.11 -3.90 -7.27
C ARG A 67 -5.58 -5.06 -6.39
N ALA A 68 -5.45 -6.32 -6.85
CA ALA A 68 -5.80 -7.48 -6.02
C ALA A 68 -4.89 -7.57 -4.78
N LYS A 69 -3.61 -7.21 -4.91
CA LYS A 69 -2.68 -7.16 -3.77
C LYS A 69 -3.29 -6.26 -2.69
N TYR A 70 -3.69 -5.06 -3.08
CA TYR A 70 -4.24 -4.04 -2.19
C TYR A 70 -5.57 -4.49 -1.59
N GLU A 71 -6.51 -5.00 -2.41
CA GLU A 71 -7.79 -5.53 -2.00
C GLU A 71 -7.59 -6.54 -0.86
N GLY A 72 -6.77 -7.57 -1.11
CA GLY A 72 -6.48 -8.67 -0.19
C GLY A 72 -5.82 -8.21 1.11
N LEU A 73 -5.21 -7.02 1.10
CA LEU A 73 -4.44 -6.50 2.21
C LEU A 73 -5.28 -6.06 3.40
N MET A 74 -6.58 -5.85 3.24
CA MET A 74 -7.42 -5.44 4.36
C MET A 74 -7.31 -6.44 5.51
N ALA A 75 -7.44 -7.73 5.20
CA ALA A 75 -7.38 -8.78 6.20
C ALA A 75 -5.97 -8.90 6.78
N VAL A 76 -4.93 -8.82 5.94
CA VAL A 76 -3.53 -8.86 6.37
C VAL A 76 -3.30 -7.72 7.36
N ALA A 77 -3.67 -6.49 6.97
CA ALA A 77 -3.39 -5.29 7.71
C ALA A 77 -3.92 -5.45 9.15
N LYS A 78 -5.17 -5.93 9.27
CA LYS A 78 -5.81 -6.21 10.53
C LYS A 78 -5.09 -7.28 11.33
N ALA A 79 -4.77 -8.42 10.71
CA ALA A 79 -4.06 -9.50 11.39
C ALA A 79 -2.79 -8.96 12.02
N GLN A 80 -1.98 -8.22 11.25
CA GLN A 80 -0.72 -7.69 11.75
C GLN A 80 -0.90 -6.84 12.99
N LEU A 81 -1.95 -6.02 13.06
CA LEU A 81 -2.06 -5.06 14.16
C LEU A 81 -2.38 -5.78 15.46
N MET A 82 -3.19 -6.84 15.39
CA MET A 82 -3.52 -7.66 16.54
C MET A 82 -2.33 -8.57 16.90
N ASP A 83 -1.55 -8.97 15.90
CA ASP A 83 -0.32 -9.73 16.07
C ASP A 83 0.76 -8.86 16.75
N GLU A 84 0.82 -7.56 16.45
CA GLU A 84 1.72 -6.59 17.06
C GLU A 84 1.19 -6.04 18.41
N LEU A 85 0.00 -6.43 18.86
CA LEU A 85 -0.58 -5.91 20.10
C LEU A 85 0.22 -6.42 21.29
N GLY A 1 -12.64 5.00 15.09
CA GLY A 1 -12.69 3.73 15.84
C GLY A 1 -12.04 2.63 15.02
N MET A 2 -12.82 1.66 14.49
CA MET A 2 -12.36 0.87 13.35
C MET A 2 -12.40 1.76 12.09
N GLN A 3 -12.23 1.18 10.90
CA GLN A 3 -11.85 1.85 9.64
C GLN A 3 -10.62 2.76 9.80
N PHE A 4 -9.76 2.52 10.80
CA PHE A 4 -8.74 3.49 11.24
C PHE A 4 -7.49 2.82 11.76
N LYS A 5 -7.60 1.80 12.61
CA LYS A 5 -6.43 1.00 12.92
C LYS A 5 -5.97 0.25 11.67
N ALA A 6 -6.92 -0.31 10.93
CA ALA A 6 -6.62 -1.02 9.70
C ALA A 6 -6.10 -0.07 8.63
N GLU A 7 -6.65 1.15 8.55
CA GLU A 7 -6.49 2.07 7.41
C GLU A 7 -5.01 2.26 7.07
N ALA A 8 -4.23 2.70 8.05
CA ALA A 8 -2.83 3.02 7.80
C ALA A 8 -2.01 1.75 7.59
N ARG A 9 -2.27 0.68 8.35
CA ARG A 9 -1.50 -0.56 8.23
C ARG A 9 -1.72 -1.20 6.86
N ARG A 10 -2.94 -1.12 6.33
CA ARG A 10 -3.34 -1.57 5.00
C ARG A 10 -2.51 -0.84 3.96
N ASN A 11 -2.54 0.49 3.95
CA ASN A 11 -1.83 1.24 2.92
C ASN A 11 -0.31 1.12 3.07
N LYS A 12 0.21 1.13 4.30
CA LYS A 12 1.64 0.95 4.58
C LYS A 12 2.13 -0.38 4.00
N LEU A 13 1.37 -1.47 4.21
CA LEU A 13 1.69 -2.77 3.67
C LEU A 13 1.83 -2.71 2.15
N MET A 14 0.87 -2.10 1.42
CA MET A 14 0.98 -2.00 -0.01
C MET A 14 2.29 -1.32 -0.40
N GLY A 15 2.60 -0.16 0.16
CA GLY A 15 3.79 0.59 -0.21
C GLY A 15 5.09 -0.23 -0.07
N LEU A 16 5.21 -1.06 0.97
CA LEU A 16 6.35 -1.96 1.12
C LEU A 16 6.43 -2.93 -0.05
N TRP A 17 5.34 -3.62 -0.37
CA TRP A 17 5.32 -4.57 -1.47
C TRP A 17 5.72 -3.89 -2.80
N VAL A 18 5.18 -2.71 -3.09
CA VAL A 18 5.52 -1.96 -4.29
C VAL A 18 7.03 -1.68 -4.31
N ALA A 19 7.58 -1.15 -3.21
CA ALA A 19 9.01 -0.90 -3.03
C ALA A 19 9.86 -2.14 -3.33
N GLU A 20 9.46 -3.29 -2.79
CA GLU A 20 10.11 -4.57 -3.00
C GLU A 20 10.09 -4.97 -4.47
N VAL A 21 8.97 -4.77 -5.17
CA VAL A 21 8.83 -4.99 -6.61
C VAL A 21 9.67 -4.00 -7.41
N LEU A 22 9.89 -2.76 -6.94
CA LEU A 22 10.77 -1.81 -7.61
C LEU A 22 12.25 -2.16 -7.41
N GLY A 23 12.62 -2.93 -6.38
CA GLY A 23 14.03 -3.16 -6.04
C GLY A 23 14.57 -2.09 -5.10
N LYS A 24 13.69 -1.41 -4.36
CA LYS A 24 14.10 -0.59 -3.22
C LYS A 24 14.55 -1.51 -2.11
N SER A 25 15.29 -0.96 -1.15
CA SER A 25 15.67 -1.65 0.07
C SER A 25 15.88 -0.62 1.17
N GLY A 26 16.12 -1.07 2.39
CA GLY A 26 16.35 -0.22 3.56
C GLY A 26 15.33 0.91 3.65
N ASP A 27 15.83 2.13 3.81
CA ASP A 27 14.96 3.29 4.04
C ASP A 27 14.25 3.76 2.79
N GLU A 28 14.72 3.43 1.58
CA GLU A 28 13.98 3.74 0.38
C GLU A 28 12.59 3.11 0.49
N ALA A 29 12.52 1.82 0.84
CA ALA A 29 11.25 1.11 0.98
C ALA A 29 10.41 1.68 2.11
N ASN A 30 11.05 2.19 3.17
CA ASN A 30 10.38 2.72 4.35
C ASN A 30 9.75 4.07 4.02
N ALA A 31 10.48 4.93 3.31
CA ALA A 31 10.03 6.24 2.88
C ALA A 31 8.92 6.12 1.83
N TYR A 32 9.05 5.15 0.93
CA TYR A 32 8.04 4.88 -0.09
C TYR A 32 6.74 4.40 0.59
N ALA A 33 6.86 3.55 1.61
CA ALA A 33 5.73 3.15 2.44
C ALA A 33 5.21 4.28 3.37
N ALA A 34 5.66 5.52 3.18
CA ALA A 34 5.01 6.73 3.69
C ALA A 34 4.37 7.52 2.54
N GLU A 35 4.98 7.59 1.35
CA GLU A 35 4.38 8.19 0.15
C GLU A 35 2.98 7.62 -0.08
N VAL A 36 2.85 6.29 -0.11
CA VAL A 36 1.59 5.59 -0.36
C VAL A 36 0.55 5.85 0.76
N VAL A 37 0.99 6.25 1.95
CA VAL A 37 0.19 6.52 3.14
C VAL A 37 -0.17 8.00 3.24
N LYS A 38 0.36 8.81 2.34
CA LYS A 38 0.03 10.20 2.14
C LYS A 38 -0.87 10.37 0.91
N ALA A 39 -0.95 9.39 0.00
CA ALA A 39 -1.78 9.52 -1.19
C ALA A 39 -2.98 8.56 -1.14
N ASP A 40 -3.66 8.51 0.00
CA ASP A 40 -4.91 7.78 0.26
C ASP A 40 -5.99 8.72 0.83
N PHE A 41 -5.66 9.99 1.03
CA PHE A 41 -6.59 11.01 1.50
C PHE A 41 -6.44 12.31 0.69
N GLU A 42 -6.01 12.18 -0.56
CA GLU A 42 -5.81 13.31 -1.47
C GLU A 42 -7.16 13.61 -2.13
N GLU A 43 -7.50 12.92 -3.23
CA GLU A 43 -8.65 13.27 -4.07
C GLU A 43 -9.68 12.15 -4.12
N ALA A 44 -9.48 11.19 -3.23
CA ALA A 44 -10.32 10.04 -2.90
C ALA A 44 -9.58 9.14 -1.90
N GLY A 45 -10.30 8.16 -1.37
CA GLY A 45 -9.82 7.14 -0.44
C GLY A 45 -8.89 6.13 -1.09
N HIS A 46 -9.40 5.25 -1.96
CA HIS A 46 -8.61 4.23 -2.63
C HIS A 46 -8.90 4.19 -4.12
N GLU A 47 -8.69 5.34 -4.76
CA GLU A 47 -9.00 5.54 -6.16
C GLU A 47 -7.78 6.20 -6.81
N ASP A 48 -7.29 7.30 -6.24
CA ASP A 48 -6.00 7.86 -6.66
C ASP A 48 -4.87 6.92 -6.27
N VAL A 49 -4.96 6.21 -5.13
CA VAL A 49 -3.99 5.19 -4.70
C VAL A 49 -3.61 4.27 -5.87
N MET A 50 -4.58 3.87 -6.68
CA MET A 50 -4.33 3.00 -7.82
C MET A 50 -3.48 3.73 -8.85
N ARG A 51 -3.89 4.89 -9.38
CA ARG A 51 -3.10 5.60 -10.37
C ARG A 51 -1.73 6.00 -9.83
N LYS A 52 -1.65 6.38 -8.55
CA LYS A 52 -0.44 6.70 -7.82
C LYS A 52 0.56 5.54 -7.90
N VAL A 53 0.10 4.30 -7.72
CA VAL A 53 1.00 3.15 -7.70
C VAL A 53 1.28 2.66 -9.13
N LEU A 54 0.26 2.66 -10.00
CA LEU A 54 0.36 2.14 -11.35
C LEU A 54 1.30 3.01 -12.20
N GLY A 55 1.29 4.34 -12.00
CA GLY A 55 2.25 5.22 -12.66
C GLY A 55 3.67 4.88 -12.19
N ASP A 56 3.86 4.77 -10.88
CA ASP A 56 5.17 4.53 -10.25
C ASP A 56 5.80 3.22 -10.73
N LEU A 57 4.99 2.16 -10.88
CA LEU A 57 5.44 0.87 -11.37
C LEU A 57 5.99 0.95 -12.79
N ASP A 58 5.61 1.93 -13.58
CA ASP A 58 6.04 2.12 -14.98
C ASP A 58 5.51 1.05 -15.94
N GLY A 59 4.81 0.04 -15.43
CA GLY A 59 4.46 -1.20 -16.12
C GLY A 59 5.18 -2.42 -15.56
N LYS A 60 5.81 -2.35 -14.38
CA LYS A 60 6.57 -3.45 -13.78
C LYS A 60 5.76 -4.71 -13.48
N ARG A 61 4.47 -4.57 -13.16
CA ARG A 61 3.58 -5.69 -12.86
C ARG A 61 2.19 -5.37 -13.40
N PRO A 62 1.38 -6.39 -13.77
CA PRO A 62 0.06 -6.18 -14.34
C PRO A 62 -0.86 -5.53 -13.32
N GLU A 63 -1.75 -4.68 -13.81
CA GLU A 63 -2.74 -4.02 -12.99
C GLU A 63 -3.46 -5.04 -12.10
N ALA A 64 -3.90 -6.18 -12.66
CA ALA A 64 -4.68 -7.13 -11.88
C ALA A 64 -3.91 -7.70 -10.69
N GLU A 65 -2.58 -7.87 -10.79
CA GLU A 65 -1.76 -8.23 -9.64
C GLU A 65 -1.89 -7.16 -8.56
N VAL A 66 -1.72 -5.90 -8.96
CA VAL A 66 -1.73 -4.74 -8.08
C VAL A 66 -3.12 -4.57 -7.43
N ARG A 67 -4.23 -4.81 -8.15
CA ARG A 67 -5.57 -4.81 -7.55
C ARG A 67 -5.62 -5.84 -6.45
N ALA A 68 -5.40 -7.11 -6.83
CA ALA A 68 -5.55 -8.24 -5.92
C ALA A 68 -4.70 -8.06 -4.66
N LYS A 69 -3.44 -7.63 -4.82
CA LYS A 69 -2.55 -7.37 -3.70
C LYS A 69 -3.24 -6.42 -2.73
N TYR A 70 -3.68 -5.27 -3.24
CA TYR A 70 -4.26 -4.21 -2.44
C TYR A 70 -5.59 -4.65 -1.82
N GLU A 71 -6.57 -5.09 -2.62
CA GLU A 71 -7.90 -5.41 -2.09
C GLU A 71 -7.88 -6.66 -1.20
N GLY A 72 -6.86 -7.51 -1.33
CA GLY A 72 -6.63 -8.68 -0.48
C GLY A 72 -5.87 -8.35 0.81
N LEU A 73 -5.44 -7.10 1.00
CA LEU A 73 -4.60 -6.72 2.12
C LEU A 73 -5.40 -6.44 3.37
N MET A 74 -6.72 -6.25 3.30
CA MET A 74 -7.48 -5.81 4.48
C MET A 74 -7.34 -6.83 5.62
N ALA A 75 -7.46 -8.12 5.32
CA ALA A 75 -7.32 -9.14 6.35
C ALA A 75 -5.85 -9.26 6.81
N VAL A 76 -4.89 -9.04 5.90
CA VAL A 76 -3.47 -9.09 6.23
C VAL A 76 -3.19 -7.95 7.23
N ALA A 77 -3.58 -6.74 6.86
CA ALA A 77 -3.38 -5.52 7.59
C ALA A 77 -3.88 -5.64 9.03
N LYS A 78 -5.12 -6.11 9.17
CA LYS A 78 -5.73 -6.31 10.48
C LYS A 78 -5.02 -7.38 11.27
N ALA A 79 -4.69 -8.51 10.64
CA ALA A 79 -3.96 -9.57 11.32
C ALA A 79 -2.67 -8.98 11.88
N GLN A 80 -1.87 -8.29 11.06
CA GLN A 80 -0.61 -7.71 11.51
C GLN A 80 -0.81 -6.75 12.68
N LEU A 81 -1.76 -5.82 12.61
CA LEU A 81 -1.98 -4.80 13.62
C LEU A 81 -2.31 -5.41 14.98
N MET A 82 -3.10 -6.49 14.97
CA MET A 82 -3.45 -7.22 16.18
C MET A 82 -2.28 -8.10 16.66
N ASP A 83 -1.47 -8.59 15.71
CA ASP A 83 -0.21 -9.30 15.98
C ASP A 83 0.74 -8.36 16.70
N GLU A 84 0.87 -7.11 16.22
CA GLU A 84 1.87 -6.14 16.66
C GLU A 84 1.50 -5.50 18.00
N LEU A 85 0.31 -5.72 18.53
CA LEU A 85 -0.11 -5.17 19.82
C LEU A 85 0.26 -6.19 20.88
N GLY A 1 -11.79 4.27 17.92
CA GLY A 1 -12.47 3.97 16.65
C GLY A 1 -12.03 2.60 16.11
N MET A 2 -12.33 2.35 14.84
CA MET A 2 -11.86 1.23 14.04
C MET A 2 -11.72 1.75 12.60
N GLN A 3 -11.52 0.90 11.59
CA GLN A 3 -11.38 1.22 10.15
C GLN A 3 -10.00 1.82 9.81
N PHE A 4 -9.54 2.76 10.61
CA PHE A 4 -8.39 3.67 10.62
C PHE A 4 -7.10 2.91 10.87
N LYS A 5 -7.14 2.11 11.93
CA LYS A 5 -5.99 1.33 12.35
C LYS A 5 -5.69 0.28 11.28
N ALA A 6 -6.75 -0.26 10.67
CA ALA A 6 -6.63 -1.03 9.44
C ALA A 6 -6.28 -0.12 8.27
N GLU A 7 -6.84 1.09 8.13
CA GLU A 7 -6.61 1.92 6.93
C GLU A 7 -5.10 2.17 6.76
N ALA A 8 -4.48 2.82 7.74
CA ALA A 8 -3.07 3.19 7.65
C ALA A 8 -2.18 1.96 7.41
N ARG A 9 -2.47 0.84 8.09
CA ARG A 9 -1.66 -0.35 7.96
C ARG A 9 -1.86 -0.97 6.57
N ARG A 10 -3.07 -1.03 6.03
CA ARG A 10 -3.37 -1.54 4.67
C ARG A 10 -2.48 -0.81 3.68
N ASN A 11 -2.45 0.52 3.78
CA ASN A 11 -1.69 1.39 2.90
C ASN A 11 -0.20 1.09 3.04
N LYS A 12 0.33 1.11 4.27
CA LYS A 12 1.75 0.84 4.54
C LYS A 12 2.17 -0.51 3.96
N LEU A 13 1.39 -1.55 4.25
CA LEU A 13 1.68 -2.90 3.82
C LEU A 13 1.70 -3.00 2.29
N MET A 14 0.89 -2.22 1.57
CA MET A 14 0.95 -2.20 0.13
C MET A 14 2.33 -1.75 -0.32
N GLY A 15 2.77 -0.61 0.20
CA GLY A 15 4.06 -0.03 -0.16
C GLY A 15 5.22 -1.01 0.04
N LEU A 16 5.17 -1.89 1.04
CA LEU A 16 6.23 -2.88 1.27
C LEU A 16 6.35 -3.86 0.11
N TRP A 17 5.23 -4.33 -0.47
CA TRP A 17 5.27 -5.14 -1.70
C TRP A 17 5.81 -4.28 -2.82
N VAL A 18 5.18 -3.12 -3.09
CA VAL A 18 5.51 -2.29 -4.23
C VAL A 18 7.00 -1.95 -4.25
N ALA A 19 7.57 -1.56 -3.11
CA ALA A 19 8.99 -1.27 -2.98
C ALA A 19 9.85 -2.46 -3.42
N GLU A 20 9.52 -3.69 -2.99
CA GLU A 20 10.22 -4.87 -3.48
C GLU A 20 10.05 -5.01 -5.00
N VAL A 21 8.86 -4.77 -5.55
CA VAL A 21 8.64 -4.82 -7.00
C VAL A 21 9.52 -3.78 -7.72
N LEU A 22 9.79 -2.63 -7.10
CA LEU A 22 10.68 -1.59 -7.61
C LEU A 22 12.17 -1.95 -7.42
N GLY A 23 12.50 -3.00 -6.68
CA GLY A 23 13.89 -3.31 -6.32
C GLY A 23 14.44 -2.35 -5.26
N LYS A 24 13.56 -1.61 -4.55
CA LYS A 24 13.96 -0.88 -3.36
C LYS A 24 14.26 -1.90 -2.26
N SER A 25 15.02 -1.47 -1.26
CA SER A 25 15.32 -2.31 -0.11
C SER A 25 15.70 -1.40 1.05
N GLY A 26 16.20 -1.98 2.13
CA GLY A 26 16.65 -1.27 3.32
C GLY A 26 15.59 -0.28 3.79
N ASP A 27 15.97 0.96 4.05
CA ASP A 27 15.03 2.00 4.49
C ASP A 27 14.33 2.67 3.32
N GLU A 28 14.83 2.58 2.09
CA GLU A 28 14.08 2.96 0.91
C GLU A 28 12.72 2.24 0.88
N ALA A 29 12.72 0.94 1.19
CA ALA A 29 11.51 0.12 1.27
C ALA A 29 10.63 0.46 2.47
N ASN A 30 11.07 1.34 3.38
CA ASN A 30 10.27 1.86 4.50
C ASN A 30 9.74 3.25 4.15
N ALA A 31 10.59 4.08 3.54
CA ALA A 31 10.31 5.44 3.14
C ALA A 31 9.16 5.45 2.13
N TYR A 32 9.23 4.60 1.11
CA TYR A 32 8.25 4.52 0.04
C TYR A 32 6.85 4.22 0.60
N ALA A 33 6.75 3.40 1.64
CA ALA A 33 5.46 3.00 2.20
C ALA A 33 4.72 4.19 2.79
N ALA A 34 5.43 5.16 3.38
CA ALA A 34 4.78 6.32 3.97
C ALA A 34 4.19 7.22 2.88
N GLU A 35 4.87 7.34 1.73
CA GLU A 35 4.36 8.09 0.60
C GLU A 35 3.06 7.47 0.08
N VAL A 36 2.99 6.12 0.01
CA VAL A 36 1.77 5.41 -0.35
C VAL A 36 0.65 5.80 0.63
N VAL A 37 0.90 5.72 1.94
CA VAL A 37 -0.10 6.09 2.96
C VAL A 37 -0.54 7.55 2.82
N LYS A 38 0.36 8.43 2.38
CA LYS A 38 0.13 9.84 2.16
C LYS A 38 -0.55 10.09 0.80
N ALA A 39 -0.71 9.09 -0.05
CA ALA A 39 -1.35 9.21 -1.35
C ALA A 39 -2.67 8.44 -1.39
N ASP A 40 -3.23 8.14 -0.21
CA ASP A 40 -4.66 7.96 -0.05
C ASP A 40 -5.32 9.35 -0.11
N PHE A 41 -6.53 9.51 0.43
CA PHE A 41 -7.24 10.76 0.60
C PHE A 41 -7.75 11.35 -0.73
N GLU A 42 -8.31 12.56 -0.66
CA GLU A 42 -8.80 13.41 -1.73
C GLU A 42 -9.99 12.82 -2.46
N GLU A 43 -9.79 11.75 -3.22
CA GLU A 43 -10.83 10.96 -3.88
C GLU A 43 -11.31 9.87 -2.91
N ALA A 44 -12.04 8.88 -3.42
CA ALA A 44 -12.46 7.70 -2.67
C ALA A 44 -11.23 6.95 -2.14
N GLY A 45 -11.43 6.10 -1.13
CA GLY A 45 -10.40 5.47 -0.32
C GLY A 45 -9.46 4.51 -1.06
N HIS A 46 -9.58 4.36 -2.38
CA HIS A 46 -8.62 3.62 -3.18
C HIS A 46 -8.51 4.09 -4.63
N GLU A 47 -9.17 5.19 -5.00
CA GLU A 47 -9.29 5.55 -6.42
C GLU A 47 -7.93 6.03 -6.93
N ASP A 48 -7.43 7.16 -6.44
CA ASP A 48 -6.21 7.74 -7.00
C ASP A 48 -4.95 7.07 -6.44
N VAL A 49 -5.09 6.28 -5.36
CA VAL A 49 -4.08 5.37 -4.85
C VAL A 49 -3.57 4.47 -5.99
N MET A 50 -4.47 4.00 -6.84
CA MET A 50 -4.07 3.20 -7.99
C MET A 50 -3.21 4.05 -8.91
N ARG A 51 -3.63 5.27 -9.28
CA ARG A 51 -2.84 6.14 -10.14
C ARG A 51 -1.45 6.37 -9.58
N LYS A 52 -1.32 6.67 -8.28
CA LYS A 52 -0.03 6.82 -7.61
C LYS A 52 0.85 5.59 -7.83
N VAL A 53 0.39 4.41 -7.40
CA VAL A 53 1.24 3.22 -7.36
C VAL A 53 1.52 2.70 -8.78
N LEU A 54 0.55 2.86 -9.71
CA LEU A 54 0.67 2.43 -11.09
C LEU A 54 1.69 3.31 -11.81
N GLY A 55 1.56 4.62 -11.68
CA GLY A 55 2.51 5.58 -12.22
C GLY A 55 3.90 5.30 -11.68
N ASP A 56 4.04 5.15 -10.36
CA ASP A 56 5.33 4.86 -9.74
C ASP A 56 5.86 3.48 -10.17
N LEU A 57 5.03 2.52 -10.60
CA LEU A 57 5.48 1.24 -11.12
C LEU A 57 5.99 1.36 -12.54
N ASP A 58 5.53 2.35 -13.31
CA ASP A 58 5.97 2.67 -14.68
C ASP A 58 5.48 1.66 -15.72
N GLY A 59 4.85 0.58 -15.26
CA GLY A 59 4.53 -0.64 -15.99
C GLY A 59 5.40 -1.83 -15.59
N LYS A 60 5.83 -1.91 -14.32
CA LYS A 60 6.54 -3.07 -13.79
C LYS A 60 5.64 -4.28 -13.50
N ARG A 61 4.37 -4.10 -13.13
CA ARG A 61 3.43 -5.19 -12.87
C ARG A 61 2.03 -4.70 -13.26
N PRO A 62 1.16 -5.59 -13.77
CA PRO A 62 -0.14 -5.18 -14.29
C PRO A 62 -1.01 -4.64 -13.18
N GLU A 63 -1.79 -3.61 -13.50
CA GLU A 63 -2.82 -3.05 -12.65
C GLU A 63 -3.66 -4.15 -12.00
N ALA A 64 -4.08 -5.16 -12.75
CA ALA A 64 -4.96 -6.20 -12.24
C ALA A 64 -4.35 -6.96 -11.06
N GLU A 65 -3.04 -7.26 -11.11
CA GLU A 65 -2.32 -7.84 -9.98
C GLU A 65 -2.31 -6.83 -8.82
N VAL A 66 -2.03 -5.56 -9.12
CA VAL A 66 -1.98 -4.48 -8.14
C VAL A 66 -3.31 -4.33 -7.41
N ARG A 67 -4.47 -4.42 -8.09
CA ARG A 67 -5.79 -4.39 -7.45
C ARG A 67 -5.83 -5.46 -6.37
N ALA A 68 -5.67 -6.71 -6.78
CA ALA A 68 -5.78 -7.87 -5.91
C ALA A 68 -4.82 -7.77 -4.73
N LYS A 69 -3.58 -7.33 -4.96
CA LYS A 69 -2.59 -7.17 -3.90
C LYS A 69 -3.05 -6.17 -2.83
N TYR A 70 -3.78 -5.13 -3.23
CA TYR A 70 -4.27 -4.10 -2.31
C TYR A 70 -5.55 -4.57 -1.63
N GLU A 71 -6.55 -4.99 -2.42
CA GLU A 71 -7.84 -5.52 -1.99
C GLU A 71 -7.65 -6.61 -0.94
N GLY A 72 -6.76 -7.56 -1.19
CA GLY A 72 -6.51 -8.69 -0.30
C GLY A 72 -5.88 -8.27 1.01
N LEU A 73 -5.24 -7.11 1.04
CA LEU A 73 -4.42 -6.69 2.16
C LEU A 73 -5.21 -6.17 3.32
N MET A 74 -6.50 -5.84 3.19
CA MET A 74 -7.25 -5.33 4.34
C MET A 74 -7.22 -6.35 5.49
N ALA A 75 -7.46 -7.63 5.19
CA ALA A 75 -7.45 -8.66 6.23
C ALA A 75 -6.03 -8.90 6.76
N VAL A 76 -5.00 -8.80 5.92
CA VAL A 76 -3.60 -8.88 6.36
C VAL A 76 -3.29 -7.72 7.28
N ALA A 77 -3.73 -6.51 6.91
CA ALA A 77 -3.47 -5.28 7.60
C ALA A 77 -3.96 -5.40 9.04
N LYS A 78 -5.18 -5.91 9.24
CA LYS A 78 -5.72 -6.11 10.58
C LYS A 78 -4.81 -7.03 11.38
N ALA A 79 -4.50 -8.21 10.84
CA ALA A 79 -3.67 -9.17 11.53
C ALA A 79 -2.32 -8.56 11.92
N GLN A 80 -1.68 -7.83 11.00
CA GLN A 80 -0.40 -7.20 11.29
C GLN A 80 -0.53 -6.06 12.30
N LEU A 81 -1.65 -5.33 12.33
CA LEU A 81 -1.85 -4.24 13.27
C LEU A 81 -2.09 -4.80 14.66
N MET A 82 -2.83 -5.91 14.78
CA MET A 82 -3.06 -6.56 16.06
C MET A 82 -1.72 -7.11 16.57
N ASP A 83 -0.97 -7.76 15.68
CA ASP A 83 0.36 -8.30 15.91
C ASP A 83 1.37 -7.24 16.36
N GLU A 84 1.26 -5.99 15.88
CA GLU A 84 2.31 -5.00 16.06
C GLU A 84 2.51 -4.49 17.49
N LEU A 85 1.56 -4.73 18.39
CA LEU A 85 1.54 -4.17 19.74
C LEU A 85 1.76 -5.25 20.76
N GLY A 1 -13.21 3.67 14.40
CA GLY A 1 -13.57 2.26 14.50
C GLY A 1 -12.89 1.49 13.41
N MET A 2 -11.70 0.94 13.71
CA MET A 2 -10.70 0.32 12.86
C MET A 2 -10.18 1.14 11.67
N GLN A 3 -11.06 1.85 10.97
CA GLN A 3 -10.95 2.25 9.58
C GLN A 3 -9.60 2.80 9.17
N PHE A 4 -9.05 3.69 9.99
CA PHE A 4 -7.90 4.58 9.83
C PHE A 4 -6.61 3.83 10.05
N LYS A 5 -6.57 3.10 11.17
CA LYS A 5 -5.44 2.27 11.54
C LYS A 5 -5.33 1.15 10.52
N ALA A 6 -6.46 0.53 10.19
CA ALA A 6 -6.55 -0.44 9.10
C ALA A 6 -6.14 0.22 7.79
N GLU A 7 -6.59 1.46 7.51
CA GLU A 7 -6.30 2.15 6.25
C GLU A 7 -4.80 2.31 6.06
N ALA A 8 -4.14 2.93 7.05
CA ALA A 8 -2.70 3.14 7.03
C ALA A 8 -1.96 1.81 6.94
N ARG A 9 -2.25 0.84 7.83
CA ARG A 9 -1.52 -0.43 7.83
C ARG A 9 -1.71 -1.21 6.53
N ARG A 10 -2.87 -1.11 5.85
CA ARG A 10 -3.05 -1.68 4.52
C ARG A 10 -1.99 -1.09 3.59
N ASN A 11 -1.92 0.23 3.50
CA ASN A 11 -1.00 0.86 2.56
C ASN A 11 0.45 0.61 2.97
N LYS A 12 0.76 0.57 4.28
CA LYS A 12 2.09 0.24 4.82
C LYS A 12 2.57 -1.10 4.27
N LEU A 13 1.74 -2.13 4.32
CA LEU A 13 2.15 -3.43 3.80
C LEU A 13 2.17 -3.44 2.27
N MET A 14 1.24 -2.73 1.60
CA MET A 14 1.23 -2.62 0.15
C MET A 14 2.56 -2.07 -0.39
N GLY A 15 2.99 -0.88 0.02
CA GLY A 15 4.23 -0.30 -0.50
C GLY A 15 5.47 -1.13 -0.21
N LEU A 16 5.47 -1.96 0.83
CA LEU A 16 6.53 -2.94 1.03
C LEU A 16 6.59 -3.97 -0.10
N TRP A 17 5.46 -4.42 -0.64
CA TRP A 17 5.46 -5.23 -1.88
C TRP A 17 5.89 -4.39 -3.09
N VAL A 18 5.38 -3.18 -3.23
CA VAL A 18 5.64 -2.36 -4.42
C VAL A 18 7.13 -2.03 -4.53
N ALA A 19 7.73 -1.55 -3.44
CA ALA A 19 9.16 -1.34 -3.34
C ALA A 19 9.94 -2.61 -3.72
N GLU A 20 9.48 -3.79 -3.32
CA GLU A 20 10.07 -5.06 -3.70
C GLU A 20 10.02 -5.29 -5.21
N VAL A 21 8.87 -5.02 -5.85
CA VAL A 21 8.71 -5.10 -7.30
C VAL A 21 9.61 -4.07 -8.02
N LEU A 22 9.87 -2.91 -7.40
CA LEU A 22 10.76 -1.87 -7.89
C LEU A 22 12.25 -2.19 -7.66
N GLY A 23 12.58 -3.26 -6.92
CA GLY A 23 13.96 -3.50 -6.50
C GLY A 23 14.48 -2.37 -5.61
N LYS A 24 13.59 -1.61 -4.96
CA LYS A 24 13.95 -0.82 -3.80
C LYS A 24 14.23 -1.84 -2.69
N SER A 25 14.96 -1.43 -1.66
CA SER A 25 15.39 -2.34 -0.61
C SER A 25 15.64 -1.55 0.67
N GLY A 26 15.91 -2.26 1.76
CA GLY A 26 16.49 -1.70 2.97
C GLY A 26 15.67 -0.54 3.51
N ASP A 27 16.22 0.66 3.40
CA ASP A 27 15.63 1.90 3.90
C ASP A 27 14.78 2.56 2.83
N GLU A 28 15.13 2.40 1.56
CA GLU A 28 14.33 2.83 0.41
C GLU A 28 12.94 2.20 0.51
N ALA A 29 12.92 0.90 0.82
CA ALA A 29 11.70 0.13 1.06
C ALA A 29 10.93 0.55 2.31
N ASN A 30 11.44 1.48 3.12
CA ASN A 30 10.75 2.03 4.29
C ASN A 30 10.48 3.52 4.11
N ALA A 31 11.09 4.16 3.11
CA ALA A 31 10.80 5.52 2.71
C ALA A 31 9.61 5.54 1.76
N TYR A 32 9.62 4.71 0.72
CA TYR A 32 8.53 4.60 -0.27
C TYR A 32 7.19 4.35 0.42
N ALA A 33 7.20 3.50 1.45
CA ALA A 33 6.04 3.15 2.25
C ALA A 33 5.46 4.31 3.09
N ALA A 34 6.03 5.52 3.04
CA ALA A 34 5.28 6.72 3.44
C ALA A 34 4.43 7.25 2.28
N GLU A 35 4.98 7.36 1.08
CA GLU A 35 4.32 8.00 -0.06
C GLU A 35 2.99 7.30 -0.38
N VAL A 36 3.01 5.98 -0.35
CA VAL A 36 1.85 5.12 -0.61
C VAL A 36 0.72 5.26 0.42
N VAL A 37 0.97 5.91 1.56
CA VAL A 37 -0.01 6.13 2.64
C VAL A 37 -0.69 7.48 2.48
N LYS A 38 -0.07 8.39 1.72
CA LYS A 38 -0.63 9.64 1.31
C LYS A 38 -1.44 9.33 0.04
N ALA A 39 -2.73 9.03 0.24
CA ALA A 39 -3.77 8.95 -0.79
C ALA A 39 -5.10 8.51 -0.18
N ASP A 40 -5.08 7.55 0.77
CA ASP A 40 -6.27 6.99 1.43
C ASP A 40 -7.11 8.00 2.25
N PHE A 41 -6.73 9.27 2.20
CA PHE A 41 -7.43 10.43 2.76
C PHE A 41 -7.39 11.65 1.83
N GLU A 42 -7.11 11.47 0.54
CA GLU A 42 -6.99 12.55 -0.44
C GLU A 42 -8.23 12.57 -1.33
N GLU A 43 -8.36 11.64 -2.28
CA GLU A 43 -9.37 11.73 -3.33
C GLU A 43 -10.66 10.98 -2.97
N ALA A 44 -11.52 10.76 -3.96
CA ALA A 44 -12.80 10.09 -3.84
C ALA A 44 -12.63 8.57 -3.71
N GLY A 45 -12.04 8.15 -2.60
CA GLY A 45 -11.72 6.76 -2.33
C GLY A 45 -10.46 6.33 -3.05
N HIS A 46 -10.04 5.08 -2.78
CA HIS A 46 -8.75 4.50 -3.11
C HIS A 46 -8.46 4.32 -4.61
N GLU A 47 -9.18 4.99 -5.49
CA GLU A 47 -8.86 5.10 -6.90
C GLU A 47 -7.53 5.83 -7.11
N ASP A 48 -7.26 6.85 -6.30
CA ASP A 48 -6.05 7.67 -6.43
C ASP A 48 -4.83 6.92 -5.92
N VAL A 49 -5.00 6.08 -4.88
CA VAL A 49 -4.00 5.12 -4.43
C VAL A 49 -3.52 4.26 -5.62
N MET A 50 -4.44 3.86 -6.51
CA MET A 50 -4.07 3.09 -7.70
C MET A 50 -3.26 3.97 -8.64
N ARG A 51 -3.69 5.17 -8.98
CA ARG A 51 -2.96 6.04 -9.88
C ARG A 51 -1.53 6.31 -9.38
N LYS A 52 -1.37 6.55 -8.08
CA LYS A 52 -0.07 6.71 -7.44
C LYS A 52 0.79 5.49 -7.70
N VAL A 53 0.35 4.30 -7.30
CA VAL A 53 1.20 3.13 -7.34
C VAL A 53 1.49 2.73 -8.79
N LEU A 54 0.52 2.90 -9.69
CA LEU A 54 0.65 2.60 -11.10
C LEU A 54 1.73 3.51 -11.72
N GLY A 55 1.70 4.80 -11.39
CA GLY A 55 2.66 5.80 -11.86
C GLY A 55 4.05 5.52 -11.31
N ASP A 56 4.17 5.32 -10.00
CA ASP A 56 5.43 4.98 -9.35
C ASP A 56 5.93 3.58 -9.71
N LEU A 57 5.12 2.75 -10.38
CA LEU A 57 5.58 1.47 -10.95
C LEU A 57 6.14 1.71 -12.34
N ASP A 58 5.90 2.85 -12.99
CA ASP A 58 6.36 3.13 -14.36
C ASP A 58 5.82 2.09 -15.36
N GLY A 59 4.71 1.42 -15.00
CA GLY A 59 4.14 0.31 -15.77
C GLY A 59 4.86 -1.03 -15.55
N LYS A 60 5.60 -1.21 -14.44
CA LYS A 60 6.32 -2.44 -14.13
C LYS A 60 5.42 -3.67 -14.04
N ARG A 61 4.20 -3.53 -13.52
CA ARG A 61 3.25 -4.63 -13.37
C ARG A 61 1.88 -4.09 -13.75
N PRO A 62 0.96 -4.95 -14.22
CA PRO A 62 -0.36 -4.52 -14.57
C PRO A 62 -1.13 -4.10 -13.32
N GLU A 63 -1.99 -3.11 -13.51
CA GLU A 63 -3.02 -2.66 -12.58
C GLU A 63 -3.75 -3.87 -11.99
N ALA A 64 -4.10 -4.86 -12.81
CA ALA A 64 -4.82 -6.05 -12.37
C ALA A 64 -4.11 -6.78 -11.22
N GLU A 65 -2.81 -7.04 -11.36
CA GLU A 65 -2.02 -7.71 -10.34
C GLU A 65 -1.89 -6.83 -9.10
N VAL A 66 -1.63 -5.54 -9.30
CA VAL A 66 -1.34 -4.57 -8.28
C VAL A 66 -2.53 -4.43 -7.34
N ARG A 67 -3.74 -4.20 -7.87
CA ARG A 67 -4.90 -4.03 -7.00
C ARG A 67 -5.26 -5.30 -6.24
N ALA A 68 -5.05 -6.49 -6.83
CA ALA A 68 -5.33 -7.74 -6.12
C ALA A 68 -4.48 -7.85 -4.86
N LYS A 69 -3.22 -7.39 -4.92
CA LYS A 69 -2.34 -7.32 -3.77
C LYS A 69 -3.03 -6.51 -2.66
N TYR A 70 -3.52 -5.32 -2.98
CA TYR A 70 -4.14 -4.38 -2.02
C TYR A 70 -5.44 -4.94 -1.45
N GLU A 71 -6.36 -5.36 -2.33
CA GLU A 71 -7.66 -5.94 -2.02
C GLU A 71 -7.53 -7.22 -1.18
N GLY A 72 -6.39 -7.90 -1.22
CA GLY A 72 -6.11 -9.11 -0.45
C GLY A 72 -5.50 -8.82 0.92
N LEU A 73 -5.16 -7.57 1.25
CA LEU A 73 -4.33 -7.22 2.39
C LEU A 73 -5.11 -6.73 3.59
N MET A 74 -6.44 -6.55 3.49
CA MET A 74 -7.19 -6.02 4.62
C MET A 74 -7.03 -6.94 5.83
N ALA A 75 -7.18 -8.25 5.64
CA ALA A 75 -7.03 -9.21 6.72
C ALA A 75 -5.59 -9.24 7.23
N VAL A 76 -4.58 -9.08 6.35
CA VAL A 76 -3.19 -9.13 6.80
C VAL A 76 -2.90 -7.91 7.66
N ALA A 77 -3.28 -6.74 7.15
CA ALA A 77 -3.09 -5.47 7.80
C ALA A 77 -3.73 -5.49 9.20
N LYS A 78 -4.95 -6.02 9.27
CA LYS A 78 -5.72 -6.11 10.51
C LYS A 78 -5.16 -7.14 11.48
N ALA A 79 -4.57 -8.24 11.01
CA ALA A 79 -3.91 -9.20 11.89
C ALA A 79 -2.81 -8.47 12.65
N GLN A 80 -1.99 -7.69 11.94
CA GLN A 80 -0.90 -6.95 12.55
C GLN A 80 -1.37 -5.90 13.55
N LEU A 81 -2.59 -5.36 13.40
CA LEU A 81 -3.11 -4.35 14.33
C LEU A 81 -3.41 -4.98 15.67
N MET A 82 -3.97 -6.18 15.67
CA MET A 82 -4.28 -6.89 16.92
C MET A 82 -2.98 -7.34 17.59
N ASP A 83 -2.00 -7.75 16.79
CA ASP A 83 -0.66 -8.14 17.22
C ASP A 83 0.10 -6.95 17.83
N GLU A 84 0.02 -5.77 17.20
CA GLU A 84 0.69 -4.53 17.64
C GLU A 84 0.06 -3.86 18.88
N LEU A 85 -1.05 -4.39 19.41
CA LEU A 85 -1.75 -3.99 20.65
C LEU A 85 -1.85 -2.46 20.77
N GLY A 1 -14.36 3.70 14.15
CA GLY A 1 -14.49 2.25 14.33
C GLY A 1 -13.38 1.51 13.63
N MET A 2 -12.17 1.50 14.21
CA MET A 2 -10.96 0.77 13.79
C MET A 2 -10.38 1.11 12.40
N GLN A 3 -11.12 1.77 11.52
CA GLN A 3 -10.78 1.98 10.11
C GLN A 3 -9.39 2.56 9.87
N PHE A 4 -8.92 3.41 10.79
CA PHE A 4 -7.70 4.21 10.88
C PHE A 4 -6.50 3.36 11.25
N LYS A 5 -6.70 2.42 12.17
CA LYS A 5 -5.64 1.50 12.57
C LYS A 5 -5.30 0.69 11.35
N ALA A 6 -6.34 0.15 10.69
CA ALA A 6 -6.22 -0.46 9.39
C ALA A 6 -5.66 0.54 8.38
N GLU A 7 -6.14 1.81 8.34
CA GLU A 7 -5.92 2.67 7.15
C GLU A 7 -4.42 2.78 6.84
N ALA A 8 -3.64 3.18 7.83
CA ALA A 8 -2.23 3.49 7.61
C ALA A 8 -1.45 2.21 7.36
N ARG A 9 -1.80 1.12 8.07
CA ARG A 9 -1.15 -0.17 7.87
C ARG A 9 -1.44 -0.66 6.44
N ARG A 10 -2.66 -0.46 5.93
CA ARG A 10 -3.06 -0.81 4.57
C ARG A 10 -2.11 -0.13 3.60
N ASN A 11 -2.05 1.21 3.61
CA ASN A 11 -1.22 1.94 2.65
C ASN A 11 0.27 1.59 2.80
N LYS A 12 0.73 1.45 4.05
CA LYS A 12 2.10 1.09 4.33
C LYS A 12 2.46 -0.25 3.68
N LEU A 13 1.60 -1.27 3.82
CA LEU A 13 1.87 -2.58 3.24
C LEU A 13 1.93 -2.52 1.72
N MET A 14 1.06 -1.77 1.04
CA MET A 14 1.16 -1.55 -0.39
C MET A 14 2.55 -1.01 -0.70
N GLY A 15 2.95 0.09 -0.06
CA GLY A 15 4.24 0.69 -0.34
C GLY A 15 5.41 -0.25 -0.05
N LEU A 16 5.43 -1.01 1.04
CA LEU A 16 6.51 -1.97 1.33
C LEU A 16 6.57 -3.06 0.25
N TRP A 17 5.41 -3.60 -0.16
CA TRP A 17 5.36 -4.62 -1.21
C TRP A 17 5.94 -4.05 -2.51
N VAL A 18 5.48 -2.85 -2.90
CA VAL A 18 5.91 -2.17 -4.11
C VAL A 18 7.40 -1.87 -4.09
N ALA A 19 7.90 -1.31 -3.00
CA ALA A 19 9.31 -0.94 -2.87
C ALA A 19 10.20 -2.14 -3.20
N GLU A 20 9.83 -3.33 -2.72
CA GLU A 20 10.53 -4.57 -3.01
C GLU A 20 10.43 -4.96 -4.48
N VAL A 21 9.25 -4.79 -5.12
CA VAL A 21 9.09 -4.96 -6.57
C VAL A 21 9.98 -3.96 -7.35
N LEU A 22 10.33 -2.81 -6.74
CA LEU A 22 11.25 -1.80 -7.26
C LEU A 22 12.71 -2.05 -6.81
N GLY A 23 13.00 -3.16 -6.14
CA GLY A 23 14.35 -3.53 -5.73
C GLY A 23 14.89 -2.68 -4.57
N LYS A 24 14.05 -1.88 -3.91
CA LYS A 24 14.41 -1.18 -2.69
C LYS A 24 14.54 -2.21 -1.56
N SER A 25 15.13 -1.79 -0.44
CA SER A 25 15.19 -2.58 0.78
C SER A 25 15.56 -1.68 1.95
N GLY A 26 15.41 -2.17 3.19
CA GLY A 26 15.72 -1.39 4.38
C GLY A 26 14.88 -0.12 4.41
N ASP A 27 15.44 0.94 4.98
CA ASP A 27 14.73 2.18 5.28
C ASP A 27 14.13 2.82 4.03
N GLU A 28 14.75 2.68 2.85
CA GLU A 28 14.20 3.08 1.55
C GLU A 28 12.77 2.60 1.37
N ALA A 29 12.51 1.35 1.75
CA ALA A 29 11.22 0.72 1.56
C ALA A 29 10.14 1.35 2.44
N ASN A 30 10.52 1.72 3.66
CA ASN A 30 9.61 2.36 4.62
C ASN A 30 9.34 3.76 4.16
N ALA A 31 10.40 4.40 3.65
CA ALA A 31 10.36 5.80 3.34
C ALA A 31 9.47 5.98 2.10
N TYR A 32 9.57 5.03 1.16
CA TYR A 32 8.70 4.92 -0.01
C TYR A 32 7.26 4.74 0.46
N ALA A 33 7.04 3.81 1.40
CA ALA A 33 5.70 3.52 1.87
C ALA A 33 5.01 4.69 2.56
N ALA A 34 5.76 5.67 3.06
CA ALA A 34 5.16 6.88 3.59
C ALA A 34 4.41 7.64 2.49
N GLU A 35 4.94 7.68 1.26
CA GLU A 35 4.34 8.39 0.13
C GLU A 35 2.92 7.89 -0.09
N VAL A 36 2.74 6.56 -0.12
CA VAL A 36 1.45 5.91 -0.35
C VAL A 36 0.47 6.34 0.78
N VAL A 37 0.96 6.36 2.02
CA VAL A 37 0.19 6.79 3.21
C VAL A 37 -0.08 8.31 3.19
N LYS A 38 0.55 9.03 2.28
CA LYS A 38 0.37 10.45 2.06
C LYS A 38 -0.35 10.75 0.76
N ALA A 39 -0.84 9.76 0.01
CA ALA A 39 -1.60 9.94 -1.21
C ALA A 39 -3.07 9.57 -1.02
N ASP A 40 -3.38 8.68 -0.08
CA ASP A 40 -4.75 8.19 0.14
C ASP A 40 -5.55 9.17 0.98
N PHE A 41 -5.92 10.27 0.35
CA PHE A 41 -6.79 11.31 0.88
C PHE A 41 -7.63 11.83 -0.28
N GLU A 42 -8.65 12.62 0.04
CA GLU A 42 -9.49 13.41 -0.86
C GLU A 42 -10.43 12.49 -1.66
N GLU A 43 -9.89 11.69 -2.58
CA GLU A 43 -10.58 10.62 -3.25
C GLU A 43 -10.83 9.53 -2.20
N ALA A 44 -12.10 9.34 -1.88
CA ALA A 44 -12.55 8.29 -0.97
C ALA A 44 -12.40 6.91 -1.62
N GLY A 45 -12.70 5.85 -0.89
CA GLY A 45 -12.65 4.50 -1.45
C GLY A 45 -11.22 4.14 -1.77
N HIS A 46 -10.91 3.80 -3.03
CA HIS A 46 -9.57 3.43 -3.45
C HIS A 46 -9.34 3.62 -4.95
N GLU A 47 -9.83 4.70 -5.53
CA GLU A 47 -9.56 4.98 -6.94
C GLU A 47 -8.12 5.45 -7.11
N ASP A 48 -7.75 6.57 -6.49
CA ASP A 48 -6.59 7.38 -6.90
C ASP A 48 -5.27 6.85 -6.35
N VAL A 49 -5.29 6.11 -5.23
CA VAL A 49 -4.08 5.42 -4.75
C VAL A 49 -3.61 4.42 -5.82
N MET A 50 -4.53 3.85 -6.61
CA MET A 50 -4.16 2.92 -7.66
C MET A 50 -3.30 3.62 -8.69
N ARG A 51 -3.63 4.85 -9.10
CA ARG A 51 -2.79 5.58 -10.05
C ARG A 51 -1.44 5.90 -9.44
N LYS A 52 -1.37 6.28 -8.16
CA LYS A 52 -0.09 6.56 -7.51
C LYS A 52 0.86 5.39 -7.68
N VAL A 53 0.39 4.16 -7.41
CA VAL A 53 1.26 3.00 -7.47
C VAL A 53 1.47 2.51 -8.90
N LEU A 54 0.43 2.53 -9.74
CA LEU A 54 0.49 1.98 -11.11
C LEU A 54 1.41 2.82 -11.99
N GLY A 55 1.41 4.14 -11.83
CA GLY A 55 2.36 5.01 -12.51
C GLY A 55 3.78 4.69 -12.03
N ASP A 56 3.99 4.63 -10.72
CA ASP A 56 5.33 4.41 -10.16
C ASP A 56 5.83 2.97 -10.38
N LEU A 57 4.97 2.03 -10.75
CA LEU A 57 5.35 0.67 -11.11
C LEU A 57 5.89 0.63 -12.54
N ASP A 58 5.55 1.57 -13.42
CA ASP A 58 6.06 1.60 -14.79
C ASP A 58 5.83 0.24 -15.50
N GLY A 59 4.68 -0.40 -15.23
CA GLY A 59 4.26 -1.69 -15.79
C GLY A 59 4.71 -2.91 -14.97
N LYS A 60 5.41 -2.74 -13.84
CA LYS A 60 6.18 -3.80 -13.20
C LYS A 60 5.32 -4.94 -12.65
N ARG A 61 4.02 -4.76 -12.40
CA ARG A 61 3.11 -5.87 -12.14
C ARG A 61 1.78 -5.56 -12.83
N PRO A 62 1.02 -6.58 -13.27
CA PRO A 62 -0.27 -6.35 -13.91
C PRO A 62 -1.24 -5.68 -12.94
N GLU A 63 -2.13 -4.84 -13.47
CA GLU A 63 -3.11 -4.12 -12.67
C GLU A 63 -3.97 -5.08 -11.84
N ALA A 64 -4.26 -6.27 -12.35
CA ALA A 64 -4.95 -7.33 -11.61
C ALA A 64 -4.22 -7.67 -10.31
N GLU A 65 -2.91 -7.93 -10.37
CA GLU A 65 -2.10 -8.21 -9.19
C GLU A 65 -2.08 -6.99 -8.29
N VAL A 66 -1.75 -5.81 -8.82
CA VAL A 66 -1.54 -4.58 -8.05
C VAL A 66 -2.81 -4.22 -7.29
N ARG A 67 -3.95 -4.13 -7.98
CA ARG A 67 -5.19 -3.73 -7.34
C ARG A 67 -5.63 -4.79 -6.36
N ALA A 68 -5.56 -6.08 -6.71
CA ALA A 68 -5.96 -7.14 -5.78
C ALA A 68 -5.05 -7.20 -4.56
N LYS A 69 -3.77 -6.84 -4.70
CA LYS A 69 -2.85 -6.71 -3.59
C LYS A 69 -3.44 -5.73 -2.59
N TYR A 70 -3.81 -4.53 -3.06
CA TYR A 70 -4.30 -3.41 -2.28
C TYR A 70 -5.70 -3.65 -1.74
N GLU A 71 -6.67 -3.94 -2.61
CA GLU A 71 -8.06 -4.17 -2.25
C GLU A 71 -8.15 -5.33 -1.26
N GLY A 72 -7.28 -6.34 -1.43
CA GLY A 72 -7.17 -7.48 -0.53
C GLY A 72 -6.62 -7.07 0.83
N LEU A 73 -5.71 -6.10 0.83
CA LEU A 73 -4.86 -5.73 1.95
C LEU A 73 -5.60 -5.22 3.16
N MET A 74 -6.89 -4.88 3.08
CA MET A 74 -7.68 -4.54 4.26
C MET A 74 -7.58 -5.68 5.29
N ALA A 75 -7.84 -6.91 4.84
CA ALA A 75 -7.80 -8.10 5.68
C ALA A 75 -6.39 -8.30 6.23
N VAL A 76 -5.40 -8.23 5.36
CA VAL A 76 -3.98 -8.45 5.68
C VAL A 76 -3.54 -7.41 6.71
N ALA A 77 -3.87 -6.14 6.48
CA ALA A 77 -3.53 -5.03 7.35
C ALA A 77 -4.06 -5.28 8.76
N LYS A 78 -5.35 -5.65 8.86
CA LYS A 78 -5.99 -5.97 10.12
C LYS A 78 -5.29 -7.14 10.81
N ALA A 79 -5.08 -8.24 10.09
CA ALA A 79 -4.49 -9.44 10.65
C ALA A 79 -3.10 -9.12 11.20
N GLN A 80 -2.28 -8.43 10.40
CA GLN A 80 -0.92 -8.10 10.80
C GLN A 80 -0.87 -7.16 12.00
N LEU A 81 -1.86 -6.28 12.21
CA LEU A 81 -1.90 -5.42 13.40
C LEU A 81 -2.15 -6.26 14.64
N MET A 82 -3.05 -7.24 14.53
CA MET A 82 -3.35 -8.15 15.63
C MET A 82 -2.14 -9.02 15.94
N ASP A 83 -1.44 -9.49 14.90
CA ASP A 83 -0.32 -10.42 15.03
C ASP A 83 0.99 -9.72 15.41
N GLU A 84 1.20 -8.47 14.98
CA GLU A 84 2.36 -7.67 15.43
C GLU A 84 2.22 -7.24 16.89
N LEU A 85 1.02 -7.31 17.45
CA LEU A 85 0.74 -6.71 18.74
C LEU A 85 1.51 -7.46 19.82
N GLY A 1 -13.56 5.93 13.85
CA GLY A 1 -13.59 4.63 14.50
C GLY A 1 -12.28 3.87 14.30
N MET A 2 -12.33 2.54 14.21
CA MET A 2 -11.18 1.68 13.90
C MET A 2 -10.63 1.96 12.49
N GLN A 3 -11.44 2.60 11.65
CA GLN A 3 -11.25 2.98 10.26
C GLN A 3 -10.06 3.89 9.96
N PHE A 4 -9.12 4.07 10.88
CA PHE A 4 -7.93 4.90 10.74
C PHE A 4 -6.73 4.03 11.00
N LYS A 5 -6.62 3.47 12.20
CA LYS A 5 -5.54 2.55 12.52
C LYS A 5 -5.51 1.40 11.51
N ALA A 6 -6.68 0.85 11.19
CA ALA A 6 -6.81 -0.31 10.32
C ALA A 6 -6.80 0.06 8.84
N GLU A 7 -6.68 1.34 8.51
CA GLU A 7 -6.78 1.87 7.17
C GLU A 7 -5.38 2.36 6.77
N ALA A 8 -4.70 3.09 7.64
CA ALA A 8 -3.31 3.50 7.43
C ALA A 8 -2.40 2.29 7.22
N ARG A 9 -2.56 1.21 8.02
CA ARG A 9 -1.75 0.01 7.84
C ARG A 9 -2.01 -0.66 6.50
N ARG A 10 -3.25 -0.58 5.98
CA ARG A 10 -3.62 -1.08 4.67
C ARG A 10 -2.72 -0.41 3.64
N ASN A 11 -2.76 0.93 3.59
CA ASN A 11 -2.04 1.68 2.57
C ASN A 11 -0.52 1.55 2.76
N LYS A 12 -0.02 1.48 4.00
CA LYS A 12 1.40 1.21 4.25
C LYS A 12 1.82 -0.10 3.59
N LEU A 13 1.06 -1.18 3.80
CA LEU A 13 1.42 -2.49 3.30
C LEU A 13 1.54 -2.52 1.78
N MET A 14 0.64 -1.86 1.02
CA MET A 14 0.79 -1.81 -0.43
C MET A 14 2.16 -1.27 -0.83
N GLY A 15 2.62 -0.18 -0.22
CA GLY A 15 3.91 0.40 -0.58
C GLY A 15 5.09 -0.55 -0.36
N LEU A 16 5.00 -1.52 0.54
CA LEU A 16 6.08 -2.47 0.77
C LEU A 16 6.19 -3.49 -0.37
N TRP A 17 5.07 -3.99 -0.89
CA TRP A 17 5.11 -4.84 -2.10
C TRP A 17 5.70 -4.04 -3.25
N VAL A 18 5.23 -2.80 -3.44
CA VAL A 18 5.70 -1.93 -4.50
C VAL A 18 7.20 -1.69 -4.39
N ALA A 19 7.69 -1.34 -3.20
CA ALA A 19 9.09 -1.14 -2.92
C ALA A 19 9.92 -2.35 -3.37
N GLU A 20 9.47 -3.57 -3.08
CA GLU A 20 10.19 -4.79 -3.45
C GLU A 20 10.19 -4.99 -4.96
N VAL A 21 9.07 -4.72 -5.63
CA VAL A 21 8.97 -4.72 -7.09
C VAL A 21 9.88 -3.64 -7.70
N LEU A 22 10.08 -2.51 -7.03
CA LEU A 22 11.03 -1.46 -7.42
C LEU A 22 12.47 -1.81 -7.02
N GLY A 23 12.70 -2.96 -6.38
CA GLY A 23 14.04 -3.40 -6.01
C GLY A 23 14.64 -2.58 -4.87
N LYS A 24 13.82 -1.87 -4.08
CA LYS A 24 14.24 -1.29 -2.81
C LYS A 24 14.47 -2.41 -1.80
N SER A 25 15.07 -2.11 -0.64
CA SER A 25 14.98 -2.98 0.54
C SER A 25 15.21 -2.17 1.80
N GLY A 26 14.97 -2.82 2.95
CA GLY A 26 15.28 -2.33 4.28
C GLY A 26 14.63 -0.97 4.49
N ASP A 27 15.39 0.00 4.98
CA ASP A 27 14.82 1.29 5.34
C ASP A 27 14.25 2.01 4.13
N GLU A 28 14.81 1.82 2.93
CA GLU A 28 14.30 2.41 1.70
C GLU A 28 12.86 1.97 1.46
N ALA A 29 12.56 0.68 1.66
CA ALA A 29 11.22 0.14 1.50
C ALA A 29 10.24 0.79 2.48
N ASN A 30 10.73 1.13 3.67
CA ASN A 30 9.95 1.71 4.75
C ASN A 30 9.74 3.20 4.48
N ALA A 31 10.78 3.90 4.02
CA ALA A 31 10.73 5.29 3.60
C ALA A 31 9.70 5.44 2.48
N TYR A 32 9.71 4.53 1.51
CA TYR A 32 8.75 4.50 0.42
C TYR A 32 7.34 4.29 0.96
N ALA A 33 7.18 3.35 1.89
CA ALA A 33 5.91 3.05 2.55
C ALA A 33 5.41 4.19 3.45
N ALA A 34 6.06 5.36 3.50
CA ALA A 34 5.45 6.58 4.01
C ALA A 34 4.65 7.30 2.93
N GLU A 35 5.14 7.36 1.69
CA GLU A 35 4.46 8.07 0.61
C GLU A 35 3.10 7.43 0.35
N VAL A 36 3.05 6.11 0.26
CA VAL A 36 1.82 5.36 -0.04
C VAL A 36 0.75 5.57 1.04
N VAL A 37 1.09 6.05 2.24
CA VAL A 37 0.12 6.36 3.29
C VAL A 37 -0.54 7.72 3.06
N LYS A 38 0.02 8.51 2.15
CA LYS A 38 -0.58 9.70 1.60
C LYS A 38 -1.19 9.34 0.26
N ALA A 39 -2.48 9.58 0.09
CA ALA A 39 -3.21 9.74 -1.17
C ALA A 39 -4.69 9.86 -0.79
N ASP A 40 -5.11 8.87 0.01
CA ASP A 40 -6.37 8.60 0.69
C ASP A 40 -6.88 9.75 1.58
N PHE A 41 -7.05 10.92 0.98
CA PHE A 41 -7.59 12.12 1.60
C PHE A 41 -8.59 12.77 0.65
N GLU A 42 -8.15 13.39 -0.47
CA GLU A 42 -9.05 14.17 -1.33
C GLU A 42 -9.84 13.31 -2.31
N GLU A 43 -9.27 12.26 -2.92
CA GLU A 43 -9.98 11.41 -3.86
C GLU A 43 -10.74 10.31 -3.13
N ALA A 44 -12.01 10.12 -3.51
CA ALA A 44 -12.84 9.00 -3.09
C ALA A 44 -12.53 7.75 -3.92
N GLY A 45 -13.34 6.69 -3.73
CA GLY A 45 -13.28 5.46 -4.50
C GLY A 45 -11.98 4.68 -4.36
N HIS A 46 -11.14 5.04 -3.37
CA HIS A 46 -9.75 4.64 -3.26
C HIS A 46 -9.02 4.77 -4.61
N GLU A 47 -9.31 5.81 -5.38
CA GLU A 47 -8.94 5.91 -6.79
C GLU A 47 -7.49 6.33 -6.98
N ASP A 48 -7.14 7.49 -6.40
CA ASP A 48 -5.85 8.13 -6.60
C ASP A 48 -4.71 7.30 -6.00
N VAL A 49 -5.03 6.46 -5.01
CA VAL A 49 -4.15 5.45 -4.45
C VAL A 49 -3.66 4.51 -5.54
N MET A 50 -4.59 3.87 -6.26
CA MET A 50 -4.21 2.94 -7.32
C MET A 50 -3.39 3.70 -8.36
N ARG A 51 -3.82 4.91 -8.70
CA ARG A 51 -3.13 5.78 -9.64
C ARG A 51 -1.71 6.11 -9.21
N LYS A 52 -1.43 6.30 -7.93
CA LYS A 52 -0.07 6.56 -7.46
C LYS A 52 0.77 5.35 -7.80
N VAL A 53 0.40 4.15 -7.33
CA VAL A 53 1.25 2.99 -7.51
C VAL A 53 1.35 2.62 -8.98
N LEU A 54 0.30 2.82 -9.78
CA LEU A 54 0.27 2.37 -11.17
C LEU A 54 1.06 3.31 -12.08
N GLY A 55 1.23 4.58 -11.71
CA GLY A 55 2.22 5.45 -12.31
C GLY A 55 3.61 5.04 -11.82
N ASP A 56 3.81 5.05 -10.50
CA ASP A 56 5.13 4.92 -9.87
C ASP A 56 5.83 3.60 -10.17
N LEU A 57 5.08 2.54 -10.51
CA LEU A 57 5.66 1.25 -10.85
C LEU A 57 6.39 1.28 -12.18
N ASP A 58 6.11 2.25 -13.04
CA ASP A 58 6.77 2.43 -14.32
C ASP A 58 6.71 1.12 -15.13
N GLY A 59 5.49 0.59 -15.27
CA GLY A 59 5.18 -0.57 -16.10
C GLY A 59 5.64 -1.92 -15.52
N LYS A 60 6.07 -1.99 -14.26
CA LYS A 60 6.81 -3.15 -13.78
C LYS A 60 5.97 -4.41 -13.56
N ARG A 61 4.66 -4.29 -13.36
CA ARG A 61 3.76 -5.41 -13.00
C ARG A 61 2.40 -5.18 -13.62
N PRO A 62 1.67 -6.23 -14.03
CA PRO A 62 0.31 -6.08 -14.53
C PRO A 62 -0.56 -5.46 -13.44
N GLU A 63 -1.50 -4.62 -13.88
CA GLU A 63 -2.48 -3.98 -13.04
C GLU A 63 -3.21 -5.01 -12.18
N ALA A 64 -3.58 -6.16 -12.76
CA ALA A 64 -4.26 -7.23 -12.05
C ALA A 64 -3.49 -7.65 -10.80
N GLU A 65 -2.16 -7.80 -10.87
CA GLU A 65 -1.36 -8.19 -9.71
C GLU A 65 -1.45 -7.13 -8.61
N VAL A 66 -1.44 -5.85 -8.98
CA VAL A 66 -1.63 -4.71 -8.08
C VAL A 66 -2.98 -4.80 -7.38
N ARG A 67 -4.06 -5.10 -8.11
CA ARG A 67 -5.41 -5.16 -7.54
C ARG A 67 -5.47 -6.20 -6.44
N ALA A 68 -5.15 -7.44 -6.80
CA ALA A 68 -5.20 -8.58 -5.87
C ALA A 68 -4.47 -8.25 -4.56
N LYS A 69 -3.26 -7.67 -4.66
CA LYS A 69 -2.48 -7.16 -3.55
C LYS A 69 -3.34 -6.26 -2.66
N TYR A 70 -3.84 -5.15 -3.21
CA TYR A 70 -4.52 -4.12 -2.43
C TYR A 70 -5.82 -4.68 -1.83
N GLU A 71 -6.61 -5.38 -2.65
CA GLU A 71 -7.88 -5.99 -2.27
C GLU A 71 -7.68 -6.96 -1.10
N GLY A 72 -6.72 -7.87 -1.21
CA GLY A 72 -6.46 -8.88 -0.19
C GLY A 72 -5.96 -8.27 1.11
N LEU A 73 -5.31 -7.11 1.04
CA LEU A 73 -4.59 -6.53 2.16
C LEU A 73 -5.47 -6.07 3.31
N MET A 74 -6.78 -5.91 3.13
CA MET A 74 -7.65 -5.47 4.23
C MET A 74 -7.49 -6.40 5.44
N ALA A 75 -7.50 -7.72 5.20
CA ALA A 75 -7.31 -8.70 6.26
C ALA A 75 -5.85 -8.77 6.71
N VAL A 76 -4.87 -8.72 5.80
CA VAL A 76 -3.44 -8.82 6.11
C VAL A 76 -3.05 -7.66 7.03
N ALA A 77 -3.42 -6.44 6.65
CA ALA A 77 -3.13 -5.22 7.37
C ALA A 77 -3.62 -5.33 8.81
N LYS A 78 -4.87 -5.79 8.97
CA LYS A 78 -5.47 -6.02 10.27
C LYS A 78 -4.68 -7.05 11.04
N ALA A 79 -4.38 -8.19 10.43
CA ALA A 79 -3.73 -9.31 11.07
C ALA A 79 -2.38 -8.90 11.64
N GLN A 80 -1.62 -8.08 10.91
CA GLN A 80 -0.35 -7.60 11.42
C GLN A 80 -0.55 -6.82 12.71
N LEU A 81 -1.46 -5.86 12.76
CA LEU A 81 -1.68 -5.01 13.91
C LEU A 81 -1.98 -5.85 15.15
N MET A 82 -2.90 -6.83 15.06
CA MET A 82 -3.20 -7.69 16.22
C MET A 82 -1.99 -8.50 16.67
N ASP A 83 -1.14 -8.91 15.73
CA ASP A 83 0.08 -9.63 16.01
C ASP A 83 1.11 -8.71 16.67
N GLU A 84 1.27 -7.48 16.14
CA GLU A 84 2.25 -6.48 16.62
C GLU A 84 1.87 -5.86 17.98
N LEU A 85 0.66 -6.13 18.48
CA LEU A 85 0.20 -5.76 19.82
C LEU A 85 0.24 -4.24 20.00
N GLY A 1 -15.46 3.58 14.23
CA GLY A 1 -14.34 4.27 13.59
C GLY A 1 -13.39 3.26 12.99
N MET A 2 -12.10 3.32 13.31
CA MET A 2 -11.07 2.35 12.96
C MET A 2 -10.66 2.33 11.46
N GLN A 3 -11.44 2.93 10.57
CA GLN A 3 -11.25 3.03 9.10
C GLN A 3 -10.07 3.96 8.69
N PHE A 4 -9.00 3.96 9.47
CA PHE A 4 -7.79 4.73 9.34
C PHE A 4 -6.61 3.88 9.82
N LYS A 5 -6.81 3.20 10.96
CA LYS A 5 -5.85 2.26 11.54
C LYS A 5 -5.53 1.17 10.52
N ALA A 6 -6.56 0.42 10.10
CA ALA A 6 -6.38 -0.62 9.10
C ALA A 6 -5.81 -0.04 7.80
N GLU A 7 -6.25 1.17 7.42
CA GLU A 7 -6.03 1.78 6.11
C GLU A 7 -4.54 2.08 5.92
N ALA A 8 -3.96 2.90 6.80
CA ALA A 8 -2.54 3.23 6.68
C ALA A 8 -1.66 1.99 6.85
N ARG A 9 -2.11 0.95 7.57
CA ARG A 9 -1.38 -0.32 7.69
C ARG A 9 -1.46 -1.09 6.38
N ARG A 10 -2.63 -1.14 5.74
CA ARG A 10 -2.85 -1.72 4.41
C ARG A 10 -1.84 -1.11 3.45
N ASN A 11 -1.80 0.22 3.35
CA ASN A 11 -0.89 0.86 2.41
C ASN A 11 0.58 0.67 2.79
N LYS A 12 0.94 0.67 4.08
CA LYS A 12 2.33 0.42 4.47
C LYS A 12 2.78 -0.95 3.95
N LEU A 13 2.03 -2.01 4.29
CA LEU A 13 2.36 -3.37 3.85
C LEU A 13 2.30 -3.49 2.33
N MET A 14 1.36 -2.81 1.66
CA MET A 14 1.36 -2.72 0.21
C MET A 14 2.70 -2.15 -0.27
N GLY A 15 3.05 -0.91 0.09
CA GLY A 15 4.24 -0.27 -0.46
C GLY A 15 5.53 -1.02 -0.14
N LEU A 16 5.59 -1.81 0.94
CA LEU A 16 6.69 -2.73 1.19
C LEU A 16 6.85 -3.74 0.04
N TRP A 17 5.75 -4.35 -0.45
CA TRP A 17 5.76 -5.18 -1.66
C TRP A 17 6.10 -4.34 -2.89
N VAL A 18 5.46 -3.17 -3.08
CA VAL A 18 5.65 -2.36 -4.27
C VAL A 18 7.13 -2.00 -4.45
N ALA A 19 7.73 -1.43 -3.41
CA ALA A 19 9.14 -1.07 -3.41
C ALA A 19 10.01 -2.29 -3.74
N GLU A 20 9.70 -3.47 -3.19
CA GLU A 20 10.38 -4.70 -3.55
C GLU A 20 10.26 -4.97 -5.07
N VAL A 21 9.08 -4.85 -5.68
CA VAL A 21 8.92 -5.00 -7.13
C VAL A 21 9.74 -3.93 -7.90
N LEU A 22 9.89 -2.72 -7.35
CA LEU A 22 10.77 -1.69 -7.92
C LEU A 22 12.25 -2.06 -7.79
N GLY A 23 12.61 -3.10 -7.05
CA GLY A 23 14.00 -3.41 -6.71
C GLY A 23 14.56 -2.45 -5.68
N LYS A 24 13.72 -1.62 -5.03
CA LYS A 24 14.09 -0.95 -3.79
C LYS A 24 14.23 -2.00 -2.71
N SER A 25 15.01 -1.65 -1.70
CA SER A 25 15.37 -2.53 -0.60
C SER A 25 15.99 -1.62 0.46
N GLY A 26 16.60 -2.20 1.49
CA GLY A 26 17.28 -1.42 2.51
C GLY A 26 16.26 -0.55 3.22
N ASP A 27 16.42 0.77 3.15
CA ASP A 27 15.51 1.70 3.81
C ASP A 27 14.63 2.43 2.80
N GLU A 28 14.98 2.41 1.52
CA GLU A 28 14.12 2.86 0.42
C GLU A 28 12.79 2.10 0.45
N ALA A 29 12.83 0.79 0.73
CA ALA A 29 11.64 -0.02 0.85
C ALA A 29 10.84 0.25 2.13
N ASN A 30 11.28 1.16 3.01
CA ASN A 30 10.49 1.69 4.12
C ASN A 30 10.05 3.12 3.82
N ALA A 31 10.90 3.90 3.15
CA ALA A 31 10.64 5.26 2.73
C ALA A 31 9.43 5.29 1.81
N TYR A 32 9.42 4.49 0.75
CA TYR A 32 8.36 4.49 -0.25
C TYR A 32 7.00 4.23 0.41
N ALA A 33 6.98 3.32 1.40
CA ALA A 33 5.75 2.94 2.09
C ALA A 33 5.13 4.11 2.86
N ALA A 34 5.80 5.25 3.05
CA ALA A 34 5.15 6.44 3.57
C ALA A 34 4.36 7.22 2.51
N GLU A 35 4.81 7.20 1.25
CA GLU A 35 4.14 7.96 0.19
C GLU A 35 2.80 7.32 -0.15
N VAL A 36 2.82 6.00 -0.33
CA VAL A 36 1.66 5.19 -0.74
C VAL A 36 0.49 5.30 0.27
N VAL A 37 0.75 5.79 1.47
CA VAL A 37 -0.21 5.96 2.56
C VAL A 37 -0.96 7.30 2.44
N LYS A 38 -0.39 8.25 1.73
CA LYS A 38 -1.00 9.53 1.40
C LYS A 38 -2.05 9.33 0.30
N ALA A 39 -2.86 10.34 0.04
CA ALA A 39 -4.08 10.33 -0.78
C ALA A 39 -5.20 9.41 -0.26
N ASP A 40 -4.86 8.23 0.26
CA ASP A 40 -5.71 7.18 0.85
C ASP A 40 -6.62 7.65 1.99
N PHE A 41 -6.38 8.86 2.51
CA PHE A 41 -7.12 9.46 3.60
C PHE A 41 -7.71 10.82 3.25
N GLU A 42 -7.69 11.21 1.97
CA GLU A 42 -8.23 12.50 1.55
C GLU A 42 -8.90 12.48 0.17
N GLU A 43 -8.50 11.60 -0.75
CA GLU A 43 -9.28 11.24 -1.92
C GLU A 43 -10.22 10.08 -1.50
N ALA A 44 -10.82 9.35 -2.44
CA ALA A 44 -11.64 8.17 -2.15
C ALA A 44 -10.79 7.04 -1.57
N GLY A 45 -11.39 5.88 -1.31
CA GLY A 45 -10.67 4.74 -0.74
C GLY A 45 -9.58 4.17 -1.64
N HIS A 46 -9.56 4.49 -2.95
CA HIS A 46 -8.47 4.08 -3.84
C HIS A 46 -8.38 4.84 -5.17
N GLU A 47 -9.26 5.80 -5.45
CA GLU A 47 -9.35 6.48 -6.75
C GLU A 47 -8.13 7.39 -7.04
N ASP A 48 -7.21 7.55 -6.08
CA ASP A 48 -5.90 8.17 -6.26
C ASP A 48 -4.76 7.31 -5.73
N VAL A 49 -5.02 6.39 -4.80
CA VAL A 49 -4.08 5.36 -4.35
C VAL A 49 -3.62 4.51 -5.54
N MET A 50 -4.55 4.01 -6.37
CA MET A 50 -4.16 3.16 -7.49
C MET A 50 -3.32 3.96 -8.48
N ARG A 51 -3.73 5.15 -8.89
CA ARG A 51 -2.93 6.01 -9.74
C ARG A 51 -1.54 6.26 -9.20
N LYS A 52 -1.37 6.51 -7.89
CA LYS A 52 -0.06 6.62 -7.26
C LYS A 52 0.74 5.37 -7.61
N VAL A 53 0.30 4.19 -7.15
CA VAL A 53 1.14 3.01 -7.21
C VAL A 53 1.41 2.59 -8.66
N LEU A 54 0.43 2.79 -9.55
CA LEU A 54 0.51 2.40 -10.94
C LEU A 54 1.60 3.23 -11.64
N GLY A 55 1.47 4.56 -11.57
CA GLY A 55 2.45 5.47 -12.13
C GLY A 55 3.82 5.23 -11.51
N ASP A 56 3.87 5.04 -10.19
CA ASP A 56 5.12 4.85 -9.47
C ASP A 56 5.77 3.50 -9.80
N LEU A 57 5.03 2.50 -10.28
CA LEU A 57 5.60 1.22 -10.72
C LEU A 57 6.26 1.35 -12.10
N ASP A 58 5.88 2.37 -12.86
CA ASP A 58 6.33 2.62 -14.22
C ASP A 58 5.96 1.45 -15.14
N GLY A 59 4.82 0.80 -14.85
CA GLY A 59 4.32 -0.33 -15.63
C GLY A 59 5.10 -1.62 -15.41
N LYS A 60 5.78 -1.78 -14.27
CA LYS A 60 6.50 -3.01 -13.95
C LYS A 60 5.61 -4.23 -13.72
N ARG A 61 4.35 -4.06 -13.32
CA ARG A 61 3.41 -5.14 -13.11
C ARG A 61 2.05 -4.65 -13.61
N PRO A 62 1.16 -5.56 -14.04
CA PRO A 62 -0.12 -5.18 -14.61
C PRO A 62 -1.02 -4.55 -13.56
N GLU A 63 -1.92 -3.68 -14.02
CA GLU A 63 -2.91 -2.98 -13.22
C GLU A 63 -3.73 -3.97 -12.40
N ALA A 64 -4.16 -5.07 -13.03
CA ALA A 64 -5.01 -6.07 -12.40
C ALA A 64 -4.32 -6.72 -11.21
N GLU A 65 -3.03 -7.10 -11.34
CA GLU A 65 -2.28 -7.68 -10.24
C GLU A 65 -2.13 -6.65 -9.12
N VAL A 66 -1.70 -5.44 -9.46
CA VAL A 66 -1.39 -4.38 -8.51
C VAL A 66 -2.61 -4.09 -7.62
N ARG A 67 -3.78 -3.83 -8.22
CA ARG A 67 -4.96 -3.52 -7.40
C ARG A 67 -5.42 -4.71 -6.57
N ALA A 68 -5.31 -5.95 -7.08
CA ALA A 68 -5.60 -7.12 -6.29
C ALA A 68 -4.66 -7.26 -5.10
N LYS A 69 -3.37 -6.94 -5.24
CA LYS A 69 -2.41 -7.00 -4.13
C LYS A 69 -2.94 -6.14 -2.98
N TYR A 70 -3.42 -4.93 -3.24
CA TYR A 70 -3.89 -3.99 -2.22
C TYR A 70 -5.11 -4.59 -1.51
N GLU A 71 -6.13 -5.01 -2.27
CA GLU A 71 -7.37 -5.55 -1.71
C GLU A 71 -7.14 -6.77 -0.84
N GLY A 72 -6.21 -7.65 -1.24
CA GLY A 72 -5.96 -8.90 -0.53
C GLY A 72 -5.38 -8.68 0.87
N LEU A 73 -4.90 -7.47 1.16
CA LEU A 73 -4.10 -7.18 2.33
C LEU A 73 -4.90 -6.60 3.48
N MET A 74 -6.21 -6.32 3.32
CA MET A 74 -7.01 -5.85 4.46
C MET A 74 -6.87 -6.84 5.61
N ALA A 75 -7.02 -8.13 5.32
CA ALA A 75 -6.88 -9.18 6.30
C ALA A 75 -5.53 -9.10 7.01
N VAL A 76 -4.44 -9.02 6.24
CA VAL A 76 -3.10 -9.13 6.81
C VAL A 76 -2.79 -7.87 7.62
N ALA A 77 -3.19 -6.71 7.12
CA ALA A 77 -3.02 -5.42 7.77
C ALA A 77 -3.73 -5.42 9.14
N LYS A 78 -4.98 -5.88 9.17
CA LYS A 78 -5.81 -5.91 10.37
C LYS A 78 -5.34 -6.96 11.36
N ALA A 79 -4.78 -8.07 10.89
CA ALA A 79 -4.10 -9.01 11.76
C ALA A 79 -3.00 -8.26 12.48
N GLN A 80 -2.05 -7.67 11.75
CA GLN A 80 -0.86 -7.04 12.33
C GLN A 80 -1.16 -5.96 13.38
N LEU A 81 -2.33 -5.32 13.37
CA LEU A 81 -2.66 -4.29 14.35
C LEU A 81 -3.11 -4.89 15.67
N MET A 82 -3.87 -5.99 15.62
CA MET A 82 -4.31 -6.73 16.80
C MET A 82 -3.21 -7.64 17.32
N ASP A 83 -2.37 -8.15 16.42
CA ASP A 83 -1.19 -8.96 16.68
C ASP A 83 -0.13 -8.15 17.42
N GLU A 84 -0.07 -6.83 17.18
CA GLU A 84 0.78 -5.88 17.89
C GLU A 84 0.04 -5.20 19.07
N LEU A 85 -1.24 -5.50 19.32
CA LEU A 85 -2.03 -4.78 20.33
C LEU A 85 -1.46 -5.07 21.70
N GLY A 1 -14.42 3.91 14.25
CA GLY A 1 -14.35 2.66 13.49
C GLY A 1 -12.92 2.24 13.20
N MET A 2 -12.69 1.00 12.77
CA MET A 2 -11.35 0.51 12.42
C MET A 2 -10.92 0.92 11.00
N GLN A 3 -10.99 2.22 10.67
CA GLN A 3 -10.84 2.68 9.29
C GLN A 3 -9.45 3.22 8.99
N PHE A 4 -8.92 4.08 9.83
CA PHE A 4 -7.70 4.90 9.70
C PHE A 4 -6.53 4.07 10.21
N LYS A 5 -6.71 3.53 11.42
CA LYS A 5 -5.74 2.63 12.06
C LYS A 5 -5.42 1.45 11.12
N ALA A 6 -6.43 0.93 10.42
CA ALA A 6 -6.22 -0.09 9.41
C ALA A 6 -5.74 0.53 8.10
N GLU A 7 -6.30 1.68 7.66
CA GLU A 7 -6.00 2.26 6.33
C GLU A 7 -4.50 2.37 6.10
N ALA A 8 -3.79 3.10 6.97
CA ALA A 8 -2.37 3.33 6.78
C ALA A 8 -1.56 2.03 6.80
N ARG A 9 -1.90 1.06 7.67
CA ARG A 9 -1.17 -0.22 7.70
C ARG A 9 -1.38 -1.02 6.41
N ARG A 10 -2.57 -0.93 5.78
CA ARG A 10 -2.85 -1.49 4.45
C ARG A 10 -1.87 -0.89 3.46
N ASN A 11 -1.83 0.43 3.32
CA ASN A 11 -0.95 1.03 2.31
C ASN A 11 0.53 0.79 2.65
N LYS A 12 0.93 0.79 3.92
CA LYS A 12 2.32 0.52 4.32
C LYS A 12 2.76 -0.85 3.79
N LEU A 13 2.00 -1.88 4.13
CA LEU A 13 2.25 -3.25 3.67
C LEU A 13 2.28 -3.31 2.13
N MET A 14 1.37 -2.61 1.43
CA MET A 14 1.40 -2.53 -0.02
C MET A 14 2.71 -1.93 -0.52
N GLY A 15 3.11 -0.76 -0.02
CA GLY A 15 4.29 -0.07 -0.53
C GLY A 15 5.56 -0.88 -0.30
N LEU A 16 5.64 -1.71 0.74
CA LEU A 16 6.76 -2.63 0.91
C LEU A 16 6.87 -3.54 -0.32
N TRP A 17 5.77 -4.15 -0.76
CA TRP A 17 5.76 -4.95 -1.98
C TRP A 17 6.09 -4.10 -3.21
N VAL A 18 5.48 -2.92 -3.36
CA VAL A 18 5.67 -2.09 -4.54
C VAL A 18 7.14 -1.65 -4.67
N ALA A 19 7.76 -1.22 -3.57
CA ALA A 19 9.18 -0.92 -3.51
C ALA A 19 10.03 -2.14 -3.90
N GLU A 20 9.74 -3.32 -3.33
CA GLU A 20 10.41 -4.58 -3.65
C GLU A 20 10.31 -4.89 -5.14
N VAL A 21 9.12 -4.80 -5.72
CA VAL A 21 8.88 -4.92 -7.16
C VAL A 21 9.73 -3.91 -7.92
N LEU A 22 9.74 -2.65 -7.50
CA LEU A 22 10.53 -1.61 -8.14
C LEU A 22 12.02 -1.94 -8.13
N GLY A 23 12.50 -2.75 -7.17
CA GLY A 23 13.92 -3.03 -7.02
C GLY A 23 14.56 -2.12 -5.98
N LYS A 24 13.76 -1.33 -5.25
CA LYS A 24 14.19 -0.74 -3.99
C LYS A 24 14.35 -1.90 -3.01
N SER A 25 15.20 -1.72 -2.01
CA SER A 25 15.41 -2.64 -0.88
C SER A 25 16.29 -1.90 0.12
N GLY A 26 16.56 -2.50 1.29
CA GLY A 26 17.04 -1.72 2.41
C GLY A 26 15.99 -0.66 2.76
N ASP A 27 16.44 0.46 3.30
CA ASP A 27 15.56 1.46 3.89
C ASP A 27 14.85 2.34 2.86
N GLU A 28 15.31 2.35 1.63
CA GLU A 28 14.60 2.82 0.44
C GLU A 28 13.18 2.23 0.43
N ALA A 29 13.04 0.95 0.75
CA ALA A 29 11.75 0.27 0.82
C ALA A 29 11.00 0.54 2.13
N ASN A 30 11.55 1.33 3.07
CA ASN A 30 10.81 1.86 4.22
C ASN A 30 10.36 3.30 3.96
N ALA A 31 11.14 4.04 3.17
CA ALA A 31 10.84 5.40 2.76
C ALA A 31 9.65 5.42 1.80
N TYR A 32 9.71 4.57 0.76
CA TYR A 32 8.68 4.48 -0.27
C TYR A 32 7.31 4.27 0.38
N ALA A 33 7.22 3.39 1.39
CA ALA A 33 5.96 3.04 2.02
C ALA A 33 5.30 4.25 2.68
N ALA A 34 6.01 5.32 3.03
CA ALA A 34 5.35 6.47 3.62
C ALA A 34 4.57 7.27 2.57
N GLU A 35 5.02 7.34 1.31
CA GLU A 35 4.29 8.06 0.26
C GLU A 35 2.97 7.38 -0.07
N VAL A 36 2.98 6.06 -0.28
CA VAL A 36 1.78 5.29 -0.55
C VAL A 36 0.77 5.38 0.59
N VAL A 37 1.22 5.72 1.80
CA VAL A 37 0.36 5.97 2.95
C VAL A 37 -0.12 7.42 2.96
N LYS A 38 0.71 8.35 2.52
CA LYS A 38 0.39 9.75 2.38
C LYS A 38 -0.53 10.02 1.18
N ALA A 39 -0.73 9.04 0.30
CA ALA A 39 -1.67 9.09 -0.80
C ALA A 39 -2.81 8.13 -0.46
N ASP A 40 -3.68 8.53 0.47
CA ASP A 40 -4.82 7.75 0.97
C ASP A 40 -5.95 8.67 1.45
N PHE A 41 -6.15 9.81 0.75
CA PHE A 41 -7.06 10.88 1.15
C PHE A 41 -7.71 11.53 -0.08
N GLU A 42 -8.71 12.37 0.14
CA GLU A 42 -9.34 13.34 -0.76
C GLU A 42 -10.11 12.72 -1.95
N GLU A 43 -9.54 11.74 -2.63
CA GLU A 43 -10.29 10.78 -3.45
C GLU A 43 -11.16 9.92 -2.50
N ALA A 44 -12.22 9.28 -2.99
CA ALA A 44 -13.24 8.67 -2.15
C ALA A 44 -13.01 7.16 -2.03
N GLY A 45 -12.21 6.75 -1.07
CA GLY A 45 -11.97 5.35 -0.75
C GLY A 45 -10.54 4.98 -1.06
N HIS A 46 -10.24 4.73 -2.35
CA HIS A 46 -8.88 4.40 -2.78
C HIS A 46 -8.54 5.29 -3.98
N GLU A 47 -9.03 4.96 -5.18
CA GLU A 47 -8.88 5.68 -6.45
C GLU A 47 -7.43 6.17 -6.73
N ASP A 48 -7.02 7.30 -6.13
CA ASP A 48 -5.66 7.84 -6.16
C ASP A 48 -4.64 6.87 -5.57
N VAL A 49 -5.04 6.09 -4.56
CA VAL A 49 -4.26 5.00 -3.97
C VAL A 49 -3.87 3.95 -5.03
N MET A 50 -4.69 3.80 -6.07
CA MET A 50 -4.40 2.90 -7.17
C MET A 50 -3.43 3.60 -8.10
N ARG A 51 -3.79 4.81 -8.55
CA ARG A 51 -3.00 5.68 -9.42
C ARG A 51 -1.58 5.88 -8.89
N LYS A 52 -1.40 5.88 -7.57
CA LYS A 52 -0.15 5.95 -6.85
C LYS A 52 0.75 4.81 -7.31
N VAL A 53 0.40 3.58 -6.95
CA VAL A 53 1.27 2.45 -7.17
C VAL A 53 1.41 2.18 -8.67
N LEU A 54 0.35 2.43 -9.45
CA LEU A 54 0.35 2.17 -10.88
C LEU A 54 1.32 3.12 -11.58
N GLY A 55 1.25 4.41 -11.28
CA GLY A 55 2.15 5.40 -11.85
C GLY A 55 3.58 5.12 -11.39
N ASP A 56 3.78 4.88 -10.08
CA ASP A 56 5.09 4.61 -9.48
C ASP A 56 5.76 3.43 -10.17
N LEU A 57 5.02 2.33 -10.40
CA LEU A 57 5.51 1.08 -10.96
C LEU A 57 6.09 1.21 -12.36
N ASP A 58 5.68 2.23 -13.12
CA ASP A 58 6.24 2.54 -14.44
C ASP A 58 5.96 1.44 -15.47
N GLY A 59 4.92 0.61 -15.25
CA GLY A 59 4.55 -0.52 -16.09
C GLY A 59 5.25 -1.82 -15.70
N LYS A 60 5.84 -1.92 -14.49
CA LYS A 60 6.47 -3.16 -14.05
C LYS A 60 5.50 -4.33 -13.91
N ARG A 61 4.25 -4.10 -13.51
CA ARG A 61 3.25 -5.16 -13.31
C ARG A 61 1.90 -4.66 -13.85
N PRO A 62 1.04 -5.57 -14.32
CA PRO A 62 -0.31 -5.25 -14.78
C PRO A 62 -1.12 -4.67 -13.64
N GLU A 63 -2.01 -3.72 -13.95
CA GLU A 63 -2.96 -3.16 -12.98
C GLU A 63 -3.71 -4.27 -12.25
N ALA A 64 -4.14 -5.31 -12.97
CA ALA A 64 -4.91 -6.42 -12.42
C ALA A 64 -4.22 -7.05 -11.21
N GLU A 65 -2.93 -7.36 -11.33
CA GLU A 65 -2.20 -8.03 -10.25
C GLU A 65 -1.92 -7.05 -9.10
N VAL A 66 -1.79 -5.76 -9.40
CA VAL A 66 -1.49 -4.71 -8.45
C VAL A 66 -2.71 -4.44 -7.57
N ARG A 67 -3.90 -4.27 -8.15
CA ARG A 67 -5.13 -4.15 -7.35
C ARG A 67 -5.35 -5.42 -6.54
N ALA A 68 -5.09 -6.60 -7.09
CA ALA A 68 -5.25 -7.85 -6.33
C ALA A 68 -4.34 -7.90 -5.11
N LYS A 69 -3.05 -7.52 -5.23
CA LYS A 69 -2.15 -7.45 -4.08
C LYS A 69 -2.79 -6.56 -3.02
N TYR A 70 -3.29 -5.38 -3.41
CA TYR A 70 -3.80 -4.39 -2.48
C TYR A 70 -5.08 -4.85 -1.77
N GLU A 71 -6.11 -5.25 -2.53
CA GLU A 71 -7.39 -5.69 -1.99
C GLU A 71 -7.20 -6.87 -1.03
N GLY A 72 -6.30 -7.79 -1.38
CA GLY A 72 -6.03 -8.97 -0.58
C GLY A 72 -5.34 -8.63 0.75
N LEU A 73 -4.75 -7.45 0.87
CA LEU A 73 -4.02 -7.00 2.04
C LEU A 73 -4.91 -6.50 3.16
N MET A 74 -6.20 -6.27 2.92
CA MET A 74 -7.10 -5.78 3.98
C MET A 74 -7.01 -6.72 5.19
N ALA A 75 -7.06 -8.03 4.94
CA ALA A 75 -6.92 -9.02 6.00
C ALA A 75 -5.56 -8.91 6.69
N VAL A 76 -4.47 -8.83 5.93
CA VAL A 76 -3.10 -8.88 6.46
C VAL A 76 -2.81 -7.62 7.29
N ALA A 77 -3.24 -6.46 6.80
CA ALA A 77 -3.09 -5.18 7.47
C ALA A 77 -3.72 -5.25 8.86
N LYS A 78 -4.91 -5.83 8.92
CA LYS A 78 -5.70 -6.01 10.12
C LYS A 78 -5.40 -7.33 10.84
N ALA A 79 -4.43 -8.10 10.38
CA ALA A 79 -3.74 -9.00 11.29
C ALA A 79 -2.86 -8.14 12.18
N GLN A 80 -1.92 -7.41 11.54
CA GLN A 80 -0.78 -6.87 12.25
C GLN A 80 -1.17 -5.81 13.29
N LEU A 81 -2.19 -4.98 13.05
CA LEU A 81 -2.40 -3.75 13.80
C LEU A 81 -2.96 -4.14 15.19
N MET A 82 -3.71 -5.24 15.23
CA MET A 82 -4.29 -5.86 16.41
C MET A 82 -3.17 -6.58 17.15
N ASP A 83 -2.39 -7.38 16.43
CA ASP A 83 -1.30 -8.16 16.99
C ASP A 83 -0.27 -7.24 17.67
N GLU A 84 0.04 -6.11 17.03
CA GLU A 84 1.06 -5.16 17.50
C GLU A 84 0.63 -4.35 18.72
N LEU A 85 -0.68 -4.23 18.99
CA LEU A 85 -1.30 -3.33 19.96
C LEU A 85 -0.89 -1.89 19.72
N GLY A 1 -12.85 4.58 17.22
CA GLY A 1 -13.28 4.20 15.87
C GLY A 1 -12.30 3.24 15.22
N MET A 2 -12.71 2.68 14.07
CA MET A 2 -11.98 1.72 13.26
C MET A 2 -11.79 2.31 11.86
N GLN A 3 -11.56 1.50 10.83
CA GLN A 3 -11.49 1.91 9.42
C GLN A 3 -10.33 2.86 9.11
N PHE A 4 -9.36 3.01 10.01
CA PHE A 4 -8.30 4.04 9.96
C PHE A 4 -7.01 3.39 10.42
N LYS A 5 -6.99 2.90 11.67
CA LYS A 5 -5.87 2.13 12.22
C LYS A 5 -5.44 1.03 11.25
N ALA A 6 -6.40 0.27 10.72
CA ALA A 6 -6.13 -0.77 9.74
C ALA A 6 -5.82 -0.25 8.34
N GLU A 7 -6.20 0.98 8.03
CA GLU A 7 -6.26 1.46 6.66
C GLU A 7 -4.81 1.84 6.28
N ALA A 8 -4.13 2.59 7.15
CA ALA A 8 -2.75 3.00 6.96
C ALA A 8 -1.80 1.80 6.99
N ARG A 9 -2.15 0.75 7.75
CA ARG A 9 -1.45 -0.53 7.73
C ARG A 9 -1.52 -1.09 6.32
N ARG A 10 -2.72 -1.39 5.81
CA ARG A 10 -2.95 -1.91 4.45
C ARG A 10 -2.11 -1.12 3.44
N ASN A 11 -2.14 0.22 3.48
CA ASN A 11 -1.36 1.04 2.56
C ASN A 11 0.14 0.83 2.76
N LYS A 12 0.66 0.86 4.00
CA LYS A 12 2.07 0.61 4.30
C LYS A 12 2.52 -0.73 3.74
N LEU A 13 1.87 -1.85 4.08
CA LEU A 13 2.15 -3.16 3.54
C LEU A 13 2.26 -3.13 2.01
N MET A 14 1.29 -2.52 1.32
CA MET A 14 1.32 -2.40 -0.14
C MET A 14 2.58 -1.69 -0.61
N GLY A 15 3.00 -0.63 0.06
CA GLY A 15 4.24 0.08 -0.29
C GLY A 15 5.48 -0.82 -0.16
N LEU A 16 5.56 -1.70 0.85
CA LEU A 16 6.69 -2.64 0.95
C LEU A 16 6.68 -3.61 -0.23
N TRP A 17 5.50 -4.04 -0.69
CA TRP A 17 5.39 -4.89 -1.87
C TRP A 17 5.90 -4.13 -3.09
N VAL A 18 5.30 -2.98 -3.40
CA VAL A 18 5.64 -2.22 -4.59
C VAL A 18 7.14 -1.88 -4.61
N ALA A 19 7.73 -1.49 -3.47
CA ALA A 19 9.17 -1.24 -3.37
C ALA A 19 10.00 -2.46 -3.77
N GLU A 20 9.64 -3.66 -3.31
CA GLU A 20 10.29 -4.89 -3.72
C GLU A 20 10.12 -5.15 -5.23
N VAL A 21 8.97 -4.81 -5.81
CA VAL A 21 8.73 -4.92 -7.24
C VAL A 21 9.55 -3.90 -8.05
N LEU A 22 9.77 -2.68 -7.53
CA LEU A 22 10.65 -1.72 -8.18
C LEU A 22 12.12 -2.14 -8.06
N GLY A 23 12.49 -2.94 -7.05
CA GLY A 23 13.88 -3.25 -6.76
C GLY A 23 14.50 -2.22 -5.82
N LYS A 24 13.68 -1.51 -5.03
CA LYS A 24 14.14 -0.81 -3.84
C LYS A 24 14.50 -1.85 -2.77
N SER A 25 15.08 -1.40 -1.67
CA SER A 25 15.35 -2.24 -0.50
C SER A 25 15.11 -1.41 0.77
N GLY A 26 15.28 -1.99 1.96
CA GLY A 26 14.60 -1.50 3.17
C GLY A 26 15.09 -0.18 3.74
N ASP A 27 16.04 0.45 3.06
CA ASP A 27 16.53 1.80 3.35
C ASP A 27 15.65 2.84 2.66
N GLU A 28 15.09 2.49 1.50
CA GLU A 28 14.21 3.31 0.70
C GLU A 28 12.77 2.83 0.90
N ALA A 29 12.56 1.52 0.99
CA ALA A 29 11.25 0.88 0.92
C ALA A 29 10.38 1.27 2.11
N ASN A 30 11.00 1.63 3.23
CA ASN A 30 10.31 2.08 4.44
C ASN A 30 9.64 3.42 4.17
N ALA A 31 10.41 4.30 3.54
CA ALA A 31 10.01 5.64 3.19
C ALA A 31 8.99 5.60 2.05
N TYR A 32 9.20 4.76 1.03
CA TYR A 32 8.21 4.56 -0.02
C TYR A 32 6.88 4.08 0.59
N ALA A 33 6.96 3.23 1.61
CA ALA A 33 5.79 2.75 2.34
C ALA A 33 5.17 3.81 3.29
N ALA A 34 5.65 5.05 3.30
CA ALA A 34 4.91 6.20 3.81
C ALA A 34 4.23 6.94 2.65
N GLU A 35 4.85 7.00 1.47
CA GLU A 35 4.27 7.69 0.31
C GLU A 35 2.92 7.06 -0.07
N VAL A 36 2.88 5.73 -0.16
CA VAL A 36 1.67 4.99 -0.51
C VAL A 36 0.58 5.13 0.57
N VAL A 37 0.90 5.63 1.77
CA VAL A 37 -0.14 5.89 2.78
C VAL A 37 -1.00 7.07 2.33
N LYS A 38 -0.38 8.11 1.77
CA LYS A 38 -0.97 9.39 1.37
C LYS A 38 -2.05 9.23 0.29
N ALA A 39 -2.69 10.34 -0.05
CA ALA A 39 -3.78 10.51 -1.01
C ALA A 39 -5.09 9.81 -0.62
N ASP A 40 -5.06 8.73 0.16
CA ASP A 40 -6.25 7.99 0.60
C ASP A 40 -7.14 8.82 1.53
N PHE A 41 -6.58 9.82 2.22
CA PHE A 41 -7.30 10.67 3.16
C PHE A 41 -7.70 12.02 2.57
N GLU A 42 -7.53 12.23 1.26
CA GLU A 42 -7.77 13.53 0.62
C GLU A 42 -8.38 13.40 -0.78
N GLU A 43 -7.88 12.53 -1.66
CA GLU A 43 -8.55 12.26 -2.93
C GLU A 43 -9.84 11.46 -2.66
N ALA A 44 -10.67 11.29 -3.68
CA ALA A 44 -12.08 10.89 -3.62
C ALA A 44 -12.33 9.41 -3.23
N GLY A 45 -11.48 8.82 -2.39
CA GLY A 45 -11.44 7.41 -2.03
C GLY A 45 -10.01 6.93 -2.26
N HIS A 46 -9.79 5.62 -2.25
CA HIS A 46 -8.49 5.01 -2.54
C HIS A 46 -8.00 5.25 -3.98
N GLU A 47 -8.75 5.96 -4.82
CA GLU A 47 -8.51 5.94 -6.26
C GLU A 47 -7.12 6.47 -6.65
N ASP A 48 -6.60 7.46 -5.93
CA ASP A 48 -5.30 8.05 -6.20
C ASP A 48 -4.19 7.27 -5.50
N VAL A 49 -4.48 6.49 -4.45
CA VAL A 49 -3.55 5.48 -3.92
C VAL A 49 -3.18 4.52 -5.05
N MET A 50 -4.14 4.13 -5.88
CA MET A 50 -3.87 3.19 -6.94
C MET A 50 -3.00 3.86 -8.00
N ARG A 51 -3.29 5.11 -8.39
CA ARG A 51 -2.43 5.87 -9.28
C ARG A 51 -1.02 6.03 -8.69
N LYS A 52 -0.91 6.19 -7.38
CA LYS A 52 0.36 6.39 -6.68
C LYS A 52 1.31 5.25 -7.00
N VAL A 53 0.83 4.01 -6.97
CA VAL A 53 1.66 2.84 -7.21
C VAL A 53 1.66 2.44 -8.69
N LEU A 54 0.59 2.66 -9.44
CA LEU A 54 0.48 2.24 -10.83
C LEU A 54 1.32 3.14 -11.73
N GLY A 55 1.40 4.44 -11.40
CA GLY A 55 2.27 5.38 -12.10
C GLY A 55 3.73 5.08 -11.77
N ASP A 56 4.04 4.82 -10.50
CA ASP A 56 5.43 4.57 -10.07
C ASP A 56 5.95 3.24 -10.60
N LEU A 57 5.10 2.21 -10.70
CA LEU A 57 5.50 0.96 -11.35
C LEU A 57 5.84 1.21 -12.80
N ASP A 58 5.21 2.20 -13.44
CA ASP A 58 5.51 2.64 -14.81
C ASP A 58 5.09 1.62 -15.87
N GLY A 59 4.45 0.52 -15.47
CA GLY A 59 4.17 -0.65 -16.29
C GLY A 59 5.00 -1.87 -15.92
N LYS A 60 5.66 -1.89 -14.75
CA LYS A 60 6.46 -3.03 -14.29
C LYS A 60 5.63 -4.29 -14.05
N ARG A 61 4.36 -4.17 -13.64
CA ARG A 61 3.48 -5.31 -13.39
C ARG A 61 2.08 -4.97 -13.87
N PRO A 62 1.26 -5.97 -14.21
CA PRO A 62 -0.09 -5.74 -14.67
C PRO A 62 -0.94 -5.17 -13.55
N GLU A 63 -1.92 -4.34 -13.91
CA GLU A 63 -2.88 -3.78 -12.97
C GLU A 63 -3.54 -4.90 -12.16
N ALA A 64 -3.93 -6.02 -12.78
CA ALA A 64 -4.62 -7.09 -12.06
C ALA A 64 -3.79 -7.66 -10.90
N GLU A 65 -2.47 -7.83 -11.07
CA GLU A 65 -1.61 -8.32 -10.00
C GLU A 65 -1.62 -7.33 -8.82
N VAL A 66 -1.52 -6.04 -9.12
CA VAL A 66 -1.56 -4.94 -8.15
C VAL A 66 -2.91 -4.95 -7.43
N ARG A 67 -4.02 -5.04 -8.17
CA ARG A 67 -5.38 -5.03 -7.65
C ARG A 67 -5.50 -6.12 -6.60
N ALA A 68 -5.29 -7.36 -7.02
CA ALA A 68 -5.36 -8.52 -6.14
C ALA A 68 -4.48 -8.32 -4.89
N LYS A 69 -3.26 -7.82 -5.08
CA LYS A 69 -2.32 -7.62 -3.97
C LYS A 69 -2.88 -6.68 -2.90
N TYR A 70 -3.55 -5.59 -3.30
CA TYR A 70 -4.13 -4.62 -2.36
C TYR A 70 -5.41 -5.19 -1.75
N GLU A 71 -6.29 -5.74 -2.58
CA GLU A 71 -7.58 -6.30 -2.19
C GLU A 71 -7.39 -7.37 -1.11
N GLY A 72 -6.44 -8.30 -1.32
CA GLY A 72 -6.21 -9.44 -0.45
C GLY A 72 -5.48 -9.10 0.84
N LEU A 73 -5.00 -7.86 0.99
CA LEU A 73 -4.11 -7.43 2.06
C LEU A 73 -4.88 -7.10 3.32
N MET A 74 -6.20 -6.88 3.25
CA MET A 74 -6.93 -6.36 4.40
C MET A 74 -6.80 -7.30 5.61
N ALA A 75 -6.85 -8.61 5.38
CA ALA A 75 -6.60 -9.59 6.42
C ALA A 75 -5.17 -9.52 6.94
N VAL A 76 -4.19 -9.33 6.04
CA VAL A 76 -2.78 -9.33 6.46
C VAL A 76 -2.54 -8.09 7.31
N ALA A 77 -3.09 -6.95 6.85
CA ALA A 77 -3.05 -5.69 7.53
C ALA A 77 -3.62 -5.85 8.93
N LYS A 78 -4.90 -6.25 9.04
CA LYS A 78 -5.60 -6.34 10.32
C LYS A 78 -4.89 -7.31 11.25
N ALA A 79 -4.41 -8.44 10.75
CA ALA A 79 -3.69 -9.40 11.58
C ALA A 79 -2.40 -8.82 12.17
N GLN A 80 -1.77 -7.81 11.56
CA GLN A 80 -0.68 -7.10 12.22
C GLN A 80 -1.22 -6.25 13.39
N LEU A 81 -2.37 -5.58 13.28
CA LEU A 81 -2.87 -4.65 14.30
C LEU A 81 -3.39 -5.39 15.52
N MET A 82 -4.05 -6.52 15.32
CA MET A 82 -4.58 -7.36 16.40
C MET A 82 -3.47 -7.99 17.24
N ASP A 83 -2.22 -7.66 16.94
CA ASP A 83 -1.01 -8.37 17.31
C ASP A 83 0.12 -7.39 17.64
N GLU A 84 0.02 -6.15 17.13
CA GLU A 84 1.09 -5.14 16.99
C GLU A 84 1.82 -4.78 18.28
N LEU A 85 1.14 -4.93 19.41
CA LEU A 85 1.66 -4.59 20.72
C LEU A 85 2.01 -5.90 21.41
N GLY A 1 -15.20 2.38 12.67
CA GLY A 1 -14.54 1.38 13.53
C GLY A 1 -13.38 0.75 12.81
N MET A 2 -12.21 0.67 13.46
CA MET A 2 -10.92 0.14 13.00
C MET A 2 -10.34 0.77 11.73
N GLN A 3 -11.14 1.51 10.96
CA GLN A 3 -10.90 1.69 9.53
C GLN A 3 -9.65 2.50 9.21
N PHE A 4 -9.33 3.50 10.01
CA PHE A 4 -8.22 4.47 9.90
C PHE A 4 -6.94 3.80 10.34
N LYS A 5 -7.01 3.11 11.49
CA LYS A 5 -5.91 2.31 11.96
C LYS A 5 -5.51 1.32 10.87
N ALA A 6 -6.52 0.59 10.34
CA ALA A 6 -6.35 -0.35 9.26
C ALA A 6 -5.92 0.36 7.99
N GLU A 7 -6.43 1.56 7.70
CA GLU A 7 -6.15 2.29 6.44
C GLU A 7 -4.64 2.46 6.26
N ALA A 8 -3.98 3.14 7.21
CA ALA A 8 -2.55 3.37 7.08
C ALA A 8 -1.77 2.05 7.03
N ARG A 9 -2.17 1.03 7.79
CA ARG A 9 -1.48 -0.26 7.79
C ARG A 9 -1.67 -0.99 6.46
N ARG A 10 -2.81 -0.84 5.79
CA ARG A 10 -3.07 -1.34 4.44
C ARG A 10 -2.01 -0.75 3.52
N ASN A 11 -1.91 0.57 3.46
CA ASN A 11 -1.00 1.23 2.53
C ASN A 11 0.47 0.95 2.87
N LYS A 12 0.86 0.91 4.15
CA LYS A 12 2.20 0.51 4.57
C LYS A 12 2.56 -0.84 3.96
N LEU A 13 1.74 -1.85 4.22
CA LEU A 13 1.97 -3.20 3.75
C LEU A 13 2.05 -3.25 2.22
N MET A 14 1.19 -2.49 1.53
CA MET A 14 1.23 -2.41 0.08
C MET A 14 2.58 -1.86 -0.36
N GLY A 15 3.03 -0.74 0.18
CA GLY A 15 4.25 -0.11 -0.30
C GLY A 15 5.47 -0.98 -0.10
N LEU A 16 5.51 -1.84 0.92
CA LEU A 16 6.61 -2.79 1.10
C LEU A 16 6.69 -3.81 -0.04
N TRP A 17 5.56 -4.22 -0.60
CA TRP A 17 5.52 -5.03 -1.81
C TRP A 17 6.00 -4.17 -2.98
N VAL A 18 5.33 -3.04 -3.23
CA VAL A 18 5.56 -2.18 -4.39
C VAL A 18 7.04 -1.77 -4.51
N ALA A 19 7.62 -1.25 -3.43
CA ALA A 19 9.03 -0.92 -3.33
C ALA A 19 9.91 -2.07 -3.80
N GLU A 20 9.71 -3.26 -3.26
CA GLU A 20 10.50 -4.43 -3.64
C GLU A 20 10.31 -4.77 -5.12
N VAL A 21 9.08 -4.66 -5.65
CA VAL A 21 8.80 -4.83 -7.07
C VAL A 21 9.60 -3.82 -7.89
N LEU A 22 9.65 -2.54 -7.48
CA LEU A 22 10.44 -1.52 -8.16
C LEU A 22 11.94 -1.82 -8.16
N GLY A 23 12.44 -2.55 -7.16
CA GLY A 23 13.88 -2.70 -6.96
C GLY A 23 14.39 -1.81 -5.82
N LYS A 24 13.49 -1.17 -5.07
CA LYS A 24 13.86 -0.53 -3.82
C LYS A 24 14.23 -1.60 -2.81
N SER A 25 15.04 -1.19 -1.85
CA SER A 25 15.57 -2.04 -0.79
C SER A 25 16.06 -1.12 0.33
N GLY A 26 16.46 -1.68 1.48
CA GLY A 26 16.98 -0.90 2.59
C GLY A 26 15.98 0.17 3.03
N ASP A 27 16.49 1.37 3.33
CA ASP A 27 15.70 2.50 3.79
C ASP A 27 14.80 3.01 2.68
N GLU A 28 15.24 2.94 1.41
CA GLU A 28 14.51 3.34 0.23
C GLU A 28 13.09 2.79 0.23
N ALA A 29 12.95 1.49 0.50
CA ALA A 29 11.66 0.80 0.46
C ALA A 29 10.74 1.23 1.60
N ASN A 30 11.31 1.52 2.77
CA ASN A 30 10.56 1.87 3.97
C ASN A 30 10.09 3.31 3.87
N ALA A 31 10.91 4.18 3.28
CA ALA A 31 10.54 5.52 2.93
C ALA A 31 9.34 5.50 1.98
N TYR A 32 9.41 4.68 0.92
CA TYR A 32 8.31 4.59 -0.04
C TYR A 32 7.02 4.16 0.66
N ALA A 33 7.11 3.19 1.58
CA ALA A 33 5.95 2.71 2.31
C ALA A 33 5.32 3.78 3.23
N ALA A 34 5.90 4.97 3.37
CA ALA A 34 5.24 6.12 3.95
C ALA A 34 4.61 7.02 2.87
N GLU A 35 5.25 7.20 1.71
CA GLU A 35 4.71 7.98 0.60
C GLU A 35 3.37 7.44 0.14
N VAL A 36 3.28 6.12 -0.03
CA VAL A 36 2.06 5.44 -0.46
C VAL A 36 0.90 5.66 0.51
N VAL A 37 1.18 5.85 1.79
CA VAL A 37 0.17 6.14 2.80
C VAL A 37 -0.29 7.58 2.60
N LYS A 38 0.65 8.48 2.33
CA LYS A 38 0.40 9.88 2.07
C LYS A 38 -0.40 10.16 0.80
N ALA A 39 -0.80 9.16 0.02
CA ALA A 39 -1.67 9.31 -1.15
C ALA A 39 -2.99 8.56 -0.96
N ASP A 40 -3.38 8.27 0.28
CA ASP A 40 -4.71 7.73 0.60
C ASP A 40 -5.49 8.77 1.38
N PHE A 41 -5.90 9.82 0.66
CA PHE A 41 -6.75 10.91 1.13
C PHE A 41 -7.56 11.40 -0.08
N GLU A 42 -8.37 12.44 0.14
CA GLU A 42 -9.15 13.18 -0.83
C GLU A 42 -10.28 12.31 -1.37
N GLU A 43 -9.99 11.27 -2.15
CA GLU A 43 -10.93 10.18 -2.40
C GLU A 43 -11.07 9.31 -1.13
N ALA A 44 -12.10 8.46 -1.09
CA ALA A 44 -12.50 7.66 0.07
C ALA A 44 -12.65 6.19 -0.35
N GLY A 45 -11.92 5.79 -1.37
CA GLY A 45 -11.95 4.48 -1.97
C GLY A 45 -10.82 4.33 -2.95
N HIS A 46 -9.59 4.50 -2.46
CA HIS A 46 -8.33 4.07 -3.04
C HIS A 46 -8.01 4.57 -4.45
N GLU A 47 -8.83 5.43 -5.06
CA GLU A 47 -8.61 6.02 -6.37
C GLU A 47 -7.18 6.56 -6.49
N ASP A 48 -6.80 7.44 -5.55
CA ASP A 48 -5.55 8.17 -5.63
C ASP A 48 -4.37 7.26 -5.27
N VAL A 49 -4.59 6.32 -4.35
CA VAL A 49 -3.63 5.26 -4.03
C VAL A 49 -3.29 4.48 -5.29
N MET A 50 -4.33 4.02 -6.00
CA MET A 50 -4.18 3.26 -7.22
C MET A 50 -3.44 4.11 -8.25
N ARG A 51 -3.80 5.38 -8.42
CA ARG A 51 -3.13 6.26 -9.37
C ARG A 51 -1.66 6.43 -9.04
N LYS A 52 -1.35 6.72 -7.77
CA LYS A 52 0.00 6.88 -7.24
C LYS A 52 0.80 5.65 -7.58
N VAL A 53 0.38 4.48 -7.13
CA VAL A 53 1.15 3.25 -7.21
C VAL A 53 1.30 2.81 -8.66
N LEU A 54 0.26 3.02 -9.49
CA LEU A 54 0.24 2.61 -10.87
C LEU A 54 1.25 3.38 -11.68
N GLY A 55 1.22 4.72 -11.58
CA GLY A 55 2.13 5.57 -12.31
C GLY A 55 3.55 5.38 -11.80
N ASP A 56 3.74 5.17 -10.49
CA ASP A 56 5.07 5.00 -9.92
C ASP A 56 5.69 3.66 -10.32
N LEU A 57 4.89 2.64 -10.67
CA LEU A 57 5.40 1.34 -11.13
C LEU A 57 5.96 1.38 -12.54
N ASP A 58 5.56 2.34 -13.38
CA ASP A 58 5.92 2.46 -14.80
C ASP A 58 5.36 1.32 -15.67
N GLY A 59 4.56 0.41 -15.09
CA GLY A 59 4.13 -0.83 -15.73
C GLY A 59 5.05 -2.00 -15.38
N LYS A 60 5.80 -1.96 -14.27
CA LYS A 60 6.63 -3.08 -13.84
C LYS A 60 5.86 -4.36 -13.49
N ARG A 61 4.56 -4.25 -13.19
CA ARG A 61 3.60 -5.33 -12.98
C ARG A 61 2.27 -4.84 -13.54
N PRO A 62 1.37 -5.75 -13.93
CA PRO A 62 0.03 -5.40 -14.37
C PRO A 62 -0.80 -4.81 -13.26
N GLU A 63 -1.79 -4.01 -13.66
CA GLU A 63 -2.82 -3.51 -12.77
C GLU A 63 -3.53 -4.65 -12.04
N ALA A 64 -3.90 -5.75 -12.72
CA ALA A 64 -4.74 -6.76 -12.10
C ALA A 64 -4.06 -7.44 -10.89
N GLU A 65 -2.74 -7.66 -10.94
CA GLU A 65 -2.00 -8.10 -9.77
C GLU A 65 -1.99 -7.01 -8.70
N VAL A 66 -1.70 -5.76 -9.08
CA VAL A 66 -1.65 -4.61 -8.17
C VAL A 66 -2.96 -4.46 -7.40
N ARG A 67 -4.12 -4.49 -8.08
CA ARG A 67 -5.43 -4.36 -7.42
C ARG A 67 -5.52 -5.49 -6.42
N ALA A 68 -5.44 -6.73 -6.88
CA ALA A 68 -5.66 -7.90 -6.04
C ALA A 68 -4.76 -7.90 -4.80
N LYS A 69 -3.48 -7.55 -4.98
CA LYS A 69 -2.50 -7.44 -3.90
C LYS A 69 -3.05 -6.54 -2.80
N TYR A 70 -3.46 -5.33 -3.18
CA TYR A 70 -3.98 -4.31 -2.29
C TYR A 70 -5.33 -4.75 -1.69
N GLU A 71 -6.28 -5.16 -2.53
CA GLU A 71 -7.64 -5.53 -2.18
C GLU A 71 -7.66 -6.65 -1.14
N GLY A 72 -6.70 -7.58 -1.18
CA GLY A 72 -6.59 -8.70 -0.27
C GLY A 72 -5.85 -8.37 1.04
N LEU A 73 -5.26 -7.17 1.14
CA LEU A 73 -4.35 -6.80 2.21
C LEU A 73 -5.11 -6.38 3.46
N MET A 74 -6.39 -6.03 3.39
CA MET A 74 -7.16 -5.55 4.54
C MET A 74 -7.06 -6.56 5.68
N ALA A 75 -7.24 -7.83 5.36
CA ALA A 75 -7.12 -8.90 6.34
C ALA A 75 -5.72 -8.94 6.97
N VAL A 76 -4.66 -8.76 6.17
CA VAL A 76 -3.28 -8.76 6.70
C VAL A 76 -3.09 -7.51 7.57
N ALA A 77 -3.57 -6.36 7.08
CA ALA A 77 -3.40 -5.06 7.67
C ALA A 77 -3.97 -5.05 9.07
N LYS A 78 -5.23 -5.50 9.19
CA LYS A 78 -5.94 -5.62 10.45
C LYS A 78 -5.22 -6.57 11.39
N ALA A 79 -4.84 -7.77 10.91
CA ALA A 79 -4.21 -8.79 11.72
C ALA A 79 -2.93 -8.26 12.37
N GLN A 80 -2.11 -7.49 11.63
CA GLN A 80 -0.92 -6.90 12.23
C GLN A 80 -1.28 -5.79 13.21
N LEU A 81 -2.30 -4.96 12.97
CA LEU A 81 -2.55 -3.76 13.78
C LEU A 81 -3.11 -4.15 15.15
N MET A 82 -3.92 -5.20 15.18
CA MET A 82 -4.49 -5.76 16.41
C MET A 82 -3.44 -6.51 17.24
N ASP A 83 -2.24 -6.71 16.69
CA ASP A 83 -1.15 -7.48 17.25
C ASP A 83 0.02 -6.56 17.60
N GLU A 84 0.23 -5.51 16.82
CA GLU A 84 1.23 -4.45 17.01
C GLU A 84 0.66 -3.24 17.74
N LEU A 85 -0.41 -3.45 18.49
CA LEU A 85 -0.95 -2.56 19.51
C LEU A 85 0.00 -2.33 20.68
#